data_2RUK
#
_entry.id   2RUK
#
loop_
_entity.id
_entity.type
_entity.pdbx_description
1 polymer 'Cellular tumor antigen p53'
2 polymer 'General transcription factor IIH subunit 1'
#
loop_
_entity_poly.entity_id
_entity_poly.type
_entity_poly.pdbx_seq_one_letter_code
_entity_poly.pdbx_strand_id
1 'polypeptide(L)' DDLML(SEP)PDDIEQWF(TPO)EDPGPDE A
2 'polypeptide(L)'
;GSMATSSEEVLLIVKKVRQKKQDGALYLMAERIAWAPEGKDRFTISHMYADIKCQKISPEGKAKIQLQLVLHAGDTTNFH
FSNESTAVKERDAVKDLLQQLLPKFKRKAN
;
B
#
# COMPACT_ATOMS: atom_id res chain seq x y z
N ASP A 1 19.90 0.74 3.19
CA ASP A 1 19.92 1.19 1.77
C ASP A 1 20.92 2.32 1.62
N ASP A 2 20.73 3.14 0.59
CA ASP A 2 21.61 4.28 0.34
C ASP A 2 21.26 5.39 1.32
N LEU A 3 19.96 5.60 1.50
CA LEU A 3 19.46 6.60 2.42
C LEU A 3 18.63 5.93 3.50
N MET A 4 17.76 6.68 4.16
CA MET A 4 16.92 6.14 5.21
C MET A 4 15.60 5.66 4.63
N LEU A 5 15.68 4.60 3.85
CA LEU A 5 14.49 4.03 3.22
C LEU A 5 13.76 3.13 4.22
N PRO A 7 13.63 -0.19 4.57
CA PRO A 7 14.44 -1.26 5.16
C PRO A 7 15.44 -0.76 6.21
N ASP A 8 15.10 0.34 6.86
CA ASP A 8 15.93 0.92 7.92
C ASP A 8 15.70 0.10 9.17
N ASP A 9 14.54 -0.53 9.17
CA ASP A 9 14.05 -1.37 10.25
C ASP A 9 12.73 -1.93 9.80
N ILE A 10 12.78 -2.84 8.83
CA ILE A 10 11.58 -3.39 8.27
C ILE A 10 11.87 -4.62 7.42
N GLU A 11 11.18 -5.68 7.81
CA GLU A 11 11.13 -7.00 7.15
C GLU A 11 10.74 -8.03 8.19
N GLN A 12 9.70 -7.64 8.91
CA GLN A 12 9.07 -8.42 9.96
C GLN A 12 7.60 -8.37 9.70
N TRP A 13 7.25 -8.97 8.60
CA TRP A 13 5.92 -8.97 8.14
C TRP A 13 5.30 -10.36 8.29
N PHE A 14 4.10 -10.50 7.82
CA PHE A 14 3.39 -11.77 7.88
C PHE A 14 3.06 -12.20 6.48
N GLU A 16 1.20 -11.67 3.91
CA GLU A 16 -0.15 -12.14 3.59
C GLU A 16 -0.22 -13.05 2.37
N ASP A 17 0.45 -12.68 1.28
CA ASP A 17 0.43 -13.50 0.06
C ASP A 17 1.84 -13.76 -0.48
N PRO A 18 2.54 -14.78 0.07
CA PRO A 18 3.87 -15.15 -0.36
C PRO A 18 3.90 -16.49 -1.08
N GLY A 19 2.83 -16.82 -1.78
CA GLY A 19 2.78 -18.10 -2.46
C GLY A 19 2.25 -18.01 -3.87
N PRO A 20 0.92 -17.90 -4.04
CA PRO A 20 0.29 -17.82 -5.37
C PRO A 20 0.90 -16.73 -6.23
N ASP A 21 1.10 -17.05 -7.50
CA ASP A 21 1.68 -16.11 -8.46
C ASP A 21 0.90 -16.17 -9.77
N GLU A 22 -0.25 -16.83 -9.71
CA GLU A 22 -1.12 -16.98 -10.87
C GLU A 22 -1.61 -15.61 -11.35
N MET B 3 -8.59 5.99 -16.43
CA MET B 3 -7.25 5.82 -15.83
C MET B 3 -6.46 7.11 -15.97
N ALA B 4 -5.42 7.25 -15.14
CA ALA B 4 -4.54 8.43 -15.14
C ALA B 4 -5.25 9.65 -14.55
N THR B 5 -6.29 10.12 -15.22
CA THR B 5 -7.04 11.27 -14.75
C THR B 5 -7.95 10.89 -13.59
N SER B 6 -8.53 11.89 -12.94
CA SER B 6 -9.44 11.66 -11.82
C SER B 6 -10.81 11.26 -12.35
N SER B 7 -10.86 10.16 -13.09
CA SER B 7 -12.11 9.68 -13.66
C SER B 7 -12.49 8.34 -13.03
N GLU B 8 -11.80 8.03 -11.96
CA GLU B 8 -12.02 6.79 -11.22
C GLU B 8 -12.45 7.10 -9.79
N GLU B 9 -13.23 6.21 -9.22
CA GLU B 9 -13.70 6.39 -7.85
C GLU B 9 -12.65 5.96 -6.85
N VAL B 10 -12.67 6.59 -5.69
CA VAL B 10 -11.74 6.27 -4.62
C VAL B 10 -12.36 5.22 -3.72
N LEU B 11 -11.63 4.15 -3.48
CA LEU B 11 -12.10 3.06 -2.66
C LEU B 11 -11.81 3.32 -1.20
N LEU B 12 -10.64 3.86 -0.93
CA LEU B 12 -10.24 4.13 0.43
C LEU B 12 -9.31 5.32 0.50
N ILE B 13 -9.53 6.17 1.48
CA ILE B 13 -8.68 7.31 1.70
C ILE B 13 -8.03 7.20 3.07
N VAL B 14 -6.74 6.91 3.08
CA VAL B 14 -5.99 6.79 4.31
C VAL B 14 -5.19 8.06 4.49
N LYS B 15 -5.04 8.51 5.72
CA LYS B 15 -4.33 9.76 5.98
C LYS B 15 -3.09 9.54 6.84
N LYS B 16 -2.23 10.57 6.85
CA LYS B 16 -0.98 10.54 7.58
C LYS B 16 -0.20 9.25 7.33
N VAL B 17 -0.21 8.82 6.07
CA VAL B 17 0.52 7.62 5.66
C VAL B 17 1.89 8.02 5.17
N ARG B 18 2.92 7.61 5.89
CA ARG B 18 4.28 7.94 5.53
C ARG B 18 4.90 6.88 4.64
N GLN B 19 5.23 7.29 3.43
CA GLN B 19 5.86 6.41 2.47
C GLN B 19 7.22 6.99 2.14
N LYS B 20 8.28 6.31 2.56
CA LYS B 20 9.65 6.75 2.35
C LYS B 20 9.95 7.93 3.28
N LYS B 21 9.49 7.78 4.52
CA LYS B 21 9.70 8.76 5.59
C LYS B 21 9.03 10.11 5.33
N GLN B 22 8.02 10.14 4.48
CA GLN B 22 7.31 11.39 4.21
C GLN B 22 5.83 11.17 4.41
N ASP B 23 5.22 12.01 5.23
CA ASP B 23 3.80 11.90 5.53
C ASP B 23 2.90 12.37 4.41
N GLY B 24 1.95 11.53 4.10
CA GLY B 24 1.00 11.81 3.06
C GLY B 24 -0.31 11.10 3.28
N ALA B 25 -0.91 10.64 2.20
CA ALA B 25 -2.18 9.96 2.26
C ALA B 25 -2.19 8.81 1.28
N LEU B 26 -2.77 7.70 1.69
CA LEU B 26 -2.82 6.52 0.85
C LEU B 26 -4.22 6.42 0.24
N TYR B 27 -4.28 6.52 -1.07
CA TYR B 27 -5.55 6.47 -1.79
C TYR B 27 -5.73 5.18 -2.56
N LEU B 28 -6.76 4.42 -2.21
CA LEU B 28 -7.07 3.19 -2.91
C LEU B 28 -8.03 3.49 -4.04
N MET B 29 -7.75 3.02 -5.23
CA MET B 29 -8.62 3.26 -6.37
C MET B 29 -9.16 1.95 -6.93
N ALA B 30 -10.19 2.07 -7.76
CA ALA B 30 -10.89 0.93 -8.35
C ALA B 30 -9.95 -0.17 -8.87
N GLU B 31 -8.99 0.19 -9.70
CA GLU B 31 -8.08 -0.78 -10.27
C GLU B 31 -6.63 -0.56 -9.88
N ARG B 32 -6.38 0.37 -8.96
CA ARG B 32 -4.99 0.64 -8.58
C ARG B 32 -4.88 1.32 -7.23
N ILE B 33 -3.67 1.34 -6.71
CA ILE B 33 -3.37 1.99 -5.44
C ILE B 33 -2.44 3.17 -5.71
N ALA B 34 -2.71 4.30 -5.08
CA ALA B 34 -1.89 5.48 -5.28
C ALA B 34 -1.59 6.18 -3.96
N TRP B 35 -0.55 7.00 -3.97
CA TRP B 35 -0.15 7.72 -2.78
C TRP B 35 0.20 9.18 -3.13
N ALA B 36 -0.16 10.08 -2.24
CA ALA B 36 0.09 11.51 -2.42
C ALA B 36 0.38 12.14 -1.06
N PRO B 37 1.41 13.01 -0.97
CA PRO B 37 1.76 13.66 0.31
C PRO B 37 0.57 14.40 0.91
N GLU B 38 0.62 14.61 2.22
CA GLU B 38 -0.47 15.25 2.95
C GLU B 38 -0.71 16.67 2.45
N GLY B 39 -1.95 16.95 2.11
CA GLY B 39 -2.32 18.26 1.61
C GLY B 39 -2.04 18.44 0.13
N LYS B 40 -1.78 17.34 -0.57
CA LYS B 40 -1.51 17.43 -1.99
C LYS B 40 -2.62 16.76 -2.81
N ASP B 41 -2.69 17.19 -4.07
CA ASP B 41 -3.68 16.74 -5.02
C ASP B 41 -3.06 15.88 -6.11
N ARG B 42 -1.73 15.90 -6.19
CA ARG B 42 -1.03 15.15 -7.21
C ARG B 42 -0.37 13.92 -6.63
N PHE B 43 -0.88 12.76 -7.01
CA PHE B 43 -0.36 11.48 -6.55
C PHE B 43 1.06 11.27 -7.09
N THR B 44 1.95 10.85 -6.23
CA THR B 44 3.34 10.61 -6.61
C THR B 44 3.58 9.16 -6.98
N ILE B 45 2.85 8.27 -6.33
CA ILE B 45 2.99 6.84 -6.58
C ILE B 45 1.66 6.22 -7.02
N SER B 46 1.72 5.34 -8.01
CA SER B 46 0.54 4.65 -8.52
C SER B 46 0.93 3.25 -8.97
N HIS B 47 0.19 2.24 -8.53
CA HIS B 47 0.48 0.86 -8.88
C HIS B 47 -0.83 0.13 -9.08
N MET B 48 -0.99 -0.51 -10.21
CA MET B 48 -2.20 -1.25 -10.46
C MET B 48 -2.13 -2.55 -9.70
N TYR B 49 -3.27 -3.02 -9.24
CA TYR B 49 -3.34 -4.28 -8.49
C TYR B 49 -2.81 -5.46 -9.32
N ALA B 50 -2.63 -5.24 -10.61
CA ALA B 50 -2.12 -6.27 -11.51
C ALA B 50 -0.60 -6.21 -11.58
N ASP B 51 -0.03 -5.16 -10.99
CA ASP B 51 1.42 -4.97 -10.96
C ASP B 51 1.97 -5.47 -9.63
N ILE B 52 1.06 -5.87 -8.76
CA ILE B 52 1.40 -6.35 -7.45
C ILE B 52 1.51 -7.87 -7.45
N LYS B 53 2.67 -8.37 -7.04
CA LYS B 53 2.92 -9.80 -7.00
C LYS B 53 2.52 -10.37 -5.64
N CYS B 54 2.96 -9.73 -4.57
CA CYS B 54 2.66 -10.19 -3.22
C CYS B 54 2.39 -9.02 -2.29
N GLN B 55 1.86 -9.27 -1.11
CA GLN B 55 1.58 -8.22 -0.15
C GLN B 55 1.93 -8.69 1.25
N LYS B 56 2.64 -7.84 1.98
CA LYS B 56 3.00 -8.16 3.34
C LYS B 56 2.36 -7.16 4.27
N ILE B 57 2.32 -7.48 5.55
CA ILE B 57 1.75 -6.56 6.53
C ILE B 57 2.58 -6.50 7.83
N SER B 58 3.11 -5.31 8.15
CA SER B 58 3.91 -5.12 9.37
C SER B 58 3.02 -4.92 10.58
N PRO B 59 3.20 -5.81 11.57
CA PRO B 59 2.41 -5.83 12.81
C PRO B 59 2.67 -4.63 13.72
N GLU B 60 1.87 -4.54 14.77
CA GLU B 60 2.01 -3.50 15.76
C GLU B 60 3.14 -3.88 16.72
N GLY B 61 3.73 -2.89 17.36
CA GLY B 61 4.82 -3.13 18.27
C GLY B 61 5.97 -2.21 17.97
N LYS B 62 6.07 -1.85 16.71
CA LYS B 62 7.10 -0.93 16.25
C LYS B 62 6.61 0.49 16.47
N ALA B 63 7.48 1.45 16.22
CA ALA B 63 7.12 2.85 16.33
C ALA B 63 6.54 3.29 14.99
N LYS B 64 6.33 2.30 14.13
CA LYS B 64 5.81 2.50 12.80
C LYS B 64 5.08 1.22 12.33
N ILE B 65 3.85 1.39 11.88
CA ILE B 65 3.02 0.27 11.39
C ILE B 65 3.08 0.26 9.87
N GLN B 66 3.19 -0.90 9.21
CA GLN B 66 3.31 -0.86 7.75
C GLN B 66 2.50 -1.92 7.00
N LEU B 67 2.36 -1.65 5.71
CA LEU B 67 1.69 -2.51 4.75
C LEU B 67 2.48 -2.40 3.44
N GLN B 68 3.02 -3.48 2.91
CA GLN B 68 3.83 -3.36 1.69
C GLN B 68 3.37 -4.26 0.57
N LEU B 69 3.62 -3.80 -0.64
CA LEU B 69 3.27 -4.53 -1.83
C LEU B 69 4.52 -4.88 -2.61
N VAL B 70 4.71 -6.17 -2.81
CA VAL B 70 5.85 -6.68 -3.56
C VAL B 70 5.43 -6.83 -5.00
N LEU B 71 5.99 -6.04 -5.89
CA LEU B 71 5.62 -6.09 -7.29
C LEU B 71 6.37 -7.19 -8.01
N HIS B 72 5.80 -7.68 -9.11
CA HIS B 72 6.43 -8.74 -9.91
C HIS B 72 7.78 -8.31 -10.44
N ALA B 73 7.99 -7.00 -10.54
CA ALA B 73 9.24 -6.45 -11.04
C ALA B 73 10.36 -6.56 -10.01
N GLY B 74 10.02 -6.96 -8.79
CA GLY B 74 11.01 -7.10 -7.76
C GLY B 74 11.04 -5.91 -6.81
N ASP B 75 10.31 -4.86 -7.19
CA ASP B 75 10.24 -3.66 -6.37
C ASP B 75 9.23 -3.86 -5.25
N THR B 76 9.44 -3.14 -4.15
CA THR B 76 8.55 -3.26 -3.00
C THR B 76 8.14 -1.88 -2.46
N THR B 77 6.86 -1.70 -2.23
CA THR B 77 6.35 -0.45 -1.71
C THR B 77 5.76 -0.65 -0.32
N ASN B 78 6.53 -0.30 0.72
CA ASN B 78 6.04 -0.45 2.10
C ASN B 78 5.39 0.85 2.53
N PHE B 79 4.16 0.74 3.01
CA PHE B 79 3.37 1.89 3.44
C PHE B 79 3.28 1.96 4.96
N HIS B 80 3.81 3.04 5.52
CA HIS B 80 3.80 3.23 6.97
C HIS B 80 2.60 4.08 7.39
N PHE B 81 1.70 3.47 8.16
CA PHE B 81 0.53 4.18 8.66
C PHE B 81 0.93 4.91 9.93
N SER B 82 1.24 6.19 9.80
CA SER B 82 1.68 6.97 10.95
C SER B 82 0.54 7.77 11.57
N ASN B 83 -0.69 7.35 11.34
CA ASN B 83 -1.83 8.03 11.93
C ASN B 83 -2.19 7.37 13.24
N GLU B 84 -1.77 7.96 14.33
CA GLU B 84 -1.99 7.43 15.68
C GLU B 84 -3.46 7.06 15.95
N SER B 85 -4.37 7.75 15.28
CA SER B 85 -5.79 7.51 15.48
C SER B 85 -6.38 6.42 14.59
N THR B 86 -5.85 6.22 13.38
CA THR B 86 -6.44 5.24 12.47
C THR B 86 -5.45 4.27 11.82
N ALA B 87 -4.18 4.34 12.21
CA ALA B 87 -3.14 3.50 11.60
C ALA B 87 -3.53 2.03 11.54
N VAL B 88 -3.66 1.41 12.70
CA VAL B 88 -4.00 0.00 12.80
C VAL B 88 -5.30 -0.32 12.06
N LYS B 89 -6.33 0.47 12.32
CA LYS B 89 -7.64 0.26 11.71
C LYS B 89 -7.61 0.38 10.19
N GLU B 90 -6.88 1.36 9.66
CA GLU B 90 -6.82 1.55 8.23
C GLU B 90 -5.83 0.57 7.61
N ARG B 91 -4.89 0.09 8.41
CA ARG B 91 -3.91 -0.88 7.94
C ARG B 91 -4.64 -2.15 7.51
N ASP B 92 -5.64 -2.53 8.31
CA ASP B 92 -6.44 -3.70 8.01
C ASP B 92 -7.41 -3.42 6.86
N ALA B 93 -7.98 -2.22 6.84
CA ALA B 93 -8.94 -1.84 5.81
C ALA B 93 -8.32 -1.88 4.42
N VAL B 94 -7.06 -1.47 4.33
CA VAL B 94 -6.35 -1.46 3.07
C VAL B 94 -5.99 -2.88 2.68
N LYS B 95 -5.46 -3.63 3.64
CA LYS B 95 -5.09 -5.03 3.43
C LYS B 95 -6.30 -5.79 2.90
N ASP B 96 -7.42 -5.61 3.59
CA ASP B 96 -8.68 -6.23 3.24
C ASP B 96 -9.07 -5.92 1.80
N LEU B 97 -9.11 -4.65 1.45
CA LEU B 97 -9.47 -4.24 0.10
C LEU B 97 -8.49 -4.81 -0.91
N LEU B 98 -7.20 -4.76 -0.57
CA LEU B 98 -6.16 -5.26 -1.47
C LEU B 98 -6.27 -6.75 -1.71
N GLN B 99 -6.33 -7.53 -0.64
CA GLN B 99 -6.41 -8.99 -0.75
C GLN B 99 -7.70 -9.41 -1.45
N GLN B 100 -8.72 -8.56 -1.41
CA GLN B 100 -9.97 -8.83 -2.06
C GLN B 100 -9.95 -8.44 -3.53
N LEU B 101 -9.19 -7.40 -3.85
CA LEU B 101 -9.08 -6.90 -5.22
C LEU B 101 -8.00 -7.63 -6.01
N LEU B 102 -6.94 -8.05 -5.33
CA LEU B 102 -5.82 -8.74 -5.98
C LEU B 102 -6.25 -9.90 -6.88
N PRO B 103 -7.02 -10.89 -6.38
CA PRO B 103 -7.46 -12.04 -7.20
C PRO B 103 -8.28 -11.64 -8.44
N LYS B 104 -8.73 -10.39 -8.48
CA LYS B 104 -9.51 -9.91 -9.61
C LYS B 104 -8.62 -9.37 -10.72
N PHE B 105 -7.45 -8.85 -10.35
CA PHE B 105 -6.51 -8.28 -11.32
C PHE B 105 -5.28 -9.16 -11.49
N LYS B 106 -4.84 -9.79 -10.43
CA LYS B 106 -3.67 -10.66 -10.46
C LYS B 106 -4.04 -12.00 -11.07
N ARG B 107 -3.65 -12.19 -12.32
CA ARG B 107 -3.92 -13.44 -13.04
C ARG B 107 -3.30 -13.36 -14.44
N LYS B 108 -2.05 -13.77 -14.55
CA LYS B 108 -1.33 -13.74 -15.82
C LYS B 108 -0.09 -14.63 -15.78
N ALA B 109 -0.02 -15.50 -14.77
CA ALA B 109 1.11 -16.41 -14.60
C ALA B 109 2.39 -15.63 -14.31
N ASN B 110 2.24 -14.54 -13.59
CA ASN B 110 3.35 -13.67 -13.22
C ASN B 110 2.91 -12.68 -12.17
N ASP A 1 21.11 10.56 10.37
CA ASP A 1 19.71 10.06 10.32
C ASP A 1 19.17 10.08 8.90
N ASP A 2 20.05 10.46 7.99
CA ASP A 2 19.74 10.54 6.57
C ASP A 2 19.40 9.15 6.03
N LEU A 3 20.34 8.23 6.18
CA LEU A 3 20.14 6.86 5.74
C LEU A 3 19.20 6.12 6.69
N MET A 4 17.90 6.29 6.46
CA MET A 4 16.88 5.66 7.28
C MET A 4 15.62 5.47 6.46
N LEU A 5 15.48 4.32 5.84
CA LEU A 5 14.32 4.02 5.02
C LEU A 5 13.39 3.05 5.73
N PRO A 7 11.47 0.55 4.43
CA PRO A 7 11.68 -0.85 4.01
C PRO A 7 13.12 -1.31 4.20
N ASP A 8 13.81 -0.64 5.11
CA ASP A 8 15.19 -0.97 5.43
C ASP A 8 15.23 -1.61 6.81
N ASP A 9 14.62 -0.93 7.77
CA ASP A 9 14.53 -1.43 9.14
C ASP A 9 13.25 -2.20 9.30
N ILE A 10 12.75 -2.71 8.20
CA ILE A 10 11.49 -3.38 8.24
C ILE A 10 11.36 -4.49 7.20
N GLU A 11 11.41 -5.69 7.73
CA GLU A 11 11.17 -6.89 6.96
C GLU A 11 10.58 -7.95 7.90
N GLN A 12 9.93 -7.43 8.92
CA GLN A 12 9.21 -8.22 9.90
C GLN A 12 7.76 -8.11 9.53
N TRP A 13 7.38 -8.98 8.63
CA TRP A 13 6.06 -8.96 8.11
C TRP A 13 5.41 -10.31 8.15
N PHE A 14 4.17 -10.29 7.75
CA PHE A 14 3.37 -11.47 7.59
C PHE A 14 2.97 -11.42 6.15
N GLU A 16 1.12 -12.00 3.74
CA GLU A 16 -0.22 -12.46 3.42
C GLU A 16 -0.26 -13.18 2.07
N ASP A 17 0.42 -12.61 1.10
CA ASP A 17 0.47 -13.18 -0.22
C ASP A 17 1.91 -13.52 -0.60
N PRO A 18 2.19 -14.78 -0.97
CA PRO A 18 3.51 -15.23 -1.35
C PRO A 18 3.71 -15.29 -2.86
N GLY A 19 2.66 -15.02 -3.58
CA GLY A 19 2.69 -15.06 -5.02
C GLY A 19 1.48 -15.76 -5.60
N PRO A 20 1.61 -16.30 -6.82
CA PRO A 20 0.52 -17.00 -7.49
C PRO A 20 0.53 -18.48 -7.11
N ASP A 21 0.23 -18.75 -5.85
CA ASP A 21 0.22 -20.12 -5.34
C ASP A 21 -1.19 -20.71 -5.41
N GLU A 22 -2.10 -19.95 -5.99
CA GLU A 22 -3.48 -20.39 -6.13
C GLU A 22 -3.65 -21.20 -7.41
N MET B 3 -2.96 13.24 -20.71
CA MET B 3 -1.78 12.37 -20.48
C MET B 3 -2.23 10.93 -20.24
N ALA B 4 -2.52 10.59 -18.99
CA ALA B 4 -2.97 9.24 -18.66
C ALA B 4 -4.49 9.21 -18.55
N THR B 5 -5.12 8.54 -19.48
CA THR B 5 -6.57 8.42 -19.48
C THR B 5 -7.02 7.34 -18.52
N SER B 6 -7.57 7.75 -17.39
CA SER B 6 -8.05 6.83 -16.37
C SER B 6 -9.26 7.41 -15.66
N SER B 7 -10.14 6.56 -15.17
CA SER B 7 -11.34 6.99 -14.48
C SER B 7 -11.82 5.93 -13.50
N GLU B 8 -11.23 5.91 -12.32
CA GLU B 8 -11.60 4.94 -11.30
C GLU B 8 -12.20 5.66 -10.09
N GLU B 9 -12.68 4.88 -9.13
CA GLU B 9 -13.29 5.42 -7.94
C GLU B 9 -12.36 5.21 -6.74
N VAL B 10 -12.45 6.11 -5.77
CA VAL B 10 -11.64 6.01 -4.57
C VAL B 10 -12.39 5.17 -3.54
N LEU B 11 -11.82 4.01 -3.24
CA LEU B 11 -12.42 3.07 -2.32
C LEU B 11 -12.09 3.43 -0.88
N LEU B 12 -10.85 3.83 -0.64
CA LEU B 12 -10.46 4.16 0.72
C LEU B 12 -9.52 5.35 0.75
N ILE B 13 -9.87 6.32 1.56
CA ILE B 13 -9.03 7.49 1.75
C ILE B 13 -8.46 7.46 3.17
N VAL B 14 -7.17 7.16 3.27
CA VAL B 14 -6.51 7.09 4.57
C VAL B 14 -5.45 8.17 4.66
N LYS B 15 -5.65 9.14 5.54
CA LYS B 15 -4.68 10.21 5.69
C LYS B 15 -3.66 9.88 6.77
N LYS B 16 -2.63 10.72 6.88
CA LYS B 16 -1.55 10.57 7.83
C LYS B 16 -0.73 9.30 7.55
N VAL B 17 -0.59 8.99 6.27
CA VAL B 17 0.20 7.82 5.86
C VAL B 17 1.52 8.32 5.28
N ARG B 18 2.62 7.86 5.85
CA ARG B 18 3.93 8.29 5.41
C ARG B 18 4.55 7.31 4.45
N GLN B 19 5.25 7.86 3.48
CA GLN B 19 5.95 7.09 2.48
C GLN B 19 7.26 7.80 2.16
N LYS B 20 8.34 7.24 2.67
CA LYS B 20 9.68 7.79 2.49
C LYS B 20 9.89 9.04 3.33
N LYS B 21 9.62 8.90 4.62
CA LYS B 21 9.81 9.96 5.62
C LYS B 21 8.98 11.22 5.31
N GLN B 22 7.80 11.03 4.75
CA GLN B 22 6.93 12.17 4.45
C GLN B 22 5.48 11.74 4.60
N ASP B 23 4.71 12.52 5.36
CA ASP B 23 3.32 12.21 5.60
C ASP B 23 2.40 12.75 4.52
N GLY B 24 1.49 11.89 4.11
CA GLY B 24 0.50 12.21 3.11
C GLY B 24 -0.77 11.44 3.32
N ALA B 25 -1.18 10.69 2.31
CA ALA B 25 -2.39 9.92 2.41
C ALA B 25 -2.38 8.75 1.43
N LEU B 26 -2.94 7.64 1.86
CA LEU B 26 -3.00 6.45 1.06
C LEU B 26 -4.41 6.34 0.48
N TYR B 27 -4.50 6.34 -0.84
CA TYR B 27 -5.77 6.26 -1.53
C TYR B 27 -5.94 4.94 -2.28
N LEU B 28 -6.98 4.20 -1.94
CA LEU B 28 -7.26 2.93 -2.59
C LEU B 28 -8.25 3.15 -3.72
N MET B 29 -7.99 2.55 -4.87
CA MET B 29 -8.89 2.68 -6.01
C MET B 29 -9.28 1.31 -6.53
N ALA B 30 -10.41 1.27 -7.22
CA ALA B 30 -10.97 0.03 -7.77
C ALA B 30 -9.95 -0.82 -8.55
N GLU B 31 -9.16 -0.18 -9.40
CA GLU B 31 -8.21 -0.90 -10.21
C GLU B 31 -6.76 -0.75 -9.74
N ARG B 32 -6.51 0.14 -8.79
CA ARG B 32 -5.13 0.35 -8.36
C ARG B 32 -5.02 1.05 -7.01
N ILE B 33 -3.80 1.13 -6.53
CA ILE B 33 -3.50 1.80 -5.26
C ILE B 33 -2.63 3.01 -5.55
N ALA B 34 -2.83 4.10 -4.83
CA ALA B 34 -2.06 5.30 -5.04
C ALA B 34 -1.77 6.02 -3.73
N TRP B 35 -0.72 6.83 -3.73
CA TRP B 35 -0.34 7.58 -2.55
C TRP B 35 0.03 9.01 -2.95
N ALA B 36 -0.30 9.97 -2.10
CA ALA B 36 -0.01 11.37 -2.35
C ALA B 36 0.30 12.09 -1.05
N PRO B 37 1.37 12.91 -1.03
CA PRO B 37 1.74 13.67 0.16
C PRO B 37 0.64 14.63 0.59
N GLU B 38 0.65 15.02 1.85
CA GLU B 38 -0.38 15.91 2.36
C GLU B 38 -0.24 17.30 1.77
N GLY B 39 -1.39 17.89 1.44
CA GLY B 39 -1.39 19.22 0.86
C GLY B 39 -0.95 19.20 -0.59
N LYS B 40 -1.03 18.04 -1.22
CA LYS B 40 -0.64 17.92 -2.60
C LYS B 40 -1.88 17.87 -3.51
N ASP B 41 -1.62 17.70 -4.79
CA ASP B 41 -2.66 17.67 -5.81
C ASP B 41 -2.57 16.38 -6.62
N ARG B 42 -1.36 16.04 -7.02
CA ARG B 42 -1.12 14.85 -7.82
C ARG B 42 -0.48 13.75 -6.99
N PHE B 43 -0.83 12.51 -7.30
CA PHE B 43 -0.30 11.35 -6.60
C PHE B 43 1.15 11.12 -7.00
N THR B 44 1.96 10.65 -6.07
CA THR B 44 3.36 10.38 -6.33
C THR B 44 3.58 8.91 -6.64
N ILE B 45 2.73 8.07 -6.08
CA ILE B 45 2.83 6.62 -6.27
C ILE B 45 1.52 6.06 -6.80
N SER B 46 1.62 5.18 -7.79
CA SER B 46 0.47 4.52 -8.38
C SER B 46 0.88 3.12 -8.82
N HIS B 47 0.13 2.11 -8.39
CA HIS B 47 0.44 0.73 -8.72
C HIS B 47 -0.83 -0.03 -9.00
N MET B 48 -0.92 -0.60 -10.18
CA MET B 48 -2.07 -1.38 -10.54
C MET B 48 -2.00 -2.71 -9.83
N TYR B 49 -3.12 -3.22 -9.35
CA TYR B 49 -3.14 -4.50 -8.64
C TYR B 49 -2.59 -5.65 -9.50
N ALA B 50 -2.49 -5.43 -10.81
CA ALA B 50 -1.96 -6.44 -11.71
C ALA B 50 -0.43 -6.44 -11.68
N ASP B 51 0.15 -5.32 -11.29
CA ASP B 51 1.60 -5.17 -11.20
C ASP B 51 2.06 -5.57 -9.81
N ILE B 52 1.09 -5.77 -8.93
CA ILE B 52 1.36 -6.18 -7.57
C ILE B 52 1.28 -7.70 -7.49
N LYS B 53 2.40 -8.30 -7.14
CA LYS B 53 2.49 -9.75 -7.04
C LYS B 53 2.05 -10.25 -5.67
N CYS B 54 2.44 -9.55 -4.61
CA CYS B 54 2.08 -9.97 -3.25
C CYS B 54 1.90 -8.79 -2.30
N GLN B 55 1.57 -9.09 -1.05
CA GLN B 55 1.40 -8.07 -0.04
C GLN B 55 1.76 -8.62 1.33
N LYS B 56 2.50 -7.83 2.09
CA LYS B 56 2.87 -8.21 3.43
C LYS B 56 2.24 -7.22 4.38
N ILE B 57 2.23 -7.57 5.64
CA ILE B 57 1.68 -6.65 6.65
C ILE B 57 2.55 -6.59 7.91
N SER B 58 3.07 -5.40 8.21
CA SER B 58 3.90 -5.20 9.40
C SER B 58 3.06 -5.04 10.64
N PRO B 59 3.27 -5.95 11.61
CA PRO B 59 2.52 -6.01 12.87
C PRO B 59 2.67 -4.78 13.75
N GLU B 60 1.86 -4.73 14.79
CA GLU B 60 1.90 -3.67 15.77
C GLU B 60 2.95 -3.99 16.83
N GLY B 61 3.64 -2.97 17.31
CA GLY B 61 4.67 -3.18 18.32
C GLY B 61 5.85 -2.29 18.08
N LYS B 62 6.14 -2.04 16.81
CA LYS B 62 7.25 -1.17 16.44
C LYS B 62 6.80 0.28 16.57
N ALA B 63 7.71 1.21 16.31
CA ALA B 63 7.38 2.63 16.40
C ALA B 63 6.54 3.08 15.21
N LYS B 64 6.21 2.12 14.34
CA LYS B 64 5.41 2.39 13.17
C LYS B 64 4.79 1.10 12.63
N ILE B 65 3.57 1.21 12.11
CA ILE B 65 2.84 0.08 11.54
C ILE B 65 2.93 0.16 10.02
N GLN B 66 3.07 -0.97 9.32
CA GLN B 66 3.22 -0.88 7.85
C GLN B 66 2.45 -1.92 7.06
N LEU B 67 2.31 -1.62 5.79
CA LEU B 67 1.66 -2.48 4.81
C LEU B 67 2.46 -2.38 3.50
N GLN B 68 2.97 -3.48 2.99
CA GLN B 68 3.78 -3.39 1.78
C GLN B 68 3.31 -4.31 0.67
N LEU B 69 3.54 -3.88 -0.55
CA LEU B 69 3.16 -4.63 -1.72
C LEU B 69 4.39 -5.06 -2.51
N VAL B 70 4.49 -6.35 -2.77
CA VAL B 70 5.59 -6.90 -3.55
C VAL B 70 5.18 -6.87 -5.00
N LEU B 71 5.79 -5.98 -5.76
CA LEU B 71 5.42 -5.84 -7.16
C LEU B 71 6.19 -6.83 -8.05
N HIS B 72 5.67 -7.03 -9.26
CA HIS B 72 6.27 -7.93 -10.23
C HIS B 72 7.66 -7.48 -10.65
N ALA B 73 7.92 -6.19 -10.48
CA ALA B 73 9.21 -5.62 -10.86
C ALA B 73 10.28 -5.91 -9.79
N GLY B 74 9.86 -6.55 -8.70
CA GLY B 74 10.79 -6.87 -7.64
C GLY B 74 10.84 -5.79 -6.59
N ASP B 75 10.25 -4.65 -6.90
CA ASP B 75 10.21 -3.52 -5.99
C ASP B 75 9.14 -3.74 -4.93
N THR B 76 9.33 -3.14 -3.77
CA THR B 76 8.39 -3.30 -2.67
C THR B 76 8.01 -1.93 -2.10
N THR B 77 6.72 -1.72 -1.94
CA THR B 77 6.22 -0.46 -1.40
C THR B 77 5.66 -0.65 0.01
N ASN B 78 6.46 -0.31 1.03
CA ASN B 78 6.01 -0.45 2.41
C ASN B 78 5.39 0.86 2.88
N PHE B 79 4.10 0.81 3.17
CA PHE B 79 3.35 1.98 3.62
C PHE B 79 3.41 2.13 5.13
N HIS B 80 3.87 3.30 5.56
CA HIS B 80 4.00 3.61 6.98
C HIS B 80 2.76 4.35 7.49
N PHE B 81 1.92 3.67 8.27
CA PHE B 81 0.73 4.28 8.82
C PHE B 81 1.11 5.07 10.08
N SER B 82 1.24 6.37 9.94
CA SER B 82 1.63 7.22 11.06
C SER B 82 0.43 7.85 11.74
N ASN B 83 -0.70 7.15 11.72
CA ASN B 83 -1.89 7.64 12.38
C ASN B 83 -2.09 6.89 13.67
N GLU B 84 -1.79 7.55 14.77
CA GLU B 84 -1.86 6.98 16.11
C GLU B 84 -3.21 6.30 16.38
N SER B 85 -4.28 6.91 15.90
CA SER B 85 -5.63 6.38 16.14
C SER B 85 -6.10 5.37 15.08
N THR B 86 -5.54 5.37 13.88
CA THR B 86 -6.02 4.46 12.84
C THR B 86 -4.91 3.68 12.14
N ALA B 87 -3.71 3.65 12.69
CA ALA B 87 -2.60 2.94 12.06
C ALA B 87 -2.88 1.45 11.91
N VAL B 88 -3.11 0.81 13.04
CA VAL B 88 -3.39 -0.63 13.07
C VAL B 88 -4.67 -0.93 12.31
N LYS B 89 -5.65 -0.08 12.53
CA LYS B 89 -6.98 -0.21 11.95
C LYS B 89 -6.95 -0.10 10.43
N GLU B 90 -6.34 0.95 9.92
CA GLU B 90 -6.29 1.17 8.49
C GLU B 90 -5.42 0.13 7.82
N ARG B 91 -4.45 -0.39 8.56
CA ARG B 91 -3.58 -1.43 8.04
C ARG B 91 -4.43 -2.60 7.60
N ASP B 92 -5.27 -3.06 8.51
CA ASP B 92 -6.16 -4.18 8.22
C ASP B 92 -7.21 -3.80 7.21
N ALA B 93 -7.70 -2.58 7.29
CA ALA B 93 -8.74 -2.09 6.38
C ALA B 93 -8.26 -2.05 4.94
N VAL B 94 -7.03 -1.60 4.77
CA VAL B 94 -6.41 -1.49 3.46
C VAL B 94 -6.03 -2.88 2.97
N LYS B 95 -5.42 -3.67 3.85
CA LYS B 95 -5.03 -5.04 3.53
C LYS B 95 -6.22 -5.81 2.99
N ASP B 96 -7.33 -5.67 3.70
CA ASP B 96 -8.59 -6.30 3.36
C ASP B 96 -9.03 -5.93 1.96
N LEU B 97 -9.15 -4.63 1.69
CA LEU B 97 -9.57 -4.15 0.39
C LEU B 97 -8.59 -4.58 -0.70
N LEU B 98 -7.30 -4.55 -0.37
CA LEU B 98 -6.26 -4.91 -1.32
C LEU B 98 -6.33 -6.39 -1.69
N GLN B 99 -6.40 -7.25 -0.68
CA GLN B 99 -6.46 -8.69 -0.91
C GLN B 99 -7.75 -9.08 -1.63
N GLN B 100 -8.76 -8.23 -1.52
CA GLN B 100 -10.04 -8.48 -2.18
C GLN B 100 -9.98 -8.12 -3.65
N LEU B 101 -9.25 -7.06 -3.97
CA LEU B 101 -9.12 -6.60 -5.35
C LEU B 101 -7.99 -7.30 -6.09
N LEU B 102 -7.02 -7.82 -5.34
CA LEU B 102 -5.87 -8.51 -5.94
C LEU B 102 -6.26 -9.64 -6.90
N PRO B 103 -7.16 -10.58 -6.51
CA PRO B 103 -7.57 -11.71 -7.38
C PRO B 103 -8.22 -11.26 -8.69
N LYS B 104 -8.53 -9.98 -8.78
CA LYS B 104 -9.14 -9.43 -9.98
C LYS B 104 -8.06 -9.07 -10.99
N PHE B 105 -6.81 -9.04 -10.53
CA PHE B 105 -5.70 -8.68 -11.40
C PHE B 105 -4.57 -9.72 -11.37
N LYS B 106 -4.35 -10.33 -10.22
CA LYS B 106 -3.30 -11.34 -10.14
C LYS B 106 -3.82 -12.66 -10.73
N ARG B 107 -3.40 -12.89 -11.97
CA ARG B 107 -3.78 -14.08 -12.71
C ARG B 107 -2.93 -14.12 -13.97
N LYS B 108 -1.72 -14.62 -13.82
CA LYS B 108 -0.80 -14.69 -14.95
C LYS B 108 -0.35 -16.14 -15.16
N ALA B 109 0.01 -16.80 -14.07
CA ALA B 109 0.44 -18.19 -14.13
C ALA B 109 -0.58 -19.08 -13.45
N ASN B 110 -1.80 -18.56 -13.38
CA ASN B 110 -2.92 -19.26 -12.76
C ASN B 110 -4.03 -19.46 -13.79
N ASP A 1 16.18 10.91 13.32
CA ASP A 1 16.80 9.62 12.96
C ASP A 1 17.80 9.85 11.85
N ASP A 2 17.34 10.53 10.79
CA ASP A 2 18.17 10.90 9.66
C ASP A 2 18.68 9.68 8.89
N LEU A 3 19.68 9.00 9.43
CA LEU A 3 20.24 7.82 8.80
C LEU A 3 19.36 6.61 9.11
N MET A 4 18.15 6.64 8.59
CA MET A 4 17.17 5.58 8.78
C MET A 4 15.96 5.86 7.92
N LEU A 5 15.80 5.07 6.88
CA LEU A 5 14.67 5.23 5.98
C LEU A 5 13.47 4.46 6.50
N PRO A 7 11.88 1.52 4.16
CA PRO A 7 11.96 0.16 3.62
C PRO A 7 13.34 -0.47 3.82
N ASP A 8 14.01 -0.11 4.90
CA ASP A 8 15.33 -0.66 5.21
C ASP A 8 15.24 -1.56 6.44
N ASP A 9 14.95 -0.96 7.58
CA ASP A 9 14.80 -1.71 8.83
C ASP A 9 13.37 -2.17 8.96
N ILE A 10 12.91 -2.92 7.98
CA ILE A 10 11.55 -3.40 7.98
C ILE A 10 11.35 -4.53 6.98
N GLU A 11 11.25 -5.72 7.53
CA GLU A 11 10.96 -6.94 6.78
C GLU A 11 10.38 -7.96 7.72
N GLN A 12 9.71 -7.43 8.74
CA GLN A 12 9.00 -8.20 9.74
C GLN A 12 7.53 -8.09 9.40
N TRP A 13 7.17 -8.90 8.44
CA TRP A 13 5.83 -8.90 7.95
C TRP A 13 5.24 -10.30 8.08
N PHE A 14 4.06 -10.49 7.54
CA PHE A 14 3.39 -11.77 7.60
C PHE A 14 3.05 -12.23 6.21
N GLU A 16 0.98 -11.86 3.73
CA GLU A 16 -0.32 -12.46 3.44
C GLU A 16 -0.28 -13.28 2.14
N ASP A 17 0.36 -12.72 1.12
CA ASP A 17 0.51 -13.44 -0.14
C ASP A 17 1.94 -13.94 -0.25
N PRO A 18 2.17 -15.20 0.08
CA PRO A 18 3.48 -15.82 0.02
C PRO A 18 3.73 -16.50 -1.32
N GLY A 19 3.04 -16.03 -2.34
CA GLY A 19 3.20 -16.61 -3.66
C GLY A 19 1.88 -16.84 -4.37
N PRO A 20 1.18 -17.94 -4.08
CA PRO A 20 -0.09 -18.28 -4.73
C PRO A 20 -1.33 -17.95 -3.89
N ASP A 21 -1.38 -16.75 -3.30
CA ASP A 21 -2.55 -16.37 -2.51
C ASP A 21 -3.66 -15.86 -3.42
N GLU A 22 -4.38 -16.80 -4.03
CA GLU A 22 -5.47 -16.49 -4.94
C GLU A 22 -6.04 -17.77 -5.53
N MET B 3 -18.93 6.96 -7.45
CA MET B 3 -19.94 6.05 -8.04
C MET B 3 -19.22 4.84 -8.61
N ALA B 4 -19.98 3.81 -8.98
CA ALA B 4 -19.40 2.59 -9.52
C ALA B 4 -18.79 2.86 -10.90
N THR B 5 -17.48 3.01 -10.91
CA THR B 5 -16.74 3.28 -12.13
C THR B 5 -15.30 2.84 -11.96
N SER B 6 -14.92 1.78 -12.67
CA SER B 6 -13.57 1.25 -12.60
C SER B 6 -12.55 2.15 -13.32
N SER B 7 -12.47 3.39 -12.87
CA SER B 7 -11.55 4.38 -13.43
C SER B 7 -11.29 5.45 -12.38
N GLU B 8 -10.22 5.26 -11.60
CA GLU B 8 -9.84 6.21 -10.54
C GLU B 8 -10.90 6.18 -9.44
N GLU B 9 -11.49 5.02 -9.24
CA GLU B 9 -12.52 4.85 -8.21
C GLU B 9 -11.89 4.95 -6.84
N VAL B 10 -12.27 5.95 -6.09
CA VAL B 10 -11.74 6.14 -4.76
C VAL B 10 -12.48 5.26 -3.77
N LEU B 11 -11.77 4.26 -3.30
CA LEU B 11 -12.32 3.29 -2.37
C LEU B 11 -12.01 3.69 -0.95
N LEU B 12 -10.79 4.17 -0.73
CA LEU B 12 -10.39 4.56 0.60
C LEU B 12 -9.42 5.73 0.58
N ILE B 13 -9.58 6.60 1.56
CA ILE B 13 -8.70 7.73 1.74
C ILE B 13 -8.17 7.72 3.17
N VAL B 14 -6.91 7.37 3.32
CA VAL B 14 -6.29 7.31 4.63
C VAL B 14 -5.30 8.45 4.78
N LYS B 15 -5.46 9.24 5.84
CA LYS B 15 -4.56 10.36 6.08
C LYS B 15 -3.40 9.96 6.96
N LYS B 16 -2.47 10.89 7.11
CA LYS B 16 -1.26 10.70 7.91
C LYS B 16 -0.54 9.41 7.53
N VAL B 17 -0.51 9.11 6.23
CA VAL B 17 0.20 7.93 5.75
C VAL B 17 1.55 8.33 5.23
N ARG B 18 2.60 7.72 5.76
CA ARG B 18 3.94 8.04 5.36
C ARG B 18 4.56 6.93 4.53
N GLN B 19 5.55 7.29 3.75
CA GLN B 19 6.27 6.36 2.92
C GLN B 19 7.68 6.89 2.69
N LYS B 20 8.65 6.30 3.39
CA LYS B 20 10.05 6.68 3.29
C LYS B 20 10.26 8.08 3.87
N LYS B 21 9.73 8.30 5.07
CA LYS B 21 9.87 9.57 5.77
C LYS B 21 9.13 10.69 5.05
N GLN B 22 8.00 10.36 4.44
CA GLN B 22 7.20 11.34 3.72
C GLN B 22 5.74 11.21 4.11
N ASP B 23 5.18 12.22 4.73
CA ASP B 23 3.78 12.19 5.15
C ASP B 23 2.84 12.68 4.06
N GLY B 24 1.79 11.91 3.87
CA GLY B 24 0.79 12.26 2.88
C GLY B 24 -0.51 11.54 3.15
N ALA B 25 -0.98 10.79 2.17
CA ALA B 25 -2.24 10.07 2.31
C ALA B 25 -2.28 8.90 1.35
N LEU B 26 -2.90 7.81 1.79
CA LEU B 26 -2.99 6.61 1.00
C LEU B 26 -4.38 6.54 0.37
N TYR B 27 -4.41 6.45 -0.94
CA TYR B 27 -5.67 6.39 -1.68
C TYR B 27 -5.86 5.02 -2.33
N LEU B 28 -6.96 4.36 -1.99
CA LEU B 28 -7.27 3.06 -2.55
C LEU B 28 -8.18 3.23 -3.75
N MET B 29 -7.83 2.62 -4.87
CA MET B 29 -8.65 2.68 -6.07
C MET B 29 -9.06 1.29 -6.48
N ALA B 30 -10.14 1.19 -7.23
CA ALA B 30 -10.67 -0.10 -7.66
C ALA B 30 -9.69 -0.89 -8.50
N GLU B 31 -8.99 -0.20 -9.38
CA GLU B 31 -8.04 -0.84 -10.27
C GLU B 31 -6.60 -0.76 -9.76
N ARG B 32 -6.36 0.02 -8.72
CA ARG B 32 -4.98 0.17 -8.25
C ARG B 32 -4.88 0.90 -6.91
N ILE B 33 -3.66 0.99 -6.41
CA ILE B 33 -3.39 1.68 -5.17
C ILE B 33 -2.50 2.88 -5.47
N ALA B 34 -2.75 4.01 -4.79
CA ALA B 34 -1.96 5.20 -5.03
C ALA B 34 -1.65 5.95 -3.74
N TRP B 35 -0.59 6.75 -3.77
CA TRP B 35 -0.18 7.53 -2.62
C TRP B 35 0.35 8.88 -3.09
N ALA B 36 0.06 9.91 -2.30
CA ALA B 36 0.49 11.26 -2.61
C ALA B 36 0.79 12.03 -1.32
N PRO B 37 1.92 12.75 -1.27
CA PRO B 37 2.31 13.54 -0.08
C PRO B 37 1.30 14.65 0.19
N GLU B 38 1.28 15.22 1.39
CA GLU B 38 0.32 16.27 1.68
C GLU B 38 0.59 17.48 0.79
N GLY B 39 -0.48 18.17 0.39
CA GLY B 39 -0.33 19.29 -0.52
C GLY B 39 -0.21 18.76 -1.94
N LYS B 40 -0.61 17.50 -2.06
CA LYS B 40 -0.58 16.73 -3.28
C LYS B 40 -1.34 17.38 -4.44
N ASP B 41 -0.75 17.26 -5.62
CA ASP B 41 -1.36 17.75 -6.84
C ASP B 41 -1.33 16.63 -7.88
N ARG B 42 -0.74 15.51 -7.47
CA ARG B 42 -0.61 14.33 -8.30
C ARG B 42 -0.19 13.16 -7.42
N PHE B 43 -0.35 11.94 -7.91
CA PHE B 43 0.03 10.77 -7.14
C PHE B 43 1.45 10.37 -7.46
N THR B 44 2.29 10.35 -6.44
CA THR B 44 3.69 9.98 -6.59
C THR B 44 3.86 8.48 -6.70
N ILE B 45 2.91 7.75 -6.16
CA ILE B 45 2.96 6.30 -6.17
C ILE B 45 1.64 5.74 -6.68
N SER B 46 1.72 4.89 -7.69
CA SER B 46 0.55 4.24 -8.26
C SER B 46 0.96 2.86 -8.75
N HIS B 47 0.23 1.83 -8.33
CA HIS B 47 0.55 0.47 -8.70
C HIS B 47 -0.73 -0.28 -8.97
N MET B 48 -0.83 -0.82 -10.17
CA MET B 48 -2.00 -1.56 -10.55
C MET B 48 -1.99 -2.90 -9.82
N TYR B 49 -3.16 -3.37 -9.44
CA TYR B 49 -3.27 -4.65 -8.73
C TYR B 49 -2.71 -5.81 -9.56
N ALA B 50 -2.41 -5.57 -10.83
CA ALA B 50 -1.85 -6.60 -11.69
C ALA B 50 -0.33 -6.59 -11.61
N ASP B 51 0.24 -5.47 -11.17
CA ASP B 51 1.69 -5.33 -11.04
C ASP B 51 2.11 -5.71 -9.64
N ILE B 52 1.13 -5.85 -8.75
CA ILE B 52 1.39 -6.22 -7.38
C ILE B 52 1.32 -7.73 -7.24
N LYS B 53 2.46 -8.34 -6.98
CA LYS B 53 2.56 -9.77 -6.86
C LYS B 53 2.05 -10.28 -5.50
N CYS B 54 2.43 -9.59 -4.43
CA CYS B 54 1.98 -9.99 -3.09
C CYS B 54 1.86 -8.78 -2.18
N GLN B 55 1.31 -9.00 -0.98
CA GLN B 55 1.15 -7.94 -0.02
C GLN B 55 1.60 -8.42 1.33
N LYS B 56 2.27 -7.53 2.06
CA LYS B 56 2.71 -7.86 3.38
C LYS B 56 2.13 -6.85 4.37
N ILE B 57 2.03 -7.26 5.61
CA ILE B 57 1.54 -6.37 6.67
C ILE B 57 2.46 -6.39 7.89
N SER B 58 3.02 -5.22 8.23
CA SER B 58 3.88 -5.10 9.40
C SER B 58 3.05 -5.01 10.65
N PRO B 59 3.23 -6.00 11.56
CA PRO B 59 2.48 -6.10 12.81
C PRO B 59 2.71 -4.93 13.75
N GLU B 60 1.80 -4.75 14.69
CA GLU B 60 1.91 -3.72 15.68
C GLU B 60 2.91 -4.17 16.74
N GLY B 61 4.02 -3.46 16.82
CA GLY B 61 5.07 -3.79 17.77
C GLY B 61 6.21 -2.81 17.65
N LYS B 62 6.53 -2.45 16.42
CA LYS B 62 7.58 -1.48 16.17
C LYS B 62 7.01 -0.09 16.45
N ALA B 63 7.82 0.94 16.29
CA ALA B 63 7.35 2.31 16.53
C ALA B 63 6.48 2.80 15.37
N LYS B 64 6.05 1.88 14.52
CA LYS B 64 5.24 2.20 13.37
C LYS B 64 4.62 0.94 12.77
N ILE B 65 3.39 1.08 12.27
CA ILE B 65 2.66 -0.03 11.64
C ILE B 65 2.75 0.13 10.12
N GLN B 66 2.94 -0.96 9.37
CA GLN B 66 3.10 -0.81 7.92
C GLN B 66 2.33 -1.83 7.08
N LEU B 67 2.20 -1.48 5.80
CA LEU B 67 1.54 -2.29 4.78
C LEU B 67 2.37 -2.20 3.51
N GLN B 68 2.91 -3.29 2.98
CA GLN B 68 3.75 -3.18 1.80
C GLN B 68 3.32 -4.09 0.67
N LEU B 69 3.61 -3.66 -0.54
CA LEU B 69 3.27 -4.40 -1.73
C LEU B 69 4.52 -4.87 -2.46
N VAL B 70 4.59 -6.16 -2.73
CA VAL B 70 5.70 -6.74 -3.46
C VAL B 70 5.28 -6.83 -4.90
N LEU B 71 5.86 -6.00 -5.75
CA LEU B 71 5.47 -5.95 -7.14
C LEU B 71 6.25 -6.94 -8.00
N HIS B 72 5.70 -7.23 -9.17
CA HIS B 72 6.31 -8.15 -10.13
C HIS B 72 7.66 -7.64 -10.63
N ALA B 73 7.85 -6.33 -10.50
CA ALA B 73 9.10 -5.70 -10.94
C ALA B 73 10.21 -5.88 -9.92
N GLY B 74 9.87 -6.48 -8.77
CA GLY B 74 10.85 -6.70 -7.73
C GLY B 74 10.87 -5.57 -6.72
N ASP B 75 10.25 -4.45 -7.09
CA ASP B 75 10.17 -3.28 -6.22
C ASP B 75 9.16 -3.53 -5.10
N THR B 76 9.38 -2.87 -3.97
CA THR B 76 8.50 -3.03 -2.83
C THR B 76 8.10 -1.68 -2.26
N THR B 77 6.81 -1.51 -2.00
CA THR B 77 6.29 -0.25 -1.47
C THR B 77 5.71 -0.45 -0.07
N ASN B 78 6.46 -0.11 0.97
CA ASN B 78 6.00 -0.27 2.34
C ASN B 78 5.34 1.03 2.81
N PHE B 79 4.04 0.94 3.08
CA PHE B 79 3.26 2.09 3.54
C PHE B 79 3.22 2.16 5.06
N HIS B 80 3.50 3.32 5.58
CA HIS B 80 3.54 3.55 7.01
C HIS B 80 2.34 4.37 7.48
N PHE B 81 1.44 3.75 8.25
CA PHE B 81 0.30 4.46 8.77
C PHE B 81 0.72 5.20 10.03
N SER B 82 1.20 6.43 9.87
CA SER B 82 1.66 7.22 11.00
C SER B 82 0.52 7.92 11.70
N ASN B 83 -0.58 7.21 11.90
CA ASN B 83 -1.73 7.75 12.60
C ASN B 83 -2.13 6.83 13.74
N GLU B 84 -1.71 7.21 14.93
CA GLU B 84 -1.96 6.47 16.17
C GLU B 84 -3.40 5.95 16.28
N SER B 85 -4.36 6.73 15.81
CA SER B 85 -5.76 6.38 15.93
C SER B 85 -6.30 5.52 14.78
N THR B 86 -5.58 5.39 13.66
CA THR B 86 -6.09 4.61 12.54
C THR B 86 -5.09 3.59 11.99
N ALA B 87 -3.84 3.71 12.38
CA ALA B 87 -2.77 2.84 11.89
C ALA B 87 -3.15 1.37 11.86
N VAL B 88 -3.66 0.89 12.97
CA VAL B 88 -4.05 -0.51 13.12
C VAL B 88 -5.27 -0.88 12.26
N LYS B 89 -6.37 -0.16 12.42
CA LYS B 89 -7.61 -0.47 11.70
C LYS B 89 -7.44 -0.32 10.20
N GLU B 90 -6.82 0.78 9.79
CA GLU B 90 -6.64 1.07 8.39
C GLU B 90 -5.70 0.06 7.77
N ARG B 91 -4.77 -0.46 8.56
CA ARG B 91 -3.83 -1.46 8.10
C ARG B 91 -4.62 -2.67 7.60
N ASP B 92 -5.57 -3.09 8.40
CA ASP B 92 -6.39 -4.24 8.03
C ASP B 92 -7.40 -3.88 6.95
N ALA B 93 -7.98 -2.69 7.04
CA ALA B 93 -8.97 -2.24 6.07
C ALA B 93 -8.39 -2.20 4.67
N VAL B 94 -7.15 -1.75 4.57
CA VAL B 94 -6.47 -1.65 3.29
C VAL B 94 -6.04 -3.04 2.85
N LYS B 95 -5.49 -3.81 3.79
CA LYS B 95 -5.07 -5.19 3.53
C LYS B 95 -6.22 -5.96 2.89
N ASP B 96 -7.40 -5.76 3.47
CA ASP B 96 -8.62 -6.39 3.01
C ASP B 96 -8.94 -6.00 1.57
N LEU B 97 -9.10 -4.71 1.31
CA LEU B 97 -9.43 -4.25 -0.04
C LEU B 97 -8.40 -4.74 -1.05
N LEU B 98 -7.14 -4.73 -0.66
CA LEU B 98 -6.07 -5.16 -1.53
C LEU B 98 -6.22 -6.63 -1.91
N GLN B 99 -6.28 -7.50 -0.92
CA GLN B 99 -6.41 -8.93 -1.15
C GLN B 99 -7.74 -9.29 -1.81
N GLN B 100 -8.72 -8.43 -1.66
CA GLN B 100 -10.03 -8.68 -2.26
C GLN B 100 -10.01 -8.30 -3.74
N LEU B 101 -9.25 -7.25 -4.06
CA LEU B 101 -9.15 -6.77 -5.43
C LEU B 101 -8.05 -7.48 -6.23
N LEU B 102 -6.97 -7.83 -5.54
CA LEU B 102 -5.81 -8.48 -6.17
C LEU B 102 -6.17 -9.66 -7.09
N PRO B 103 -6.92 -10.69 -6.62
CA PRO B 103 -7.27 -11.86 -7.46
C PRO B 103 -8.08 -11.51 -8.70
N LYS B 104 -8.60 -10.28 -8.74
CA LYS B 104 -9.38 -9.83 -9.89
C LYS B 104 -8.46 -9.24 -10.97
N PHE B 105 -7.20 -9.05 -10.62
CA PHE B 105 -6.23 -8.50 -11.56
C PHE B 105 -5.05 -9.44 -11.74
N LYS B 106 -4.68 -10.12 -10.66
CA LYS B 106 -3.60 -11.10 -10.71
C LYS B 106 -4.21 -12.49 -10.70
N ARG B 107 -3.70 -13.38 -11.53
CA ARG B 107 -4.23 -14.73 -11.57
C ARG B 107 -3.24 -15.72 -12.17
N LYS B 108 -3.14 -16.87 -11.52
CA LYS B 108 -2.28 -17.96 -11.98
C LYS B 108 -2.99 -18.70 -13.11
N ALA B 109 -2.51 -19.91 -13.41
CA ALA B 109 -3.12 -20.73 -14.45
C ALA B 109 -4.25 -21.53 -13.84
N ASN B 110 -4.66 -21.10 -12.66
CA ASN B 110 -5.73 -21.71 -11.89
C ASN B 110 -6.03 -20.83 -10.69
N ASP A 1 11.76 12.27 14.09
CA ASP A 1 11.09 10.95 14.01
C ASP A 1 12.10 9.83 13.86
N ASP A 2 13.15 9.88 14.70
CA ASP A 2 14.22 8.87 14.67
C ASP A 2 14.87 8.82 13.29
N LEU A 3 15.45 7.68 12.95
CA LEU A 3 16.11 7.50 11.67
C LEU A 3 15.06 7.39 10.57
N MET A 4 14.35 6.27 10.58
CA MET A 4 13.29 6.01 9.61
C MET A 4 13.84 5.98 8.18
N LEU A 5 14.66 4.99 7.88
CA LEU A 5 15.24 4.85 6.55
C LEU A 5 14.39 3.92 5.70
N PRO A 7 13.97 0.38 5.08
CA PRO A 7 14.46 -1.00 5.17
C PRO A 7 15.45 -1.19 6.32
N ASP A 8 15.32 -0.34 7.33
CA ASP A 8 16.18 -0.39 8.51
C ASP A 8 15.45 -1.10 9.63
N ASP A 9 14.16 -0.84 9.76
CA ASP A 9 13.33 -1.46 10.78
C ASP A 9 12.11 -2.08 10.14
N ILE A 10 12.32 -2.69 8.99
CA ILE A 10 11.21 -3.23 8.29
C ILE A 10 11.54 -4.48 7.50
N GLU A 11 10.89 -5.54 7.98
CA GLU A 11 10.86 -6.89 7.41
C GLU A 11 10.42 -7.86 8.50
N GLN A 12 9.40 -7.39 9.21
CA GLN A 12 8.74 -8.10 10.29
C GLN A 12 7.26 -8.03 9.99
N TRP A 13 6.93 -8.72 8.96
CA TRP A 13 5.59 -8.73 8.46
C TRP A 13 4.95 -10.09 8.67
N PHE A 14 3.73 -10.22 8.21
CA PHE A 14 2.99 -11.48 8.31
C PHE A 14 2.66 -11.95 6.92
N GLU A 16 0.93 -11.59 4.27
CA GLU A 16 -0.41 -12.06 3.91
C GLU A 16 -0.39 -12.94 2.66
N ASP A 17 0.19 -12.41 1.61
CA ASP A 17 0.35 -13.15 0.36
C ASP A 17 1.82 -13.44 0.18
N PRO A 18 2.23 -14.71 0.36
CA PRO A 18 3.62 -15.11 0.23
C PRO A 18 3.97 -15.65 -1.15
N GLY A 19 3.23 -15.19 -2.13
CA GLY A 19 3.46 -15.62 -3.50
C GLY A 19 2.90 -16.99 -3.82
N PRO A 20 1.57 -17.19 -3.72
CA PRO A 20 0.94 -18.44 -4.07
C PRO A 20 0.47 -18.44 -5.52
N ASP A 21 0.62 -19.58 -6.20
CA ASP A 21 0.21 -19.75 -7.60
C ASP A 21 1.25 -19.15 -8.55
N GLU A 22 1.69 -17.95 -8.25
CA GLU A 22 2.69 -17.26 -9.06
C GLU A 22 3.84 -16.79 -8.17
N MET B 3 -9.45 15.23 -20.92
CA MET B 3 -8.76 14.21 -21.76
C MET B 3 -7.57 13.64 -21.00
N ALA B 4 -7.25 12.36 -21.28
CA ALA B 4 -6.13 11.68 -20.61
C ALA B 4 -6.32 11.71 -19.09
N THR B 5 -7.57 11.69 -18.67
CA THR B 5 -7.91 11.73 -17.25
C THR B 5 -8.48 10.39 -16.80
N SER B 6 -7.98 9.32 -17.39
CA SER B 6 -8.43 7.98 -17.07
C SER B 6 -8.05 7.60 -15.64
N SER B 7 -9.02 7.72 -14.74
CA SER B 7 -8.82 7.41 -13.34
C SER B 7 -10.02 6.66 -12.80
N GLU B 8 -9.80 5.80 -11.82
CA GLU B 8 -10.89 5.02 -11.23
C GLU B 8 -11.41 5.71 -9.97
N GLU B 9 -12.55 5.22 -9.48
CA GLU B 9 -13.17 5.77 -8.28
C GLU B 9 -12.32 5.45 -7.06
N VAL B 10 -12.40 6.34 -6.07
CA VAL B 10 -11.66 6.17 -4.83
C VAL B 10 -12.43 5.23 -3.91
N LEU B 11 -11.80 4.11 -3.58
CA LEU B 11 -12.40 3.10 -2.74
C LEU B 11 -12.07 3.37 -1.29
N LEU B 12 -10.86 3.85 -1.05
CA LEU B 12 -10.45 4.11 0.31
C LEU B 12 -9.50 5.30 0.39
N ILE B 13 -9.70 6.11 1.40
CA ILE B 13 -8.84 7.25 1.67
C ILE B 13 -8.21 7.07 3.05
N VAL B 14 -6.92 6.75 3.04
CA VAL B 14 -6.17 6.54 4.27
C VAL B 14 -5.39 7.80 4.60
N LYS B 15 -5.29 8.10 5.88
CA LYS B 15 -4.59 9.30 6.31
C LYS B 15 -3.31 8.98 7.06
N LYS B 16 -2.49 10.02 7.24
CA LYS B 16 -1.20 9.94 7.92
C LYS B 16 -0.37 8.78 7.40
N VAL B 17 -0.45 8.53 6.10
CA VAL B 17 0.33 7.46 5.49
C VAL B 17 1.62 8.01 4.94
N ARG B 18 2.74 7.52 5.45
CA ARG B 18 4.04 7.98 5.03
C ARG B 18 4.68 6.97 4.08
N GLN B 19 5.37 7.48 3.08
CA GLN B 19 6.08 6.65 2.14
C GLN B 19 7.53 7.11 2.11
N LYS B 20 8.39 6.32 2.74
CA LYS B 20 9.80 6.62 2.83
C LYS B 20 10.04 7.95 3.55
N LYS B 21 9.67 7.99 4.82
CA LYS B 21 9.84 9.16 5.67
C LYS B 21 9.11 10.39 5.13
N GLN B 22 8.10 10.18 4.29
CA GLN B 22 7.34 11.29 3.72
C GLN B 22 5.87 11.07 4.00
N ASP B 23 5.28 11.98 4.75
CA ASP B 23 3.87 11.88 5.11
C ASP B 23 2.93 12.39 4.04
N GLY B 24 1.84 11.67 3.88
CA GLY B 24 0.81 12.01 2.94
C GLY B 24 -0.46 11.23 3.20
N ALA B 25 -1.04 10.69 2.15
CA ALA B 25 -2.27 9.94 2.27
C ALA B 25 -2.33 8.83 1.24
N LEU B 26 -2.91 7.70 1.61
CA LEU B 26 -3.00 6.55 0.73
C LEU B 26 -4.40 6.48 0.14
N TYR B 27 -4.48 6.40 -1.17
CA TYR B 27 -5.76 6.35 -1.86
C TYR B 27 -5.94 5.04 -2.63
N LEU B 28 -6.99 4.30 -2.31
CA LEU B 28 -7.29 3.05 -2.99
C LEU B 28 -8.25 3.31 -4.13
N MET B 29 -7.97 2.76 -5.30
CA MET B 29 -8.84 2.93 -6.45
C MET B 29 -9.31 1.57 -6.94
N ALA B 30 -10.39 1.58 -7.71
CA ALA B 30 -11.00 0.35 -8.23
C ALA B 30 -10.01 -0.66 -8.81
N GLU B 31 -9.16 -0.22 -9.72
CA GLU B 31 -8.22 -1.14 -10.36
C GLU B 31 -6.76 -0.84 -10.00
N ARG B 32 -6.53 0.13 -9.12
CA ARG B 32 -5.14 0.48 -8.77
C ARG B 32 -5.03 1.18 -7.42
N ILE B 33 -3.81 1.28 -6.93
CA ILE B 33 -3.53 1.93 -5.67
C ILE B 33 -2.66 3.16 -5.94
N ALA B 34 -2.84 4.22 -5.16
CA ALA B 34 -2.08 5.44 -5.36
C ALA B 34 -1.78 6.13 -4.04
N TRP B 35 -0.72 6.92 -4.03
CA TRP B 35 -0.32 7.65 -2.83
C TRP B 35 0.09 9.07 -3.20
N ALA B 36 -0.14 10.00 -2.28
CA ALA B 36 0.18 11.40 -2.48
C ALA B 36 0.63 12.03 -1.16
N PRO B 37 1.72 12.80 -1.16
CA PRO B 37 2.22 13.45 0.05
C PRO B 37 1.25 14.51 0.56
N GLU B 38 1.37 14.83 1.84
CA GLU B 38 0.50 15.82 2.47
C GLU B 38 0.54 17.15 1.74
N GLY B 39 -0.62 17.77 1.62
CA GLY B 39 -0.73 19.04 0.93
C GLY B 39 -0.55 18.91 -0.57
N LYS B 40 -1.05 17.82 -1.14
CA LYS B 40 -0.96 17.60 -2.58
C LYS B 40 -2.24 17.00 -3.13
N ASP B 41 -2.53 17.30 -4.37
CA ASP B 41 -3.73 16.82 -5.05
C ASP B 41 -3.37 15.80 -6.12
N ARG B 42 -2.11 15.81 -6.51
CA ARG B 42 -1.63 14.89 -7.53
C ARG B 42 -0.80 13.78 -6.92
N PHE B 43 -1.25 12.55 -7.14
CA PHE B 43 -0.58 11.36 -6.62
C PHE B 43 0.80 11.21 -7.26
N THR B 44 1.77 10.83 -6.44
CA THR B 44 3.13 10.65 -6.90
C THR B 44 3.44 9.19 -7.18
N ILE B 45 2.67 8.32 -6.54
CA ILE B 45 2.86 6.89 -6.68
C ILE B 45 1.54 6.21 -7.06
N SER B 46 1.60 5.34 -8.07
CA SER B 46 0.44 4.61 -8.53
C SER B 46 0.86 3.24 -9.01
N HIS B 47 0.14 2.20 -8.58
CA HIS B 47 0.45 0.84 -8.97
C HIS B 47 -0.85 0.09 -9.18
N MET B 48 -0.96 -0.59 -10.29
CA MET B 48 -2.14 -1.36 -10.56
C MET B 48 -2.05 -2.65 -9.77
N TYR B 49 -3.18 -3.12 -9.28
CA TYR B 49 -3.20 -4.37 -8.51
C TYR B 49 -2.64 -5.54 -9.32
N ALA B 50 -2.59 -5.38 -10.64
CA ALA B 50 -2.07 -6.40 -11.53
C ALA B 50 -0.54 -6.37 -11.57
N ASP B 51 0.04 -5.34 -10.97
CA ASP B 51 1.49 -5.22 -10.92
C ASP B 51 1.97 -5.72 -9.56
N ILE B 52 0.99 -6.00 -8.70
CA ILE B 52 1.26 -6.48 -7.36
C ILE B 52 1.31 -8.00 -7.31
N LYS B 53 2.43 -8.52 -6.88
CA LYS B 53 2.61 -9.96 -6.77
C LYS B 53 2.11 -10.47 -5.43
N CYS B 54 2.67 -9.95 -4.35
CA CYS B 54 2.29 -10.36 -3.00
C CYS B 54 2.07 -9.15 -2.11
N GLN B 55 1.68 -9.38 -0.86
CA GLN B 55 1.44 -8.28 0.06
C GLN B 55 1.75 -8.72 1.47
N LYS B 56 2.46 -7.89 2.20
CA LYS B 56 2.79 -8.17 3.56
C LYS B 56 2.13 -7.12 4.43
N ILE B 57 2.06 -7.39 5.72
CA ILE B 57 1.48 -6.41 6.64
C ILE B 57 2.25 -6.37 7.97
N SER B 58 2.82 -5.20 8.29
CA SER B 58 3.54 -5.04 9.55
C SER B 58 2.62 -4.65 10.69
N PRO B 59 2.78 -5.35 11.83
CA PRO B 59 1.96 -5.19 13.04
C PRO B 59 2.15 -3.84 13.75
N GLU B 60 1.30 -3.61 14.76
CA GLU B 60 1.37 -2.40 15.57
C GLU B 60 2.38 -2.65 16.70
N GLY B 61 3.07 -1.60 17.12
CA GLY B 61 4.05 -1.76 18.18
C GLY B 61 5.33 -1.03 17.87
N LYS B 62 5.72 -1.04 16.61
CA LYS B 62 6.93 -0.35 16.19
C LYS B 62 6.66 1.15 16.14
N ALA B 63 7.70 1.92 15.80
CA ALA B 63 7.55 3.36 15.69
C ALA B 63 6.88 3.71 14.36
N LYS B 64 6.37 2.66 13.71
CA LYS B 64 5.71 2.75 12.43
C LYS B 64 5.00 1.44 12.10
N ILE B 65 3.77 1.53 11.62
CA ILE B 65 2.99 0.37 11.21
C ILE B 65 2.99 0.34 9.70
N GLN B 66 2.96 -0.82 9.05
CA GLN B 66 3.04 -0.78 7.59
C GLN B 66 2.25 -1.85 6.85
N LEU B 67 2.07 -1.58 5.57
CA LEU B 67 1.40 -2.45 4.62
C LEU B 67 2.22 -2.40 3.32
N GLN B 68 2.79 -3.50 2.87
CA GLN B 68 3.62 -3.43 1.68
C GLN B 68 3.16 -4.36 0.58
N LEU B 69 3.42 -3.94 -0.64
CA LEU B 69 3.06 -4.70 -1.81
C LEU B 69 4.32 -5.18 -2.52
N VAL B 70 4.46 -6.47 -2.61
CA VAL B 70 5.58 -7.08 -3.31
C VAL B 70 5.19 -7.21 -4.76
N LEU B 71 5.81 -6.45 -5.64
CA LEU B 71 5.44 -6.50 -7.03
C LEU B 71 6.20 -7.61 -7.75
N HIS B 72 5.63 -8.13 -8.84
CA HIS B 72 6.29 -9.20 -9.60
C HIS B 72 7.60 -8.73 -10.21
N ALA B 73 7.76 -7.41 -10.29
CA ALA B 73 8.97 -6.82 -10.85
C ALA B 73 10.16 -7.05 -9.92
N GLY B 74 9.88 -7.37 -8.67
CA GLY B 74 10.93 -7.62 -7.72
C GLY B 74 11.07 -6.50 -6.72
N ASP B 75 10.30 -5.44 -6.92
CA ASP B 75 10.33 -4.29 -6.03
C ASP B 75 9.20 -4.39 -5.01
N THR B 76 9.30 -3.61 -3.94
CA THR B 76 8.30 -3.64 -2.89
C THR B 76 7.93 -2.25 -2.42
N THR B 77 6.64 -1.98 -2.30
CA THR B 77 6.16 -0.70 -1.82
C THR B 77 5.59 -0.84 -0.42
N ASN B 78 6.37 -0.47 0.60
CA ASN B 78 5.92 -0.57 1.98
C ASN B 78 5.28 0.74 2.41
N PHE B 79 4.00 0.68 2.75
CA PHE B 79 3.24 1.86 3.16
C PHE B 79 3.25 1.98 4.69
N HIS B 80 3.77 3.09 5.17
CA HIS B 80 3.88 3.35 6.59
C HIS B 80 2.68 4.14 7.12
N PHE B 81 1.90 3.50 7.99
CA PHE B 81 0.76 4.15 8.61
C PHE B 81 1.24 4.79 9.90
N SER B 82 1.34 6.11 9.91
CA SER B 82 1.83 6.81 11.10
C SER B 82 0.69 7.35 11.96
N ASN B 83 -0.51 6.80 11.81
CA ASN B 83 -1.63 7.26 12.59
C ASN B 83 -1.70 6.45 13.87
N GLU B 84 -1.25 7.06 14.96
CA GLU B 84 -1.22 6.41 16.26
C GLU B 84 -2.61 5.91 16.66
N SER B 85 -3.63 6.58 16.15
CA SER B 85 -5.00 6.21 16.47
C SER B 85 -5.58 5.16 15.50
N THR B 86 -5.25 5.26 14.20
CA THR B 86 -5.84 4.34 13.23
C THR B 86 -4.83 3.63 12.32
N ALA B 87 -3.59 3.47 12.74
CA ALA B 87 -2.58 2.83 11.89
C ALA B 87 -2.97 1.42 11.49
N VAL B 88 -2.97 0.49 12.44
CA VAL B 88 -3.35 -0.89 12.15
C VAL B 88 -4.80 -0.99 11.72
N LYS B 89 -5.62 -0.11 12.28
CA LYS B 89 -7.05 -0.10 11.96
C LYS B 89 -7.25 0.19 10.47
N GLU B 90 -6.56 1.20 9.96
CA GLU B 90 -6.65 1.55 8.56
C GLU B 90 -5.84 0.56 7.74
N ARG B 91 -4.78 0.04 8.35
CA ARG B 91 -3.90 -0.94 7.72
C ARG B 91 -4.70 -2.17 7.31
N ASP B 92 -5.61 -2.58 8.19
CA ASP B 92 -6.45 -3.74 7.93
C ASP B 92 -7.49 -3.40 6.87
N ALA B 93 -8.03 -2.19 6.93
CA ALA B 93 -9.05 -1.76 5.98
C ALA B 93 -8.49 -1.73 4.55
N VAL B 94 -7.22 -1.38 4.45
CA VAL B 94 -6.55 -1.32 3.16
C VAL B 94 -6.24 -2.72 2.69
N LYS B 95 -5.65 -3.52 3.59
CA LYS B 95 -5.31 -4.90 3.30
C LYS B 95 -6.52 -5.64 2.78
N ASP B 96 -7.63 -5.45 3.48
CA ASP B 96 -8.89 -6.07 3.15
C ASP B 96 -9.31 -5.76 1.73
N LEU B 97 -9.38 -4.48 1.39
CA LEU B 97 -9.76 -4.08 0.04
C LEU B 97 -8.75 -4.58 -0.98
N LEU B 98 -7.48 -4.57 -0.62
CA LEU B 98 -6.43 -5.02 -1.51
C LEU B 98 -6.52 -6.51 -1.82
N GLN B 99 -6.62 -7.31 -0.77
CA GLN B 99 -6.70 -8.76 -0.93
C GLN B 99 -7.99 -9.17 -1.64
N GLN B 100 -8.99 -8.31 -1.58
CA GLN B 100 -10.26 -8.58 -2.25
C GLN B 100 -10.17 -8.28 -3.74
N LEU B 101 -9.43 -7.24 -4.08
CA LEU B 101 -9.27 -6.82 -5.47
C LEU B 101 -8.14 -7.58 -6.17
N LEU B 102 -7.17 -8.03 -5.40
CA LEU B 102 -6.02 -8.76 -5.95
C LEU B 102 -6.40 -9.94 -6.86
N PRO B 103 -7.33 -10.84 -6.45
CA PRO B 103 -7.73 -12.01 -7.25
C PRO B 103 -8.00 -11.71 -8.74
N LYS B 104 -8.58 -10.56 -9.05
CA LYS B 104 -8.89 -10.23 -10.44
C LYS B 104 -7.72 -9.56 -11.16
N PHE B 105 -6.59 -9.37 -10.48
CA PHE B 105 -5.43 -8.73 -11.09
C PHE B 105 -4.17 -9.57 -10.95
N LYS B 106 -4.05 -10.24 -9.82
CA LYS B 106 -2.91 -11.10 -9.53
C LYS B 106 -2.85 -12.23 -10.55
N ARG B 107 -1.76 -12.30 -11.30
CA ARG B 107 -1.58 -13.32 -12.34
C ARG B 107 -2.70 -13.19 -13.37
N LYS B 108 -2.74 -12.06 -14.05
CA LYS B 108 -3.77 -11.80 -15.06
C LYS B 108 -3.52 -12.59 -16.34
N ALA B 109 -3.31 -13.88 -16.18
CA ALA B 109 -3.10 -14.80 -17.29
C ALA B 109 -4.19 -15.84 -17.23
N ASN B 110 -5.29 -15.43 -16.62
CA ASN B 110 -6.46 -16.26 -16.45
C ASN B 110 -7.65 -15.36 -16.18
N ASP A 1 18.90 1.12 9.01
CA ASP A 1 19.78 2.08 8.30
C ASP A 1 19.88 1.73 6.82
N ASP A 2 19.77 2.74 5.97
CA ASP A 2 19.85 2.56 4.52
C ASP A 2 19.99 3.93 3.83
N LEU A 3 19.39 4.06 2.65
CA LEU A 3 19.44 5.30 1.89
C LEU A 3 18.32 6.25 2.32
N MET A 4 18.04 6.26 3.63
CA MET A 4 17.00 7.11 4.22
C MET A 4 15.61 6.66 3.78
N LEU A 5 15.40 5.35 3.75
CA LEU A 5 14.12 4.80 3.36
C LEU A 5 13.42 4.20 4.57
N PRO A 7 12.13 0.79 4.69
CA PRO A 7 12.54 -0.61 4.89
C PRO A 7 13.99 -0.75 5.37
N ASP A 8 14.46 0.25 6.09
CA ASP A 8 15.83 0.24 6.63
C ASP A 8 15.90 -0.72 7.81
N ASP A 9 14.73 -0.95 8.37
CA ASP A 9 14.53 -1.86 9.49
C ASP A 9 13.09 -2.32 9.43
N ILE A 10 12.79 -3.17 8.46
CA ILE A 10 11.44 -3.64 8.27
C ILE A 10 11.39 -4.82 7.31
N GLU A 11 11.04 -5.95 7.88
CA GLU A 11 10.81 -7.21 7.16
C GLU A 11 10.19 -8.22 8.10
N GLN A 12 9.42 -7.66 9.04
CA GLN A 12 8.65 -8.42 10.01
C GLN A 12 7.23 -8.25 9.60
N TRP A 13 6.85 -9.07 8.68
CA TRP A 13 5.56 -8.97 8.11
C TRP A 13 4.82 -10.28 8.13
N PHE A 14 3.59 -10.15 7.74
CA PHE A 14 2.71 -11.25 7.58
C PHE A 14 2.35 -11.22 6.14
N GLU A 16 0.51 -11.76 3.78
CA GLU A 16 -0.88 -12.11 3.48
C GLU A 16 -1.00 -12.87 2.17
N ASP A 17 -0.36 -12.34 1.14
CA ASP A 17 -0.37 -12.96 -0.17
C ASP A 17 1.04 -13.00 -0.73
N PRO A 18 1.60 -14.21 -0.87
CA PRO A 18 2.94 -14.39 -1.40
C PRO A 18 2.92 -14.62 -2.90
N GLY A 19 1.79 -14.35 -3.51
CA GLY A 19 1.62 -14.53 -4.95
C GLY A 19 2.15 -15.87 -5.44
N PRO A 20 3.07 -15.85 -6.42
CA PRO A 20 3.66 -17.06 -6.98
C PRO A 20 5.03 -17.38 -6.37
N ASP A 21 5.15 -17.19 -5.06
CA ASP A 21 6.41 -17.47 -4.36
C ASP A 21 6.44 -18.91 -3.89
N GLU A 22 5.32 -19.60 -4.09
CA GLU A 22 5.20 -21.00 -3.70
C GLU A 22 4.68 -21.82 -4.88
N MET B 3 -6.38 2.95 -19.91
CA MET B 3 -6.18 4.32 -20.44
C MET B 3 -5.33 5.12 -19.47
N ALA B 4 -5.31 6.45 -19.63
CA ALA B 4 -4.54 7.30 -18.74
C ALA B 4 -5.11 7.22 -17.32
N THR B 5 -6.31 7.76 -17.14
CA THR B 5 -6.98 7.73 -15.85
C THR B 5 -7.67 6.39 -15.64
N SER B 6 -8.42 5.97 -16.66
CA SER B 6 -9.17 4.72 -16.64
C SER B 6 -10.27 4.76 -15.57
N SER B 7 -10.00 4.22 -14.39
CA SER B 7 -10.98 4.22 -13.32
C SER B 7 -10.42 4.86 -12.05
N GLU B 8 -10.57 6.17 -11.95
CA GLU B 8 -10.10 6.91 -10.79
C GLU B 8 -11.10 6.83 -9.65
N GLU B 9 -11.67 5.64 -9.46
CA GLU B 9 -12.65 5.43 -8.41
C GLU B 9 -11.95 5.45 -7.06
N VAL B 10 -12.52 6.16 -6.11
CA VAL B 10 -11.94 6.27 -4.80
C VAL B 10 -12.57 5.24 -3.88
N LEU B 11 -11.79 4.24 -3.54
CA LEU B 11 -12.25 3.15 -2.69
C LEU B 11 -11.89 3.45 -1.25
N LEU B 12 -10.70 3.98 -1.05
CA LEU B 12 -10.25 4.31 0.28
C LEU B 12 -9.31 5.48 0.29
N ILE B 13 -9.37 6.25 1.35
CA ILE B 13 -8.49 7.39 1.56
C ILE B 13 -7.89 7.30 2.95
N VAL B 14 -6.63 6.96 3.02
CA VAL B 14 -5.92 6.85 4.27
C VAL B 14 -5.09 8.11 4.48
N LYS B 15 -4.93 8.52 5.73
CA LYS B 15 -4.19 9.74 6.03
C LYS B 15 -2.96 9.45 6.88
N LYS B 16 -2.07 10.44 6.94
CA LYS B 16 -0.82 10.32 7.69
C LYS B 16 -0.08 9.04 7.33
N VAL B 17 -0.04 8.73 6.05
CA VAL B 17 0.64 7.56 5.55
C VAL B 17 2.00 7.96 5.02
N ARG B 18 3.04 7.56 5.71
CA ARG B 18 4.39 7.89 5.32
C ARG B 18 4.97 6.87 4.38
N GLN B 19 5.58 7.36 3.32
CA GLN B 19 6.22 6.51 2.35
C GLN B 19 7.63 7.02 2.17
N LYS B 20 8.59 6.31 2.76
CA LYS B 20 9.99 6.68 2.69
C LYS B 20 10.23 8.00 3.43
N LYS B 21 9.82 8.03 4.69
CA LYS B 21 9.98 9.20 5.56
C LYS B 21 9.20 10.41 5.04
N GLN B 22 8.21 10.17 4.19
CA GLN B 22 7.42 11.24 3.62
C GLN B 22 5.96 11.08 4.01
N ASP B 23 5.44 12.06 4.73
CA ASP B 23 4.05 12.02 5.18
C ASP B 23 3.08 12.34 4.05
N GLY B 24 2.13 11.46 3.87
CA GLY B 24 1.15 11.63 2.85
C GLY B 24 -0.15 10.93 3.14
N ALA B 25 -0.80 10.51 2.08
CA ALA B 25 -2.06 9.84 2.17
C ALA B 25 -2.09 8.67 1.21
N LEU B 26 -2.70 7.58 1.63
CA LEU B 26 -2.76 6.39 0.81
C LEU B 26 -4.15 6.31 0.17
N TYR B 27 -4.17 6.36 -1.15
CA TYR B 27 -5.42 6.32 -1.89
C TYR B 27 -5.63 4.97 -2.57
N LEU B 28 -6.81 4.39 -2.40
CA LEU B 28 -7.14 3.11 -3.03
C LEU B 28 -8.12 3.35 -4.17
N MET B 29 -7.78 2.86 -5.36
CA MET B 29 -8.65 3.03 -6.51
C MET B 29 -9.07 1.67 -7.06
N ALA B 30 -10.08 1.69 -7.91
CA ALA B 30 -10.67 0.50 -8.51
C ALA B 30 -9.66 -0.51 -9.04
N GLU B 31 -8.73 -0.08 -9.88
CA GLU B 31 -7.77 -1.01 -10.45
C GLU B 31 -6.33 -0.75 -10.01
N ARG B 32 -6.12 0.19 -9.10
CA ARG B 32 -4.75 0.47 -8.69
C ARG B 32 -4.68 1.19 -7.34
N ILE B 33 -3.52 1.13 -6.73
CA ILE B 33 -3.26 1.77 -5.46
C ILE B 33 -2.35 2.97 -5.71
N ALA B 34 -2.61 4.09 -5.06
CA ALA B 34 -1.79 5.27 -5.26
C ALA B 34 -1.48 5.98 -3.96
N TRP B 35 -0.46 6.81 -3.99
CA TRP B 35 -0.05 7.55 -2.82
C TRP B 35 0.31 9.00 -3.20
N ALA B 36 -0.02 9.93 -2.31
CA ALA B 36 0.22 11.34 -2.50
C ALA B 36 0.54 12.00 -1.16
N PRO B 37 1.56 12.86 -1.10
CA PRO B 37 1.94 13.53 0.16
C PRO B 37 0.76 14.23 0.82
N GLU B 38 0.86 14.44 2.13
CA GLU B 38 -0.22 15.04 2.92
C GLU B 38 -0.57 16.43 2.43
N GLY B 39 -1.87 16.65 2.23
CA GLY B 39 -2.34 17.93 1.78
C GLY B 39 -2.17 18.12 0.28
N LYS B 40 -1.92 17.05 -0.45
CA LYS B 40 -1.76 17.16 -1.88
C LYS B 40 -2.80 16.35 -2.64
N ASP B 41 -3.02 16.78 -3.87
CA ASP B 41 -4.01 16.19 -4.76
C ASP B 41 -3.34 15.47 -5.92
N ARG B 42 -2.02 15.55 -5.98
CA ARG B 42 -1.27 14.92 -7.04
C ARG B 42 -0.58 13.68 -6.54
N PHE B 43 -1.04 12.54 -7.02
CA PHE B 43 -0.48 11.25 -6.65
C PHE B 43 0.90 11.10 -7.27
N THR B 44 1.87 10.71 -6.45
CA THR B 44 3.23 10.53 -6.91
C THR B 44 3.51 9.06 -7.20
N ILE B 45 2.80 8.20 -6.49
CA ILE B 45 2.95 6.76 -6.64
C ILE B 45 1.65 6.12 -7.07
N SER B 46 1.71 5.23 -8.04
CA SER B 46 0.55 4.52 -8.55
C SER B 46 0.97 3.12 -8.99
N HIS B 47 0.27 2.09 -8.52
CA HIS B 47 0.61 0.72 -8.87
C HIS B 47 -0.67 -0.06 -9.08
N MET B 48 -0.80 -0.68 -10.24
CA MET B 48 -1.98 -1.46 -10.54
C MET B 48 -1.94 -2.76 -9.76
N TYR B 49 -3.09 -3.21 -9.33
CA TYR B 49 -3.21 -4.45 -8.57
C TYR B 49 -2.66 -5.65 -9.35
N ALA B 50 -2.42 -5.46 -10.64
CA ALA B 50 -1.88 -6.53 -11.47
C ALA B 50 -0.36 -6.51 -11.46
N ASP B 51 0.21 -5.40 -11.00
CA ASP B 51 1.67 -5.24 -10.93
C ASP B 51 2.15 -5.66 -9.55
N ILE B 52 1.19 -5.90 -8.68
CA ILE B 52 1.49 -6.32 -7.32
C ILE B 52 1.58 -7.84 -7.27
N LYS B 53 2.76 -8.34 -7.00
CA LYS B 53 3.02 -9.76 -6.95
C LYS B 53 2.65 -10.36 -5.58
N CYS B 54 2.92 -9.61 -4.51
CA CYS B 54 2.62 -10.09 -3.15
C CYS B 54 2.26 -8.92 -2.23
N GLN B 55 1.58 -9.19 -1.12
CA GLN B 55 1.24 -8.15 -0.17
C GLN B 55 1.54 -8.62 1.24
N LYS B 56 2.25 -7.80 1.99
CA LYS B 56 2.57 -8.13 3.36
C LYS B 56 1.98 -7.09 4.27
N ILE B 57 1.88 -7.43 5.54
CA ILE B 57 1.36 -6.47 6.53
C ILE B 57 2.20 -6.52 7.83
N SER B 58 2.76 -5.38 8.22
CA SER B 58 3.57 -5.29 9.43
C SER B 58 2.72 -5.05 10.65
N PRO B 59 2.85 -5.97 11.63
CA PRO B 59 2.10 -5.95 12.89
C PRO B 59 2.48 -4.79 13.81
N GLU B 60 1.72 -4.65 14.88
CA GLU B 60 1.98 -3.62 15.87
C GLU B 60 3.09 -4.11 16.80
N GLY B 61 4.22 -3.42 16.77
CA GLY B 61 5.34 -3.80 17.59
C GLY B 61 6.42 -2.75 17.54
N LYS B 62 6.58 -2.15 16.36
CA LYS B 62 7.57 -1.10 16.17
C LYS B 62 6.94 0.24 16.52
N ALA B 63 7.67 1.31 16.31
CA ALA B 63 7.16 2.64 16.59
C ALA B 63 6.26 3.11 15.45
N LYS B 64 5.91 2.17 14.57
CA LYS B 64 5.06 2.45 13.43
C LYS B 64 4.45 1.15 12.89
N ILE B 65 3.31 1.29 12.21
CA ILE B 65 2.59 0.16 11.62
C ILE B 65 2.74 0.21 10.10
N GLN B 66 2.90 -0.93 9.42
CA GLN B 66 3.09 -0.86 7.96
C GLN B 66 2.30 -1.89 7.15
N LEU B 67 2.19 -1.60 5.86
CA LEU B 67 1.54 -2.45 4.87
C LEU B 67 2.38 -2.37 3.59
N GLN B 68 2.90 -3.47 3.07
CA GLN B 68 3.76 -3.40 1.90
C GLN B 68 3.33 -4.30 0.77
N LEU B 69 3.65 -3.88 -0.44
CA LEU B 69 3.32 -4.62 -1.63
C LEU B 69 4.57 -4.99 -2.41
N VAL B 70 4.76 -6.27 -2.65
CA VAL B 70 5.88 -6.77 -3.41
C VAL B 70 5.46 -6.76 -4.87
N LEU B 71 6.05 -5.90 -5.66
CA LEU B 71 5.64 -5.78 -7.05
C LEU B 71 6.39 -6.74 -7.97
N HIS B 72 5.84 -6.91 -9.17
CA HIS B 72 6.41 -7.79 -10.19
C HIS B 72 7.78 -7.28 -10.65
N ALA B 73 8.06 -6.01 -10.40
CA ALA B 73 9.33 -5.42 -10.80
C ALA B 73 10.46 -5.87 -9.88
N GLY B 74 10.11 -6.45 -8.75
CA GLY B 74 11.10 -6.92 -7.81
C GLY B 74 11.28 -5.96 -6.65
N ASP B 75 10.55 -4.86 -6.70
CA ASP B 75 10.62 -3.85 -5.66
C ASP B 75 9.48 -4.04 -4.67
N THR B 76 9.55 -3.34 -3.54
CA THR B 76 8.52 -3.46 -2.53
C THR B 76 8.13 -2.08 -2.00
N THR B 77 6.83 -1.83 -1.91
CA THR B 77 6.34 -0.57 -1.40
C THR B 77 5.78 -0.75 0.01
N ASN B 78 6.57 -0.41 1.03
CA ASN B 78 6.11 -0.55 2.41
C ASN B 78 5.49 0.76 2.88
N PHE B 79 4.17 0.72 3.08
CA PHE B 79 3.41 1.88 3.50
C PHE B 79 3.37 1.99 5.02
N HIS B 80 3.86 3.10 5.52
CA HIS B 80 3.91 3.35 6.95
C HIS B 80 2.73 4.20 7.43
N PHE B 81 1.86 3.62 8.23
CA PHE B 81 0.71 4.36 8.78
C PHE B 81 1.15 5.04 10.06
N SER B 82 1.40 6.35 9.98
CA SER B 82 1.85 7.08 11.16
C SER B 82 0.71 7.77 11.90
N ASN B 83 -0.50 7.27 11.72
CA ASN B 83 -1.64 7.86 12.41
C ASN B 83 -1.98 7.01 13.61
N GLU B 84 -1.41 7.37 14.75
CA GLU B 84 -1.60 6.65 16.02
C GLU B 84 -3.07 6.34 16.31
N SER B 85 -3.97 7.18 15.82
CA SER B 85 -5.39 7.01 16.05
C SER B 85 -6.06 6.05 15.08
N THR B 86 -5.58 5.94 13.84
CA THR B 86 -6.24 5.08 12.85
C THR B 86 -5.30 4.13 12.11
N ALA B 87 -4.00 4.17 12.41
CA ALA B 87 -3.01 3.32 11.72
C ALA B 87 -3.44 1.88 11.63
N VAL B 88 -3.66 1.28 12.79
CA VAL B 88 -4.09 -0.11 12.89
C VAL B 88 -5.39 -0.36 12.10
N LYS B 89 -6.38 0.50 12.33
CA LYS B 89 -7.67 0.37 11.69
C LYS B 89 -7.61 0.52 10.18
N GLU B 90 -6.83 1.47 9.69
CA GLU B 90 -6.72 1.70 8.26
C GLU B 90 -5.80 0.67 7.62
N ARG B 91 -4.89 0.12 8.41
CA ARG B 91 -3.97 -0.90 7.91
C ARG B 91 -4.78 -2.12 7.47
N ASP B 92 -5.78 -2.47 8.27
CA ASP B 92 -6.65 -3.59 7.97
C ASP B 92 -7.58 -3.25 6.82
N ALA B 93 -8.07 -2.02 6.80
CA ALA B 93 -9.01 -1.57 5.76
C ALA B 93 -8.39 -1.66 4.37
N VAL B 94 -7.11 -1.34 4.29
CA VAL B 94 -6.39 -1.39 3.02
C VAL B 94 -6.11 -2.83 2.65
N LYS B 95 -5.61 -3.59 3.63
CA LYS B 95 -5.30 -5.00 3.44
C LYS B 95 -6.54 -5.72 2.92
N ASP B 96 -7.67 -5.42 3.55
CA ASP B 96 -8.95 -6.01 3.19
C ASP B 96 -9.28 -5.77 1.72
N LEU B 97 -9.25 -4.51 1.30
CA LEU B 97 -9.54 -4.17 -0.09
C LEU B 97 -8.51 -4.81 -1.01
N LEU B 98 -7.26 -4.83 -0.58
CA LEU B 98 -6.19 -5.40 -1.38
C LEU B 98 -6.33 -6.90 -1.57
N GLN B 99 -6.52 -7.63 -0.47
CA GLN B 99 -6.67 -9.08 -0.52
C GLN B 99 -7.90 -9.47 -1.34
N GLN B 100 -8.85 -8.56 -1.43
CA GLN B 100 -10.07 -8.81 -2.18
C GLN B 100 -9.92 -8.46 -3.66
N LEU B 101 -9.19 -7.39 -3.94
CA LEU B 101 -8.99 -6.93 -5.31
C LEU B 101 -7.84 -7.66 -6.02
N LEU B 102 -6.78 -7.96 -5.29
CA LEU B 102 -5.59 -8.62 -5.85
C LEU B 102 -5.93 -9.86 -6.69
N PRO B 103 -6.63 -10.87 -6.13
CA PRO B 103 -6.95 -12.10 -6.88
C PRO B 103 -7.76 -11.83 -8.15
N LYS B 104 -8.38 -10.66 -8.23
CA LYS B 104 -9.19 -10.30 -9.38
C LYS B 104 -8.36 -9.66 -10.49
N PHE B 105 -7.36 -8.88 -10.12
CA PHE B 105 -6.53 -8.20 -11.12
C PHE B 105 -5.21 -8.90 -11.38
N LYS B 106 -4.70 -9.62 -10.39
CA LYS B 106 -3.43 -10.31 -10.53
C LYS B 106 -3.55 -11.46 -11.54
N ARG B 107 -3.08 -11.20 -12.75
CA ARG B 107 -3.05 -12.17 -13.86
C ARG B 107 -4.44 -12.65 -14.25
N LYS B 108 -4.89 -12.21 -15.42
CA LYS B 108 -6.20 -12.61 -15.95
C LYS B 108 -6.08 -12.81 -17.46
N ALA B 109 -6.21 -11.72 -18.21
CA ALA B 109 -6.09 -11.77 -19.65
C ALA B 109 -4.74 -11.20 -20.04
N ASN B 110 -3.94 -11.00 -19.01
CA ASN B 110 -2.60 -10.46 -19.10
C ASN B 110 -1.98 -10.55 -17.72
N ASP A 1 22.47 5.64 -2.33
CA ASP A 1 22.02 6.96 -2.83
C ASP A 1 21.26 7.71 -1.73
N ASP A 2 20.09 7.21 -1.39
CA ASP A 2 19.28 7.83 -0.35
C ASP A 2 19.77 7.38 1.02
N LEU A 3 19.31 8.05 2.06
CA LEU A 3 19.72 7.72 3.43
C LEU A 3 18.56 7.94 4.40
N MET A 4 17.40 8.27 3.85
CA MET A 4 16.21 8.50 4.67
C MET A 4 15.00 7.82 4.03
N LEU A 5 14.86 6.54 4.29
CA LEU A 5 13.76 5.75 3.75
C LEU A 5 13.04 5.03 4.88
N PRO A 7 11.68 1.88 4.74
CA PRO A 7 12.11 0.48 4.85
C PRO A 7 13.52 0.36 5.44
N ASP A 8 13.83 1.24 6.41
CA ASP A 8 15.13 1.24 7.07
C ASP A 8 15.18 0.07 8.05
N ASP A 9 14.18 0.01 8.89
CA ASP A 9 14.01 -1.04 9.87
C ASP A 9 12.67 -1.70 9.58
N ILE A 10 12.63 -2.55 8.56
CA ILE A 10 11.38 -3.16 8.18
C ILE A 10 11.57 -4.37 7.27
N GLU A 11 11.15 -5.49 7.81
CA GLU A 11 11.07 -6.79 7.13
C GLU A 11 10.60 -7.84 8.12
N GLN A 12 9.70 -7.38 8.96
CA GLN A 12 9.02 -8.17 9.98
C GLN A 12 7.58 -8.07 9.64
N TRP A 13 7.22 -8.88 8.70
CA TRP A 13 5.89 -8.85 8.18
C TRP A 13 5.24 -10.20 8.24
N PHE A 14 3.99 -10.15 7.90
CA PHE A 14 3.17 -11.32 7.75
C PHE A 14 2.78 -11.27 6.32
N GLU A 16 0.88 -11.77 3.99
CA GLU A 16 -0.50 -12.14 3.71
C GLU A 16 -0.62 -12.89 2.40
N ASP A 17 -0.01 -12.35 1.37
CA ASP A 17 -0.02 -12.96 0.06
C ASP A 17 1.38 -13.44 -0.28
N PRO A 18 1.61 -14.75 -0.17
CA PRO A 18 2.89 -15.36 -0.48
C PRO A 18 2.90 -15.97 -1.88
N GLY A 19 2.38 -15.22 -2.84
CA GLY A 19 2.33 -15.69 -4.21
C GLY A 19 3.70 -15.92 -4.81
N PRO A 20 3.75 -16.66 -5.94
CA PRO A 20 5.02 -16.97 -6.63
C PRO A 20 5.89 -15.73 -6.83
N ASP A 21 7.17 -15.86 -6.53
CA ASP A 21 8.10 -14.75 -6.67
C ASP A 21 8.86 -14.85 -7.98
N GLU A 22 8.26 -15.55 -8.93
CA GLU A 22 8.85 -15.71 -10.24
C GLU A 22 8.43 -14.54 -11.14
N MET B 3 -14.71 9.60 -7.78
CA MET B 3 -16.03 10.25 -7.92
C MET B 3 -15.86 11.68 -8.43
N ALA B 4 -16.98 12.34 -8.70
CA ALA B 4 -16.99 13.73 -9.18
C ALA B 4 -16.19 13.88 -10.48
N THR B 5 -15.28 14.85 -10.51
CA THR B 5 -14.48 15.12 -11.69
C THR B 5 -13.37 14.10 -11.88
N SER B 6 -13.07 13.33 -10.84
CA SER B 6 -12.03 12.31 -10.92
C SER B 6 -12.48 11.18 -11.83
N SER B 7 -11.68 10.92 -12.86
CA SER B 7 -11.98 9.86 -13.83
C SER B 7 -11.65 8.47 -13.26
N GLU B 8 -11.92 8.31 -11.97
CA GLU B 8 -11.68 7.07 -11.26
C GLU B 8 -12.40 7.15 -9.92
N GLU B 9 -12.38 6.09 -9.15
CA GLU B 9 -13.05 6.09 -7.88
C GLU B 9 -12.08 5.83 -6.74
N VAL B 10 -12.25 6.55 -5.65
CA VAL B 10 -11.41 6.38 -4.50
C VAL B 10 -12.08 5.41 -3.55
N LEU B 11 -11.60 4.18 -3.59
CA LEU B 11 -12.14 3.10 -2.80
C LEU B 11 -11.78 3.28 -1.34
N LEU B 12 -10.58 3.77 -1.08
CA LEU B 12 -10.15 3.97 0.28
C LEU B 12 -9.24 5.18 0.42
N ILE B 13 -9.64 6.09 1.28
CA ILE B 13 -8.84 7.27 1.57
C ILE B 13 -8.18 7.12 2.92
N VAL B 14 -6.88 6.89 2.89
CA VAL B 14 -6.09 6.72 4.11
C VAL B 14 -5.28 7.99 4.34
N LYS B 15 -5.08 8.33 5.59
CA LYS B 15 -4.34 9.54 5.92
C LYS B 15 -3.09 9.27 6.72
N LYS B 16 -2.22 10.27 6.75
CA LYS B 16 -0.95 10.22 7.45
C LYS B 16 -0.17 8.96 7.12
N VAL B 17 -0.23 8.58 5.85
CA VAL B 17 0.50 7.41 5.39
C VAL B 17 1.84 7.87 4.86
N ARG B 18 2.91 7.39 5.45
CA ARG B 18 4.24 7.78 5.05
C ARG B 18 4.86 6.74 4.12
N GLN B 19 5.71 7.24 3.24
CA GLN B 19 6.41 6.42 2.28
C GLN B 19 7.74 7.07 1.99
N LYS B 20 8.83 6.35 2.25
CA LYS B 20 10.19 6.86 2.04
C LYS B 20 10.46 8.00 3.01
N LYS B 21 9.96 7.86 4.23
CA LYS B 21 10.11 8.84 5.30
C LYS B 21 9.43 10.15 4.91
N GLN B 22 8.31 10.03 4.21
CA GLN B 22 7.54 11.19 3.76
C GLN B 22 6.07 10.94 4.02
N ASP B 23 5.48 11.77 4.86
CA ASP B 23 4.06 11.63 5.21
C ASP B 23 3.16 12.17 4.12
N GLY B 24 2.08 11.45 3.87
CA GLY B 24 1.12 11.84 2.88
C GLY B 24 -0.23 11.19 3.10
N ALA B 25 -0.77 10.61 2.04
CA ALA B 25 -2.08 9.97 2.09
C ALA B 25 -2.14 8.82 1.10
N LEU B 26 -2.74 7.72 1.51
CA LEU B 26 -2.84 6.54 0.66
C LEU B 26 -4.24 6.48 0.06
N TYR B 27 -4.33 6.32 -1.24
CA TYR B 27 -5.62 6.26 -1.92
C TYR B 27 -5.78 4.98 -2.72
N LEU B 28 -6.82 4.22 -2.41
CA LEU B 28 -7.13 2.99 -3.13
C LEU B 28 -8.09 3.31 -4.26
N MET B 29 -7.83 2.79 -5.45
CA MET B 29 -8.68 3.04 -6.61
C MET B 29 -9.27 1.73 -7.14
N ALA B 30 -10.22 1.85 -8.07
CA ALA B 30 -10.94 0.70 -8.63
C ALA B 30 -10.03 -0.48 -8.98
N GLU B 31 -8.99 -0.24 -9.77
CA GLU B 31 -8.08 -1.32 -10.15
C GLU B 31 -6.64 -0.91 -9.92
N ARG B 32 -6.42 0.08 -9.07
CA ARG B 32 -5.06 0.56 -8.83
C ARG B 32 -4.91 1.21 -7.47
N ILE B 33 -3.69 1.27 -6.98
CA ILE B 33 -3.39 1.89 -5.71
C ILE B 33 -2.49 3.09 -5.95
N ALA B 34 -2.76 4.19 -5.27
CA ALA B 34 -1.98 5.40 -5.45
C ALA B 34 -1.64 6.05 -4.12
N TRP B 35 -0.58 6.85 -4.12
CA TRP B 35 -0.17 7.56 -2.92
C TRP B 35 0.37 8.94 -3.29
N ALA B 36 0.16 9.91 -2.40
CA ALA B 36 0.59 11.28 -2.60
C ALA B 36 1.00 11.91 -1.28
N PRO B 37 2.16 12.59 -1.24
CA PRO B 37 2.65 13.27 -0.03
C PRO B 37 1.71 14.38 0.41
N GLU B 38 1.86 14.83 1.66
CA GLU B 38 1.01 15.90 2.19
C GLU B 38 0.87 17.04 1.19
N GLY B 39 -0.33 17.60 1.12
CA GLY B 39 -0.63 18.62 0.15
C GLY B 39 -1.37 18.00 -1.02
N LYS B 40 -0.86 16.84 -1.44
CA LYS B 40 -1.42 16.04 -2.52
C LYS B 40 -1.76 16.86 -3.76
N ASP B 41 -0.72 17.28 -4.48
CA ASP B 41 -0.92 18.05 -5.69
C ASP B 41 -0.58 17.18 -6.90
N ARG B 42 -0.10 15.99 -6.60
CA ARG B 42 0.28 15.01 -7.60
C ARG B 42 0.52 13.65 -6.96
N PHE B 43 0.07 12.61 -7.63
CA PHE B 43 0.26 11.26 -7.13
C PHE B 43 1.66 10.78 -7.50
N THR B 44 2.45 10.44 -6.49
CA THR B 44 3.81 9.99 -6.70
C THR B 44 3.89 8.48 -6.83
N ILE B 45 2.78 7.81 -6.54
CA ILE B 45 2.72 6.37 -6.61
C ILE B 45 1.44 5.90 -7.28
N SER B 46 1.59 5.00 -8.23
CA SER B 46 0.48 4.41 -8.95
C SER B 46 0.84 2.98 -9.32
N HIS B 47 0.11 2.00 -8.80
CA HIS B 47 0.41 0.61 -9.05
C HIS B 47 -0.89 -0.12 -9.29
N MET B 48 -0.94 -0.84 -10.38
CA MET B 48 -2.12 -1.61 -10.71
C MET B 48 -2.14 -2.86 -9.84
N TYR B 49 -3.33 -3.26 -9.42
CA TYR B 49 -3.46 -4.48 -8.59
C TYR B 49 -2.93 -5.71 -9.30
N ALA B 50 -2.66 -5.60 -10.59
CA ALA B 50 -2.14 -6.72 -11.37
C ALA B 50 -0.62 -6.73 -11.32
N ASP B 51 -0.03 -5.58 -10.99
CA ASP B 51 1.42 -5.46 -10.92
C ASP B 51 1.88 -5.83 -9.52
N ILE B 52 0.92 -6.06 -8.64
CA ILE B 52 1.21 -6.43 -7.27
C ILE B 52 1.29 -7.94 -7.16
N LYS B 53 2.51 -8.43 -7.02
CA LYS B 53 2.79 -9.85 -6.94
C LYS B 53 2.40 -10.43 -5.58
N CYS B 54 2.68 -9.70 -4.50
CA CYS B 54 2.34 -10.16 -3.16
C CYS B 54 2.15 -8.99 -2.19
N GLN B 55 1.62 -9.25 -0.99
CA GLN B 55 1.41 -8.18 -0.02
C GLN B 55 1.75 -8.67 1.37
N LYS B 56 2.44 -7.82 2.13
CA LYS B 56 2.78 -8.16 3.49
C LYS B 56 2.16 -7.13 4.41
N ILE B 57 2.11 -7.45 5.68
CA ILE B 57 1.56 -6.51 6.68
C ILE B 57 2.42 -6.47 7.95
N SER B 58 2.91 -5.28 8.29
CA SER B 58 3.75 -5.11 9.48
C SER B 58 2.90 -4.95 10.73
N PRO B 59 3.13 -5.85 11.70
CA PRO B 59 2.42 -5.92 12.98
C PRO B 59 2.68 -4.73 13.90
N GLU B 60 1.94 -4.71 15.00
CA GLU B 60 2.09 -3.69 16.01
C GLU B 60 3.27 -4.04 16.91
N GLY B 61 3.84 -3.04 17.55
CA GLY B 61 4.98 -3.28 18.42
C GLY B 61 6.12 -2.34 18.11
N LYS B 62 6.15 -1.87 16.86
CA LYS B 62 7.16 -0.93 16.43
C LYS B 62 6.70 0.48 16.73
N ALA B 63 7.49 1.45 16.31
CA ALA B 63 7.13 2.84 16.49
C ALA B 63 6.34 3.29 15.27
N LYS B 64 6.00 2.32 14.43
CA LYS B 64 5.26 2.57 13.20
C LYS B 64 4.63 1.27 12.68
N ILE B 65 3.41 1.38 12.16
CA ILE B 65 2.67 0.24 11.61
C ILE B 65 2.76 0.27 10.08
N GLN B 66 2.91 -0.87 9.40
CA GLN B 66 3.05 -0.81 7.93
C GLN B 66 2.29 -1.88 7.16
N LEU B 67 2.15 -1.60 5.86
CA LEU B 67 1.52 -2.47 4.89
C LEU B 67 2.33 -2.38 3.59
N GLN B 68 2.90 -3.47 3.10
CA GLN B 68 3.74 -3.37 1.90
C GLN B 68 3.27 -4.29 0.79
N LEU B 69 3.53 -3.86 -0.42
CA LEU B 69 3.17 -4.61 -1.61
C LEU B 69 4.41 -4.94 -2.43
N VAL B 70 4.59 -6.22 -2.70
CA VAL B 70 5.70 -6.69 -3.52
C VAL B 70 5.22 -6.71 -4.95
N LEU B 71 5.80 -5.87 -5.79
CA LEU B 71 5.36 -5.80 -7.17
C LEU B 71 6.16 -6.73 -8.08
N HIS B 72 5.56 -7.07 -9.22
CA HIS B 72 6.18 -7.95 -10.21
C HIS B 72 7.51 -7.40 -10.71
N ALA B 73 7.65 -6.08 -10.64
CA ALA B 73 8.88 -5.43 -11.11
C ALA B 73 10.04 -5.64 -10.14
N GLY B 74 9.75 -6.24 -8.98
CA GLY B 74 10.79 -6.48 -8.00
C GLY B 74 10.82 -5.39 -6.95
N ASP B 75 10.09 -4.32 -7.20
CA ASP B 75 10.02 -3.20 -6.28
C ASP B 75 9.03 -3.50 -5.16
N THR B 76 9.22 -2.89 -4.01
CA THR B 76 8.34 -3.10 -2.88
C THR B 76 7.90 -1.77 -2.29
N THR B 77 6.61 -1.63 -2.04
CA THR B 77 6.07 -0.40 -1.49
C THR B 77 5.55 -0.62 -0.07
N ASN B 78 6.35 -0.27 0.94
CA ASN B 78 5.92 -0.43 2.33
C ASN B 78 5.26 0.87 2.80
N PHE B 79 3.98 0.77 3.09
CA PHE B 79 3.19 1.93 3.51
C PHE B 79 3.13 2.03 5.03
N HIS B 80 3.61 3.15 5.55
CA HIS B 80 3.63 3.40 6.99
C HIS B 80 2.41 4.23 7.42
N PHE B 81 1.61 3.67 8.32
CA PHE B 81 0.44 4.37 8.83
C PHE B 81 0.84 5.10 10.12
N SER B 82 1.15 6.38 10.01
CA SER B 82 1.55 7.16 11.17
C SER B 82 0.38 7.85 11.85
N ASN B 83 -0.81 7.29 11.67
CA ASN B 83 -1.99 7.87 12.28
C ASN B 83 -2.33 7.08 13.53
N GLU B 84 -1.80 7.53 14.65
CA GLU B 84 -1.96 6.88 15.96
C GLU B 84 -3.40 6.42 16.24
N SER B 85 -4.39 7.18 15.81
CA SER B 85 -5.77 6.85 16.07
C SER B 85 -6.40 5.93 15.01
N THR B 86 -5.82 5.84 13.82
CA THR B 86 -6.43 5.01 12.77
C THR B 86 -5.45 4.06 12.08
N ALA B 87 -4.19 4.10 12.46
CA ALA B 87 -3.15 3.27 11.84
C ALA B 87 -3.54 1.81 11.74
N VAL B 88 -3.75 1.19 12.88
CA VAL B 88 -4.14 -0.21 12.95
C VAL B 88 -5.41 -0.49 12.16
N LYS B 89 -6.40 0.37 12.37
CA LYS B 89 -7.71 0.24 11.73
C LYS B 89 -7.62 0.34 10.21
N GLU B 90 -6.89 1.34 9.73
CA GLU B 90 -6.76 1.54 8.30
C GLU B 90 -5.84 0.50 7.67
N ARG B 91 -4.83 0.06 8.42
CA ARG B 91 -3.91 -0.95 7.93
C ARG B 91 -4.67 -2.21 7.56
N ASP B 92 -5.69 -2.53 8.35
CA ASP B 92 -6.51 -3.71 8.08
C ASP B 92 -7.47 -3.43 6.93
N ALA B 93 -8.00 -2.22 6.89
CA ALA B 93 -8.96 -1.83 5.86
C ALA B 93 -8.33 -1.86 4.47
N VAL B 94 -7.09 -1.42 4.38
CA VAL B 94 -6.37 -1.40 3.12
C VAL B 94 -6.06 -2.82 2.70
N LYS B 95 -5.56 -3.59 3.65
CA LYS B 95 -5.23 -4.99 3.41
C LYS B 95 -6.46 -5.74 2.92
N ASP B 96 -7.56 -5.53 3.63
CA ASP B 96 -8.84 -6.14 3.32
C ASP B 96 -9.26 -5.87 1.89
N LEU B 97 -9.27 -4.60 1.50
CA LEU B 97 -9.65 -4.22 0.15
C LEU B 97 -8.67 -4.79 -0.86
N LEU B 98 -7.39 -4.69 -0.55
CA LEU B 98 -6.35 -5.17 -1.45
C LEU B 98 -6.42 -6.68 -1.66
N GLN B 99 -6.50 -7.43 -0.57
CA GLN B 99 -6.56 -8.89 -0.65
C GLN B 99 -7.82 -9.35 -1.37
N GLN B 100 -8.84 -8.50 -1.39
CA GLN B 100 -10.09 -8.82 -2.07
C GLN B 100 -10.03 -8.43 -3.54
N LEU B 101 -9.24 -7.41 -3.85
CA LEU B 101 -9.10 -6.91 -5.21
C LEU B 101 -8.00 -7.64 -5.98
N LEU B 102 -6.94 -8.03 -5.27
CA LEU B 102 -5.80 -8.70 -5.89
C LEU B 102 -6.17 -9.95 -6.70
N PRO B 103 -6.90 -10.94 -6.14
CA PRO B 103 -7.25 -12.18 -6.86
C PRO B 103 -7.97 -11.95 -8.19
N LYS B 104 -8.72 -10.87 -8.31
CA LYS B 104 -9.46 -10.61 -9.53
C LYS B 104 -8.62 -9.85 -10.57
N PHE B 105 -7.45 -9.36 -10.18
CA PHE B 105 -6.61 -8.61 -11.10
C PHE B 105 -5.27 -9.29 -11.34
N LYS B 106 -4.73 -9.93 -10.31
CA LYS B 106 -3.45 -10.61 -10.42
C LYS B 106 -3.58 -11.82 -11.34
N ARG B 107 -2.97 -11.71 -12.52
CA ARG B 107 -2.98 -12.76 -13.54
C ARG B 107 -4.32 -12.78 -14.28
N LYS B 108 -5.24 -11.89 -13.87
CA LYS B 108 -6.57 -11.77 -14.46
C LYS B 108 -7.50 -12.86 -13.95
N ALA B 109 -8.65 -12.44 -13.44
CA ALA B 109 -9.65 -13.35 -12.94
C ALA B 109 -10.12 -14.30 -14.02
N ASN B 110 -9.80 -15.58 -13.83
CA ASN B 110 -10.17 -16.66 -14.75
C ASN B 110 -9.14 -16.79 -15.88
N ASP A 1 16.86 15.78 2.33
CA ASP A 1 16.74 14.36 2.68
C ASP A 1 18.10 13.83 3.07
N ASP A 2 18.11 12.78 3.87
CA ASP A 2 19.37 12.20 4.36
C ASP A 2 19.14 10.81 4.95
N LEU A 3 18.83 10.75 6.23
CA LEU A 3 18.59 9.48 6.90
C LEU A 3 17.10 9.22 7.02
N MET A 4 16.32 10.01 6.28
CA MET A 4 14.87 9.89 6.29
C MET A 4 14.43 8.74 5.39
N LEU A 5 14.93 7.55 5.68
CA LEU A 5 14.61 6.37 4.91
C LEU A 5 13.75 5.41 5.74
N PRO A 7 13.34 1.96 5.08
CA PRO A 7 13.92 0.62 5.27
C PRO A 7 14.88 0.55 6.48
N ASP A 8 14.54 1.27 7.54
CA ASP A 8 15.34 1.30 8.76
C ASP A 8 14.75 0.32 9.77
N ASP A 9 13.44 0.21 9.73
CA ASP A 9 12.68 -0.67 10.61
C ASP A 9 11.61 -1.34 9.76
N ILE A 10 12.05 -2.24 8.88
CA ILE A 10 11.16 -2.89 7.99
C ILE A 10 11.77 -4.16 7.40
N GLU A 11 10.89 -5.15 7.36
CA GLU A 11 11.07 -6.51 6.82
C GLU A 11 10.94 -7.51 7.95
N GLN A 12 9.78 -7.41 8.58
CA GLN A 12 9.34 -8.22 9.68
C GLN A 12 7.85 -8.32 9.56
N TRP A 13 7.46 -8.74 8.39
CA TRP A 13 6.09 -8.85 8.04
C TRP A 13 5.62 -10.28 8.19
N PHE A 14 4.40 -10.53 7.75
CA PHE A 14 3.81 -11.85 7.82
C PHE A 14 3.47 -12.33 6.45
N GLU A 16 1.42 -12.09 3.98
CA GLU A 16 0.13 -12.76 3.73
C GLU A 16 0.21 -13.75 2.57
N ASP A 17 0.74 -13.27 1.46
CA ASP A 17 0.92 -14.10 0.29
C ASP A 17 2.35 -13.96 -0.19
N PRO A 18 3.08 -15.07 -0.32
CA PRO A 18 4.46 -15.05 -0.79
C PRO A 18 4.53 -15.13 -2.31
N GLY A 19 3.41 -15.54 -2.88
CA GLY A 19 3.29 -15.70 -4.31
C GLY A 19 4.07 -16.87 -4.86
N PRO A 20 3.54 -17.54 -5.91
CA PRO A 20 4.21 -18.67 -6.53
C PRO A 20 5.18 -18.22 -7.63
N ASP A 21 6.45 -18.15 -7.29
CA ASP A 21 7.49 -17.75 -8.24
C ASP A 21 7.94 -18.94 -9.06
N GLU A 22 7.76 -20.12 -8.48
CA GLU A 22 8.13 -21.36 -9.13
C GLU A 22 6.95 -22.33 -9.09
N MET B 3 -15.36 2.73 -12.55
CA MET B 3 -16.70 2.62 -13.20
C MET B 3 -16.55 2.46 -14.70
N ALA B 4 -16.13 3.53 -15.38
CA ALA B 4 -15.93 3.49 -16.83
C ALA B 4 -14.49 3.11 -17.15
N THR B 5 -13.99 3.55 -18.30
CA THR B 5 -12.61 3.26 -18.69
C THR B 5 -11.65 3.72 -17.60
N SER B 6 -11.62 5.02 -17.36
CA SER B 6 -10.80 5.59 -16.31
C SER B 6 -11.44 5.24 -14.97
N SER B 7 -11.07 4.08 -14.44
CA SER B 7 -11.65 3.63 -13.20
C SER B 7 -10.88 4.08 -11.97
N GLU B 8 -10.63 5.38 -11.86
CA GLU B 8 -9.93 5.93 -10.70
C GLU B 8 -10.91 6.02 -9.53
N GLU B 9 -11.58 4.92 -9.28
CA GLU B 9 -12.58 4.82 -8.23
C GLU B 9 -11.95 5.03 -6.87
N VAL B 10 -12.46 5.99 -6.14
CA VAL B 10 -11.95 6.26 -4.82
C VAL B 10 -12.61 5.30 -3.84
N LEU B 11 -11.95 4.18 -3.63
CA LEU B 11 -12.44 3.14 -2.75
C LEU B 11 -12.17 3.49 -1.31
N LEU B 12 -10.97 3.97 -1.05
CA LEU B 12 -10.59 4.32 0.31
C LEU B 12 -9.61 5.49 0.36
N ILE B 13 -9.94 6.47 1.17
CA ILE B 13 -9.07 7.61 1.39
C ILE B 13 -8.48 7.53 2.80
N VAL B 14 -7.21 7.20 2.87
CA VAL B 14 -6.54 7.09 4.16
C VAL B 14 -5.54 8.23 4.32
N LYS B 15 -5.57 8.90 5.46
CA LYS B 15 -4.66 10.00 5.68
C LYS B 15 -3.56 9.62 6.66
N LYS B 16 -2.61 10.53 6.83
CA LYS B 16 -1.46 10.32 7.71
C LYS B 16 -0.69 9.05 7.35
N VAL B 17 -0.74 8.70 6.08
CA VAL B 17 -0.01 7.52 5.60
C VAL B 17 1.34 7.98 5.07
N ARG B 18 2.40 7.47 5.65
CA ARG B 18 3.75 7.86 5.27
C ARG B 18 4.39 6.88 4.32
N GLN B 19 5.22 7.43 3.46
CA GLN B 19 5.98 6.68 2.48
C GLN B 19 7.39 7.26 2.46
N LYS B 20 8.34 6.53 3.05
CA LYS B 20 9.73 6.97 3.14
C LYS B 20 9.82 8.13 4.13
N LYS B 21 9.20 7.94 5.28
CA LYS B 21 9.17 8.94 6.35
C LYS B 21 8.54 10.26 5.90
N GLN B 22 7.69 10.19 4.88
CA GLN B 22 7.03 11.38 4.37
C GLN B 22 5.52 11.21 4.49
N ASP B 23 4.89 12.15 5.17
CA ASP B 23 3.45 12.13 5.38
C ASP B 23 2.69 12.38 4.10
N GLY B 24 1.64 11.61 3.90
CA GLY B 24 0.80 11.75 2.74
C GLY B 24 -0.53 11.09 2.96
N ALA B 25 -1.07 10.52 1.91
CA ALA B 25 -2.36 9.87 1.97
C ALA B 25 -2.42 8.69 1.04
N LEU B 26 -3.03 7.62 1.50
CA LEU B 26 -3.14 6.41 0.72
C LEU B 26 -4.54 6.34 0.12
N TYR B 27 -4.60 6.31 -1.19
CA TYR B 27 -5.87 6.26 -1.90
C TYR B 27 -6.06 4.92 -2.61
N LEU B 28 -7.08 4.18 -2.23
CA LEU B 28 -7.37 2.89 -2.85
C LEU B 28 -8.27 3.10 -4.05
N MET B 29 -7.87 2.57 -5.21
CA MET B 29 -8.66 2.72 -6.42
C MET B 29 -9.16 1.35 -6.89
N ALA B 30 -10.19 1.38 -7.73
CA ALA B 30 -10.84 0.18 -8.25
C ALA B 30 -9.88 -0.91 -8.72
N GLU B 31 -8.93 -0.57 -9.57
CA GLU B 31 -8.01 -1.54 -10.10
C GLU B 31 -6.57 -1.25 -9.73
N ARG B 32 -6.35 -0.26 -8.88
CA ARG B 32 -4.98 0.09 -8.52
C ARG B 32 -4.90 0.80 -7.18
N ILE B 33 -3.68 0.89 -6.67
CA ILE B 33 -3.43 1.57 -5.42
C ILE B 33 -2.60 2.83 -5.70
N ALA B 34 -2.92 3.92 -5.03
CA ALA B 34 -2.19 5.15 -5.25
C ALA B 34 -1.88 5.86 -3.94
N TRP B 35 -0.82 6.65 -3.94
CA TRP B 35 -0.42 7.40 -2.77
C TRP B 35 0.11 8.76 -3.18
N ALA B 36 -0.11 9.76 -2.34
CA ALA B 36 0.32 11.12 -2.60
C ALA B 36 0.73 11.78 -1.30
N PRO B 37 1.88 12.46 -1.27
CA PRO B 37 2.36 13.13 -0.06
C PRO B 37 1.51 14.35 0.31
N GLU B 38 1.43 14.64 1.60
CA GLU B 38 0.65 15.77 2.08
C GLU B 38 1.21 17.08 1.55
N GLY B 39 0.31 17.94 1.10
CA GLY B 39 0.70 19.22 0.56
C GLY B 39 0.93 19.15 -0.94
N LYS B 40 0.70 17.98 -1.52
CA LYS B 40 0.87 17.80 -2.95
C LYS B 40 -0.46 17.47 -3.61
N ASP B 41 -0.53 17.69 -4.91
CA ASP B 41 -1.75 17.45 -5.68
C ASP B 41 -1.56 16.29 -6.64
N ARG B 42 -0.30 15.97 -6.90
CA ARG B 42 0.03 14.89 -7.82
C ARG B 42 0.51 13.66 -7.08
N PHE B 43 -0.12 12.54 -7.40
CA PHE B 43 0.22 11.25 -6.81
C PHE B 43 1.63 10.83 -7.21
N THR B 44 2.32 10.17 -6.31
CA THR B 44 3.67 9.71 -6.57
C THR B 44 3.72 8.20 -6.74
N ILE B 45 2.66 7.53 -6.32
CA ILE B 45 2.59 6.09 -6.41
C ILE B 45 1.30 5.63 -7.08
N SER B 46 1.45 4.75 -8.06
CA SER B 46 0.33 4.18 -8.79
C SER B 46 0.70 2.76 -9.21
N HIS B 47 0.02 1.76 -8.67
CA HIS B 47 0.33 0.38 -8.99
C HIS B 47 -0.95 -0.39 -9.19
N MET B 48 -1.07 -1.04 -10.33
CA MET B 48 -2.24 -1.82 -10.64
C MET B 48 -2.19 -3.12 -9.86
N TYR B 49 -3.33 -3.57 -9.38
CA TYR B 49 -3.40 -4.82 -8.62
C TYR B 49 -2.80 -5.99 -9.40
N ALA B 50 -2.80 -5.90 -10.71
CA ALA B 50 -2.21 -6.92 -11.55
C ALA B 50 -0.68 -6.92 -11.39
N ASP B 51 -0.10 -5.72 -11.30
CA ASP B 51 1.36 -5.57 -11.14
C ASP B 51 1.78 -5.92 -9.72
N ILE B 52 0.82 -5.89 -8.81
CA ILE B 52 1.08 -6.23 -7.42
C ILE B 52 1.01 -7.74 -7.27
N LYS B 53 2.16 -8.37 -7.13
CA LYS B 53 2.25 -9.81 -7.02
C LYS B 53 1.78 -10.31 -5.65
N CYS B 54 2.31 -9.73 -4.57
CA CYS B 54 1.94 -10.16 -3.22
C CYS B 54 1.80 -8.99 -2.25
N GLN B 55 1.47 -9.29 -1.00
CA GLN B 55 1.30 -8.26 0.00
C GLN B 55 1.74 -8.74 1.37
N LYS B 56 2.34 -7.86 2.14
CA LYS B 56 2.78 -8.17 3.48
C LYS B 56 2.12 -7.22 4.46
N ILE B 57 2.27 -7.51 5.74
CA ILE B 57 1.72 -6.63 6.79
C ILE B 57 2.65 -6.51 7.99
N SER B 58 3.10 -5.29 8.29
CA SER B 58 3.97 -5.05 9.43
C SER B 58 3.17 -4.97 10.72
N PRO B 59 3.47 -5.89 11.65
CA PRO B 59 2.79 -6.04 12.95
C PRO B 59 3.03 -4.90 13.92
N GLU B 60 2.29 -4.95 15.03
CA GLU B 60 2.43 -3.98 16.12
C GLU B 60 3.70 -4.28 16.89
N GLY B 61 4.23 -3.27 17.57
CA GLY B 61 5.44 -3.47 18.35
C GLY B 61 6.54 -2.54 17.93
N LYS B 62 6.61 -2.25 16.63
CA LYS B 62 7.62 -1.35 16.12
C LYS B 62 7.18 0.09 16.36
N ALA B 63 7.98 1.03 15.87
CA ALA B 63 7.66 2.44 16.03
C ALA B 63 6.73 2.90 14.90
N LYS B 64 6.19 1.92 14.18
CA LYS B 64 5.29 2.19 13.07
C LYS B 64 4.54 0.93 12.66
N ILE B 65 3.40 1.13 12.00
CA ILE B 65 2.57 0.06 11.48
C ILE B 65 2.63 0.13 9.96
N GLN B 66 2.83 -0.99 9.25
CA GLN B 66 2.95 -0.88 7.78
C GLN B 66 2.20 -1.95 7.00
N LEU B 67 2.01 -1.63 5.73
CA LEU B 67 1.38 -2.51 4.73
C LEU B 67 2.20 -2.40 3.45
N GLN B 68 2.78 -3.48 2.96
CA GLN B 68 3.60 -3.36 1.76
C GLN B 68 3.17 -4.35 0.69
N LEU B 69 3.38 -3.95 -0.54
CA LEU B 69 3.02 -4.77 -1.68
C LEU B 69 4.25 -5.18 -2.47
N VAL B 70 4.34 -6.46 -2.77
CA VAL B 70 5.44 -7.01 -3.54
C VAL B 70 5.02 -7.00 -5.00
N LEU B 71 5.60 -6.11 -5.79
CA LEU B 71 5.22 -5.99 -7.18
C LEU B 71 6.00 -6.95 -8.08
N HIS B 72 5.43 -7.19 -9.26
CA HIS B 72 6.04 -8.09 -10.26
C HIS B 72 7.41 -7.58 -10.72
N ALA B 73 7.65 -6.29 -10.53
CA ALA B 73 8.92 -5.68 -10.94
C ALA B 73 10.01 -5.95 -9.91
N GLY B 74 9.65 -6.62 -8.81
CA GLY B 74 10.62 -6.92 -7.78
C GLY B 74 10.70 -5.82 -6.74
N ASP B 75 10.03 -4.71 -7.04
CA ASP B 75 10.00 -3.57 -6.14
C ASP B 75 8.96 -3.79 -5.06
N THR B 76 9.15 -3.15 -3.92
CA THR B 76 8.23 -3.30 -2.80
C THR B 76 7.81 -1.93 -2.28
N THR B 77 6.51 -1.75 -2.09
CA THR B 77 5.98 -0.49 -1.60
C THR B 77 5.44 -0.64 -0.19
N ASN B 78 6.22 -0.24 0.82
CA ASN B 78 5.79 -0.36 2.21
C ASN B 78 5.09 0.92 2.64
N PHE B 79 3.82 0.79 3.01
CA PHE B 79 3.02 1.93 3.45
C PHE B 79 3.01 2.02 4.96
N HIS B 80 3.55 3.12 5.47
CA HIS B 80 3.65 3.35 6.91
C HIS B 80 2.45 4.15 7.41
N PHE B 81 1.66 3.54 8.27
CA PHE B 81 0.50 4.22 8.84
C PHE B 81 0.92 4.92 10.13
N SER B 82 0.99 6.23 10.09
CA SER B 82 1.40 6.99 11.27
C SER B 82 0.22 7.63 11.98
N ASN B 83 -0.98 7.12 11.73
CA ASN B 83 -2.16 7.64 12.36
C ASN B 83 -2.29 7.02 13.74
N GLU B 84 -1.76 7.71 14.73
CA GLU B 84 -1.74 7.25 16.12
C GLU B 84 -3.04 6.57 16.55
N SER B 85 -4.16 7.17 16.19
CA SER B 85 -5.46 6.65 16.58
C SER B 85 -6.04 5.58 15.64
N THR B 86 -5.59 5.51 14.39
CA THR B 86 -6.21 4.56 13.45
C THR B 86 -5.22 3.69 12.66
N ALA B 87 -3.93 3.88 12.88
CA ALA B 87 -2.88 3.15 12.14
C ALA B 87 -3.18 1.66 12.00
N VAL B 88 -3.35 1.01 13.13
CA VAL B 88 -3.66 -0.42 13.17
C VAL B 88 -4.92 -0.75 12.36
N LYS B 89 -5.95 0.06 12.56
CA LYS B 89 -7.23 -0.12 11.89
C LYS B 89 -7.09 0.11 10.39
N GLU B 90 -6.39 1.17 10.02
CA GLU B 90 -6.18 1.52 8.62
C GLU B 90 -5.47 0.41 7.88
N ARG B 91 -4.41 -0.12 8.49
CA ARG B 91 -3.65 -1.20 7.88
C ARG B 91 -4.52 -2.37 7.49
N ASP B 92 -5.23 -2.91 8.47
CA ASP B 92 -6.09 -4.05 8.24
C ASP B 92 -7.23 -3.73 7.28
N ALA B 93 -7.70 -2.49 7.31
CA ALA B 93 -8.80 -2.07 6.45
C ALA B 93 -8.38 -2.03 4.99
N VAL B 94 -7.15 -1.60 4.77
CA VAL B 94 -6.59 -1.50 3.45
C VAL B 94 -6.19 -2.89 2.97
N LYS B 95 -5.57 -3.64 3.87
CA LYS B 95 -5.14 -5.01 3.60
C LYS B 95 -6.33 -5.81 3.09
N ASP B 96 -7.40 -5.73 3.85
CA ASP B 96 -8.64 -6.41 3.55
C ASP B 96 -9.15 -6.08 2.16
N LEU B 97 -9.24 -4.80 1.85
CA LEU B 97 -9.71 -4.38 0.54
C LEU B 97 -8.75 -4.84 -0.55
N LEU B 98 -7.45 -4.71 -0.30
CA LEU B 98 -6.44 -5.09 -1.27
C LEU B 98 -6.45 -6.59 -1.57
N GLN B 99 -6.45 -7.41 -0.52
CA GLN B 99 -6.45 -8.85 -0.69
C GLN B 99 -7.73 -9.33 -1.36
N GLN B 100 -8.78 -8.53 -1.25
CA GLN B 100 -10.05 -8.86 -1.87
C GLN B 100 -10.05 -8.42 -3.34
N LEU B 101 -9.26 -7.40 -3.64
CA LEU B 101 -9.16 -6.88 -4.99
C LEU B 101 -8.11 -7.60 -5.83
N LEU B 102 -7.03 -8.04 -5.18
CA LEU B 102 -5.93 -8.73 -5.86
C LEU B 102 -6.40 -9.88 -6.78
N PRO B 103 -7.15 -10.88 -6.27
CA PRO B 103 -7.60 -12.01 -7.09
C PRO B 103 -8.53 -11.61 -8.23
N LYS B 104 -8.97 -10.36 -8.22
CA LYS B 104 -9.85 -9.83 -9.25
C LYS B 104 -9.06 -9.30 -10.44
N PHE B 105 -7.79 -8.98 -10.20
CA PHE B 105 -6.94 -8.45 -11.25
C PHE B 105 -5.69 -9.30 -11.47
N LYS B 106 -5.50 -10.28 -10.60
CA LYS B 106 -4.39 -11.19 -10.71
C LYS B 106 -4.58 -12.14 -11.89
N ARG B 107 -3.91 -11.84 -12.99
CA ARG B 107 -4.01 -12.67 -14.19
C ARG B 107 -2.71 -12.61 -14.98
N LYS B 108 -2.66 -13.34 -16.08
CA LYS B 108 -1.49 -13.37 -16.92
C LYS B 108 -1.53 -12.23 -17.93
N ALA B 109 -0.36 -11.80 -18.39
CA ALA B 109 -0.29 -10.74 -19.38
C ALA B 109 -0.57 -11.30 -20.76
N ASN B 110 -1.65 -10.82 -21.37
CA ASN B 110 -2.07 -11.26 -22.70
C ASN B 110 -2.31 -12.77 -22.75
N ASP A 1 24.55 11.09 3.45
CA ASP A 1 23.60 10.23 2.70
C ASP A 1 22.18 10.73 2.92
N ASP A 2 21.21 10.04 2.34
CA ASP A 2 19.82 10.41 2.48
C ASP A 2 19.18 9.65 3.63
N LEU A 3 18.11 10.20 4.18
CA LEU A 3 17.41 9.57 5.30
C LEU A 3 15.93 9.40 5.00
N MET A 4 15.51 9.78 3.78
CA MET A 4 14.12 9.68 3.39
C MET A 4 13.77 8.27 2.91
N LEU A 5 14.32 7.27 3.59
CA LEU A 5 14.08 5.88 3.24
C LEU A 5 14.20 5.00 4.46
N PRO A 7 14.35 0.90 4.14
CA PRO A 7 14.26 -0.43 3.58
C PRO A 7 15.21 -1.41 4.27
N ASP A 8 15.57 -1.08 5.49
CA ASP A 8 16.49 -1.89 6.28
C ASP A 8 15.80 -2.36 7.54
N ASP A 9 15.24 -1.39 8.26
CA ASP A 9 14.52 -1.67 9.51
C ASP A 9 13.12 -2.14 9.23
N ILE A 10 12.95 -2.81 8.09
CA ILE A 10 11.65 -3.25 7.71
C ILE A 10 11.67 -4.46 6.79
N GLU A 11 11.34 -5.58 7.39
CA GLU A 11 11.16 -6.87 6.71
C GLU A 11 10.69 -7.89 7.73
N GLN A 12 9.90 -7.35 8.65
CA GLN A 12 9.26 -8.12 9.71
C GLN A 12 7.79 -8.00 9.44
N TRP A 13 7.38 -8.75 8.47
CA TRP A 13 6.04 -8.71 8.01
C TRP A 13 5.38 -10.06 8.05
N PHE A 14 4.10 -10.01 7.80
CA PHE A 14 3.29 -11.18 7.68
C PHE A 14 2.85 -11.16 6.26
N GLU A 16 0.96 -11.76 3.90
CA GLU A 16 -0.39 -12.21 3.62
C GLU A 16 -0.47 -12.96 2.29
N ASP A 17 0.24 -12.44 1.29
CA ASP A 17 0.26 -13.04 -0.02
C ASP A 17 1.69 -13.45 -0.38
N PRO A 18 1.90 -14.72 -0.68
CA PRO A 18 3.22 -15.25 -1.05
C PRO A 18 3.42 -15.45 -2.55
N GLY A 19 2.39 -15.23 -3.31
CA GLY A 19 2.49 -15.43 -4.75
C GLY A 19 1.15 -15.41 -5.46
N PRO A 20 0.53 -16.58 -5.64
CA PRO A 20 -0.76 -16.69 -6.32
C PRO A 20 -1.93 -16.33 -5.42
N ASP A 21 -2.65 -17.33 -4.99
CA ASP A 21 -3.79 -17.17 -4.11
C ASP A 21 -3.88 -18.36 -3.16
N GLU A 22 -2.75 -19.03 -3.00
CA GLU A 22 -2.66 -20.20 -2.13
C GLU A 22 -2.01 -19.79 -0.81
N MET B 3 -23.38 14.87 -18.62
CA MET B 3 -22.03 14.43 -18.19
C MET B 3 -22.15 13.58 -16.94
N ALA B 4 -21.18 12.70 -16.72
CA ALA B 4 -21.18 11.84 -15.55
C ALA B 4 -19.78 11.80 -14.93
N THR B 5 -19.62 11.05 -13.86
CA THR B 5 -18.34 10.94 -13.19
C THR B 5 -17.43 9.97 -13.92
N SER B 6 -16.96 10.38 -15.10
CA SER B 6 -16.08 9.56 -15.90
C SER B 6 -14.64 9.70 -15.41
N SER B 7 -14.37 9.13 -14.24
CA SER B 7 -13.04 9.17 -13.65
C SER B 7 -12.82 7.92 -12.80
N GLU B 8 -11.60 7.74 -12.31
CA GLU B 8 -11.27 6.58 -11.49
C GLU B 8 -12.07 6.60 -10.19
N GLU B 9 -12.45 5.42 -9.73
CA GLU B 9 -13.23 5.28 -8.52
C GLU B 9 -12.32 5.15 -7.30
N VAL B 10 -12.62 5.91 -6.26
CA VAL B 10 -11.84 5.85 -5.04
C VAL B 10 -12.48 4.85 -4.09
N LEU B 11 -11.73 3.83 -3.77
CA LEU B 11 -12.21 2.75 -2.92
C LEU B 11 -11.90 3.04 -1.46
N LEU B 12 -10.74 3.61 -1.21
CA LEU B 12 -10.35 3.91 0.15
C LEU B 12 -9.49 5.14 0.25
N ILE B 13 -9.79 5.96 1.23
CA ILE B 13 -9.01 7.15 1.50
C ILE B 13 -8.37 7.01 2.87
N VAL B 14 -7.07 6.76 2.88
CA VAL B 14 -6.33 6.59 4.10
C VAL B 14 -5.55 7.87 4.40
N LYS B 15 -5.49 8.25 5.65
CA LYS B 15 -4.81 9.48 6.04
C LYS B 15 -3.57 9.22 6.85
N LYS B 16 -2.76 10.26 7.00
CA LYS B 16 -1.51 10.23 7.74
C LYS B 16 -0.65 9.03 7.34
N VAL B 17 -0.68 8.68 6.06
CA VAL B 17 0.12 7.57 5.56
C VAL B 17 1.44 8.10 5.04
N ARG B 18 2.53 7.66 5.64
CA ARG B 18 3.84 8.10 5.24
C ARG B 18 4.53 7.06 4.37
N GLN B 19 5.05 7.50 3.26
CA GLN B 19 5.77 6.62 2.36
C GLN B 19 7.24 6.95 2.45
N LYS B 20 7.98 6.11 3.16
CA LYS B 20 9.43 6.31 3.35
C LYS B 20 9.69 7.67 4.00
N LYS B 21 9.22 7.80 5.22
CA LYS B 21 9.37 9.01 6.03
C LYS B 21 8.75 10.26 5.39
N GLN B 22 7.85 10.07 4.44
CA GLN B 22 7.18 11.20 3.80
C GLN B 22 5.70 11.13 4.10
N ASP B 23 5.19 12.14 4.80
CA ASP B 23 3.77 12.17 5.18
C ASP B 23 2.86 12.53 4.03
N GLY B 24 1.81 11.75 3.90
CA GLY B 24 0.83 11.96 2.88
C GLY B 24 -0.45 11.20 3.14
N ALA B 25 -1.05 10.68 2.08
CA ALA B 25 -2.29 9.95 2.19
C ALA B 25 -2.31 8.82 1.18
N LEU B 26 -2.89 7.71 1.58
CA LEU B 26 -2.96 6.53 0.73
C LEU B 26 -4.36 6.43 0.13
N TYR B 27 -4.43 6.35 -1.18
CA TYR B 27 -5.71 6.26 -1.87
C TYR B 27 -5.84 4.94 -2.65
N LEU B 28 -6.92 4.23 -2.40
CA LEU B 28 -7.19 2.97 -3.09
C LEU B 28 -8.13 3.24 -4.25
N MET B 29 -7.82 2.72 -5.42
CA MET B 29 -8.67 2.91 -6.59
C MET B 29 -9.11 1.57 -7.13
N ALA B 30 -10.17 1.61 -7.95
CA ALA B 30 -10.77 0.42 -8.54
C ALA B 30 -9.76 -0.56 -9.14
N GLU B 31 -8.85 -0.06 -9.96
CA GLU B 31 -7.89 -0.93 -10.63
C GLU B 31 -6.45 -0.70 -10.14
N ARG B 32 -6.24 0.20 -9.19
CA ARG B 32 -4.88 0.46 -8.74
C ARG B 32 -4.81 1.19 -7.41
N ILE B 33 -3.59 1.29 -6.89
CA ILE B 33 -3.34 1.98 -5.64
C ILE B 33 -2.51 3.22 -5.92
N ALA B 34 -2.66 4.26 -5.11
CA ALA B 34 -1.90 5.48 -5.31
C ALA B 34 -1.64 6.19 -3.99
N TRP B 35 -0.58 7.00 -3.97
CA TRP B 35 -0.21 7.74 -2.79
C TRP B 35 0.17 9.18 -3.16
N ALA B 36 -0.12 10.11 -2.26
CA ALA B 36 0.14 11.51 -2.46
C ALA B 36 0.50 12.16 -1.13
N PRO B 37 1.57 12.99 -1.06
CA PRO B 37 1.96 13.65 0.18
C PRO B 37 0.85 14.52 0.76
N GLU B 38 0.95 14.86 2.03
CA GLU B 38 -0.06 15.65 2.70
C GLU B 38 -0.17 17.05 2.08
N GLY B 39 -1.40 17.50 1.94
CA GLY B 39 -1.66 18.81 1.36
C GLY B 39 -1.33 18.87 -0.11
N LYS B 40 -1.50 17.75 -0.80
CA LYS B 40 -1.22 17.70 -2.21
C LYS B 40 -2.49 17.63 -3.03
N ASP B 41 -2.32 17.53 -4.33
CA ASP B 41 -3.42 17.49 -5.28
C ASP B 41 -3.26 16.31 -6.22
N ARG B 42 -2.05 16.16 -6.73
CA ARG B 42 -1.74 15.08 -7.66
C ARG B 42 -0.91 14.00 -6.97
N PHE B 43 -1.27 12.75 -7.25
CA PHE B 43 -0.58 11.60 -6.67
C PHE B 43 0.84 11.48 -7.20
N THR B 44 1.74 10.99 -6.37
CA THR B 44 3.13 10.83 -6.76
C THR B 44 3.46 9.40 -7.14
N ILE B 45 2.84 8.46 -6.44
CA ILE B 45 3.07 7.05 -6.69
C ILE B 45 1.76 6.32 -6.96
N SER B 46 1.78 5.42 -7.95
CA SER B 46 0.61 4.65 -8.30
C SER B 46 1.05 3.26 -8.79
N HIS B 47 0.32 2.22 -8.39
CA HIS B 47 0.65 0.85 -8.77
C HIS B 47 -0.62 0.10 -9.08
N MET B 48 -0.72 -0.45 -10.27
CA MET B 48 -1.89 -1.21 -10.67
C MET B 48 -1.90 -2.54 -9.96
N TYR B 49 -3.08 -2.97 -9.52
CA TYR B 49 -3.24 -4.26 -8.83
C TYR B 49 -2.74 -5.43 -9.67
N ALA B 50 -2.58 -5.20 -10.97
CA ALA B 50 -2.10 -6.23 -11.87
C ALA B 50 -0.58 -6.33 -11.83
N ASP B 51 0.07 -5.27 -11.38
CA ASP B 51 1.53 -5.24 -11.29
C ASP B 51 1.97 -5.59 -9.89
N ILE B 52 1.02 -5.74 -8.99
CA ILE B 52 1.31 -6.11 -7.62
C ILE B 52 1.13 -7.61 -7.46
N LYS B 53 2.22 -8.27 -7.08
CA LYS B 53 2.23 -9.72 -6.94
C LYS B 53 1.74 -10.17 -5.56
N CYS B 54 2.21 -9.50 -4.50
CA CYS B 54 1.81 -9.88 -3.14
C CYS B 54 1.72 -8.68 -2.21
N GLN B 55 1.37 -8.94 -0.95
CA GLN B 55 1.24 -7.89 0.04
C GLN B 55 1.63 -8.41 1.41
N LYS B 56 2.39 -7.62 2.13
CA LYS B 56 2.78 -7.98 3.47
C LYS B 56 2.19 -6.98 4.43
N ILE B 57 2.21 -7.31 5.71
CA ILE B 57 1.71 -6.40 6.72
C ILE B 57 2.60 -6.38 7.97
N SER B 58 3.16 -5.21 8.29
CA SER B 58 4.02 -5.07 9.46
C SER B 58 3.20 -4.86 10.71
N PRO B 59 3.41 -5.74 11.70
CA PRO B 59 2.68 -5.74 12.97
C PRO B 59 2.87 -4.46 13.79
N GLU B 60 1.87 -4.20 14.61
CA GLU B 60 1.90 -3.06 15.51
C GLU B 60 2.83 -3.38 16.67
N GLY B 61 3.34 -2.34 17.31
CA GLY B 61 4.25 -2.53 18.42
C GLY B 61 5.55 -1.81 18.16
N LYS B 62 5.90 -1.69 16.89
CA LYS B 62 7.09 -0.96 16.49
C LYS B 62 6.77 0.51 16.51
N ALA B 63 7.76 1.34 16.19
CA ALA B 63 7.55 2.78 16.13
C ALA B 63 6.85 3.15 14.82
N LYS B 64 6.25 2.13 14.20
CA LYS B 64 5.56 2.29 12.93
C LYS B 64 4.72 1.05 12.62
N ILE B 65 3.61 1.27 11.92
CA ILE B 65 2.72 0.20 11.47
C ILE B 65 2.73 0.26 9.95
N GLN B 66 2.98 -0.85 9.26
CA GLN B 66 3.09 -0.75 7.79
C GLN B 66 2.36 -1.81 7.00
N LEU B 67 2.18 -1.49 5.73
CA LEU B 67 1.55 -2.34 4.72
C LEU B 67 2.39 -2.24 3.45
N GLN B 68 2.96 -3.32 2.96
CA GLN B 68 3.81 -3.22 1.78
C GLN B 68 3.34 -4.13 0.65
N LEU B 69 3.60 -3.69 -0.56
CA LEU B 69 3.22 -4.43 -1.75
C LEU B 69 4.43 -4.96 -2.49
N VAL B 70 4.41 -6.25 -2.77
CA VAL B 70 5.48 -6.91 -3.50
C VAL B 70 5.07 -6.98 -4.96
N LEU B 71 5.67 -6.14 -5.79
CA LEU B 71 5.30 -6.10 -7.19
C LEU B 71 5.98 -7.21 -7.99
N HIS B 72 5.46 -7.43 -9.20
CA HIS B 72 6.00 -8.46 -10.09
C HIS B 72 7.43 -8.15 -10.52
N ALA B 73 7.80 -6.87 -10.42
CA ALA B 73 9.13 -6.44 -10.81
C ALA B 73 10.15 -6.65 -9.68
N GLY B 74 9.68 -7.12 -8.54
CA GLY B 74 10.56 -7.35 -7.41
C GLY B 74 10.61 -6.18 -6.46
N ASP B 75 10.13 -5.03 -6.93
CA ASP B 75 10.11 -3.81 -6.14
C ASP B 75 9.05 -3.93 -5.03
N THR B 76 9.27 -3.24 -3.93
CA THR B 76 8.35 -3.30 -2.80
C THR B 76 8.04 -1.90 -2.26
N THR B 77 6.76 -1.63 -2.06
CA THR B 77 6.32 -0.34 -1.53
C THR B 77 5.75 -0.52 -0.11
N ASN B 78 6.54 -0.16 0.90
CA ASN B 78 6.08 -0.30 2.29
C ASN B 78 5.39 0.98 2.77
N PHE B 79 4.09 0.89 2.97
CA PHE B 79 3.28 2.02 3.43
C PHE B 79 3.28 2.11 4.95
N HIS B 80 3.76 3.22 5.48
CA HIS B 80 3.83 3.44 6.92
C HIS B 80 2.69 4.32 7.43
N PHE B 81 1.77 3.75 8.19
CA PHE B 81 0.66 4.51 8.74
C PHE B 81 1.11 5.21 10.01
N SER B 82 1.00 6.52 10.05
CA SER B 82 1.43 7.26 11.23
C SER B 82 0.24 7.85 11.98
N ASN B 83 -0.93 7.28 11.77
CA ASN B 83 -2.13 7.74 12.46
C ASN B 83 -2.16 7.12 13.86
N GLU B 84 -2.16 7.94 14.87
CA GLU B 84 -2.11 7.46 16.25
C GLU B 84 -3.28 6.55 16.60
N SER B 85 -4.48 7.09 16.57
CA SER B 85 -5.66 6.32 16.92
C SER B 85 -6.26 5.60 15.72
N THR B 86 -5.62 5.67 14.56
CA THR B 86 -6.20 5.04 13.38
C THR B 86 -5.23 4.18 12.56
N ALA B 87 -3.93 4.20 12.87
CA ALA B 87 -2.94 3.41 12.11
C ALA B 87 -3.37 1.96 11.97
N VAL B 88 -3.66 1.34 13.10
CA VAL B 88 -4.08 -0.05 13.13
C VAL B 88 -5.37 -0.26 12.34
N LYS B 89 -6.34 0.62 12.54
CA LYS B 89 -7.63 0.52 11.87
C LYS B 89 -7.50 0.73 10.37
N GLU B 90 -6.75 1.74 9.97
CA GLU B 90 -6.56 2.04 8.57
C GLU B 90 -5.71 0.96 7.90
N ARG B 91 -4.82 0.34 8.68
CA ARG B 91 -3.97 -0.72 8.18
C ARG B 91 -4.80 -1.88 7.66
N ASP B 92 -5.75 -2.31 8.49
CA ASP B 92 -6.62 -3.42 8.15
C ASP B 92 -7.56 -3.09 7.01
N ALA B 93 -8.00 -1.84 6.95
CA ALA B 93 -8.93 -1.40 5.91
C ALA B 93 -8.30 -1.51 4.53
N VAL B 94 -7.01 -1.25 4.48
CA VAL B 94 -6.26 -1.31 3.23
C VAL B 94 -5.91 -2.76 2.92
N LYS B 95 -5.44 -3.45 3.96
CA LYS B 95 -5.09 -4.86 3.87
C LYS B 95 -6.25 -5.65 3.27
N ASP B 96 -7.41 -5.48 3.88
CA ASP B 96 -8.64 -6.13 3.49
C ASP B 96 -9.03 -5.82 2.05
N LEU B 97 -9.11 -4.55 1.71
CA LEU B 97 -9.49 -4.16 0.35
C LEU B 97 -8.48 -4.66 -0.67
N LEU B 98 -7.20 -4.55 -0.35
CA LEU B 98 -6.16 -4.97 -1.27
C LEU B 98 -6.16 -6.47 -1.52
N GLN B 99 -6.24 -7.26 -0.44
CA GLN B 99 -6.24 -8.72 -0.58
C GLN B 99 -7.48 -9.19 -1.32
N GLN B 100 -8.53 -8.39 -1.29
CA GLN B 100 -9.77 -8.72 -1.98
C GLN B 100 -9.70 -8.28 -3.44
N LEU B 101 -8.90 -7.27 -3.71
CA LEU B 101 -8.75 -6.72 -5.06
C LEU B 101 -7.68 -7.43 -5.88
N LEU B 102 -6.46 -7.48 -5.33
CA LEU B 102 -5.28 -8.05 -6.00
C LEU B 102 -5.53 -9.34 -6.81
N PRO B 103 -6.02 -10.44 -6.19
CA PRO B 103 -6.25 -11.72 -6.90
C PRO B 103 -7.08 -11.58 -8.18
N LYS B 104 -7.94 -10.58 -8.23
CA LYS B 104 -8.80 -10.39 -9.39
C LYS B 104 -8.14 -9.53 -10.48
N PHE B 105 -6.93 -9.04 -10.23
CA PHE B 105 -6.26 -8.19 -11.23
C PHE B 105 -4.86 -8.68 -11.55
N LYS B 106 -4.27 -9.51 -10.69
CA LYS B 106 -2.90 -10.02 -10.88
C LYS B 106 -2.63 -10.44 -12.33
N ARG B 107 -1.94 -9.55 -13.05
CA ARG B 107 -1.59 -9.74 -14.46
C ARG B 107 -2.83 -9.80 -15.35
N LYS B 108 -3.64 -10.84 -15.18
CA LYS B 108 -4.86 -11.02 -15.97
C LYS B 108 -5.72 -12.11 -15.36
N ALA B 109 -6.95 -11.78 -15.02
CA ALA B 109 -7.88 -12.74 -14.43
C ALA B 109 -8.68 -13.46 -15.50
N ASN B 110 -8.12 -13.48 -16.70
CA ASN B 110 -8.74 -14.12 -17.85
C ASN B 110 -7.69 -14.38 -18.90
N ASP A 1 22.77 5.01 4.13
CA ASP A 1 23.10 6.31 3.49
C ASP A 1 22.12 7.37 3.92
N ASP A 2 21.00 7.49 3.21
CA ASP A 2 19.98 8.46 3.54
C ASP A 2 19.12 7.94 4.69
N LEU A 3 18.13 8.72 5.09
CA LEU A 3 17.24 8.34 6.18
C LEU A 3 15.81 8.15 5.68
N MET A 4 15.56 8.55 4.43
CA MET A 4 14.22 8.43 3.85
C MET A 4 13.98 7.02 3.31
N LEU A 5 14.68 6.05 3.86
CA LEU A 5 14.54 4.67 3.42
C LEU A 5 13.84 3.84 4.48
N PRO A 7 13.19 0.43 4.29
CA PRO A 7 13.81 -0.88 4.51
C PRO A 7 15.14 -0.79 5.28
N ASP A 8 15.21 0.18 6.19
CA ASP A 8 16.39 0.36 7.02
C ASP A 8 16.32 -0.62 8.19
N ASP A 9 15.12 -0.80 8.69
CA ASP A 9 14.82 -1.72 9.77
C ASP A 9 13.39 -2.18 9.61
N ILE A 10 13.13 -2.92 8.55
CA ILE A 10 11.80 -3.38 8.27
C ILE A 10 11.77 -4.53 7.28
N GLU A 11 11.37 -5.66 7.82
CA GLU A 11 11.13 -6.91 7.10
C GLU A 11 10.57 -7.93 8.07
N GLN A 12 9.79 -7.39 8.98
CA GLN A 12 9.07 -8.14 10.00
C GLN A 12 7.62 -8.00 9.64
N TRP A 13 7.23 -8.83 8.72
CA TRP A 13 5.92 -8.76 8.20
C TRP A 13 5.21 -10.08 8.23
N PHE A 14 3.95 -9.99 7.92
CA PHE A 14 3.10 -11.12 7.77
C PHE A 14 2.70 -11.07 6.34
N GLU A 16 0.79 -11.56 4.02
CA GLU A 16 -0.60 -11.90 3.73
C GLU A 16 -0.74 -12.60 2.38
N ASP A 17 -0.13 -12.02 1.38
CA ASP A 17 -0.15 -12.58 0.04
C ASP A 17 1.27 -12.87 -0.38
N PRO A 18 1.61 -14.15 -0.59
CA PRO A 18 2.95 -14.56 -1.01
C PRO A 18 3.19 -14.31 -2.49
N GLY A 19 2.12 -13.91 -3.14
CA GLY A 19 2.17 -13.63 -4.56
C GLY A 19 2.39 -14.87 -5.39
N PRO A 20 1.33 -15.61 -5.73
CA PRO A 20 1.45 -16.82 -6.55
C PRO A 20 2.02 -16.53 -7.93
N ASP A 21 3.15 -17.15 -8.23
CA ASP A 21 3.81 -16.96 -9.52
C ASP A 21 3.12 -17.80 -10.59
N GLU A 22 2.50 -18.88 -10.14
CA GLU A 22 1.79 -19.78 -11.01
C GLU A 22 0.31 -19.81 -10.60
N MET B 3 -7.74 3.99 -14.90
CA MET B 3 -6.61 3.84 -15.85
C MET B 3 -6.91 4.59 -17.15
N ALA B 4 -5.89 5.30 -17.66
CA ALA B 4 -6.00 6.08 -18.89
C ALA B 4 -7.03 7.20 -18.74
N THR B 5 -8.28 6.89 -19.03
CA THR B 5 -9.36 7.86 -18.92
C THR B 5 -9.75 8.03 -17.45
N SER B 6 -10.04 9.26 -17.06
CA SER B 6 -10.44 9.55 -15.69
C SER B 6 -11.82 8.99 -15.41
N SER B 7 -11.87 7.78 -14.87
CA SER B 7 -13.11 7.11 -14.56
C SER B 7 -12.90 6.07 -13.46
N GLU B 8 -11.86 6.24 -12.68
CA GLU B 8 -11.55 5.32 -11.60
C GLU B 8 -12.07 5.87 -10.26
N GLU B 9 -12.94 5.10 -9.62
CA GLU B 9 -13.51 5.51 -8.35
C GLU B 9 -12.54 5.26 -7.20
N VAL B 10 -12.66 6.09 -6.17
CA VAL B 10 -11.83 5.94 -4.99
C VAL B 10 -12.51 4.98 -4.04
N LEU B 11 -11.78 3.95 -3.65
CA LEU B 11 -12.29 2.92 -2.78
C LEU B 11 -12.00 3.24 -1.34
N LEU B 12 -10.82 3.77 -1.08
CA LEU B 12 -10.45 4.08 0.28
C LEU B 12 -9.53 5.29 0.34
N ILE B 13 -9.79 6.14 1.31
CA ILE B 13 -8.96 7.31 1.54
C ILE B 13 -8.32 7.21 2.92
N VAL B 14 -7.03 6.92 2.92
CA VAL B 14 -6.27 6.78 4.14
C VAL B 14 -5.48 8.06 4.40
N LYS B 15 -5.37 8.45 5.65
CA LYS B 15 -4.66 9.68 5.99
C LYS B 15 -3.42 9.43 6.83
N LYS B 16 -2.60 10.47 6.92
CA LYS B 16 -1.34 10.44 7.67
C LYS B 16 -0.52 9.20 7.33
N VAL B 17 -0.51 8.84 6.07
CA VAL B 17 0.26 7.69 5.61
C VAL B 17 1.60 8.16 5.07
N ARG B 18 2.67 7.67 5.65
CA ARG B 18 4.00 8.05 5.23
C ARG B 18 4.58 7.01 4.31
N GLN B 19 5.15 7.46 3.21
CA GLN B 19 5.77 6.56 2.27
C GLN B 19 7.23 6.93 2.16
N LYS B 20 8.08 6.14 2.82
CA LYS B 20 9.51 6.38 2.83
C LYS B 20 9.85 7.60 3.67
N LYS B 21 9.40 7.57 4.91
CA LYS B 21 9.63 8.62 5.91
C LYS B 21 9.00 9.97 5.56
N GLN B 22 8.08 10.02 4.59
CA GLN B 22 7.45 11.30 4.23
C GLN B 22 5.93 11.20 4.38
N ASP B 23 5.35 12.20 5.03
CA ASP B 23 3.91 12.23 5.29
C ASP B 23 3.09 12.49 4.04
N GLY B 24 1.97 11.80 3.96
CA GLY B 24 1.06 11.94 2.86
C GLY B 24 -0.25 11.23 3.14
N ALA B 25 -0.84 10.69 2.08
CA ALA B 25 -2.10 10.00 2.19
C ALA B 25 -2.17 8.85 1.21
N LEU B 26 -2.75 7.75 1.64
CA LEU B 26 -2.85 6.57 0.81
C LEU B 26 -4.26 6.48 0.22
N TYR B 27 -4.33 6.45 -1.10
CA TYR B 27 -5.62 6.37 -1.79
C TYR B 27 -5.77 5.07 -2.55
N LEU B 28 -6.88 4.38 -2.33
CA LEU B 28 -7.16 3.13 -3.03
C LEU B 28 -8.16 3.40 -4.14
N MET B 29 -7.85 2.99 -5.36
CA MET B 29 -8.78 3.19 -6.45
C MET B 29 -9.19 1.86 -7.05
N ALA B 30 -10.21 1.94 -7.88
CA ALA B 30 -10.82 0.78 -8.53
C ALA B 30 -9.82 -0.22 -9.12
N GLU B 31 -8.86 0.27 -9.88
CA GLU B 31 -7.90 -0.63 -10.51
C GLU B 31 -6.47 -0.44 -10.01
N ARG B 32 -6.26 0.45 -9.05
CA ARG B 32 -4.89 0.67 -8.59
C ARG B 32 -4.81 1.40 -7.25
N ILE B 33 -3.62 1.35 -6.68
CA ILE B 33 -3.34 2.01 -5.42
C ILE B 33 -2.42 3.21 -5.69
N ALA B 34 -2.62 4.29 -4.97
CA ALA B 34 -1.81 5.49 -5.18
C ALA B 34 -1.51 6.21 -3.87
N TRP B 35 -0.44 6.97 -3.87
CA TRP B 35 -0.04 7.73 -2.69
C TRP B 35 0.36 9.14 -3.09
N ALA B 36 0.08 10.10 -2.22
CA ALA B 36 0.38 11.50 -2.45
C ALA B 36 0.75 12.17 -1.13
N PRO B 37 1.81 12.97 -1.08
CA PRO B 37 2.24 13.64 0.15
C PRO B 37 1.14 14.53 0.74
N GLU B 38 1.27 14.83 2.03
CA GLU B 38 0.28 15.62 2.74
C GLU B 38 0.11 17.00 2.11
N GLY B 39 -1.13 17.42 2.01
CA GLY B 39 -1.44 18.71 1.43
C GLY B 39 -1.22 18.76 -0.07
N LYS B 40 -1.03 17.60 -0.70
CA LYS B 40 -0.81 17.56 -2.12
C LYS B 40 -1.94 16.86 -2.85
N ASP B 41 -2.03 17.17 -4.13
CA ASP B 41 -3.05 16.66 -5.03
C ASP B 41 -2.45 15.84 -6.14
N ARG B 42 -1.13 15.78 -6.17
CA ARG B 42 -0.41 15.03 -7.19
C ARG B 42 0.13 13.73 -6.63
N PHE B 43 -0.43 12.63 -7.08
CA PHE B 43 0.00 11.31 -6.65
C PHE B 43 1.39 10.99 -7.20
N THR B 44 2.26 10.53 -6.32
CA THR B 44 3.62 10.18 -6.70
C THR B 44 3.72 8.68 -6.92
N ILE B 45 2.88 7.97 -6.20
CA ILE B 45 2.84 6.52 -6.26
C ILE B 45 1.59 6.04 -6.99
N SER B 46 1.76 5.15 -7.95
CA SER B 46 0.66 4.59 -8.71
C SER B 46 0.99 3.16 -9.09
N HIS B 47 0.28 2.20 -8.51
CA HIS B 47 0.54 0.80 -8.80
C HIS B 47 -0.77 0.06 -9.02
N MET B 48 -0.94 -0.45 -10.23
CA MET B 48 -2.15 -1.19 -10.56
C MET B 48 -2.12 -2.53 -9.88
N TYR B 49 -3.29 -2.96 -9.39
CA TYR B 49 -3.41 -4.25 -8.71
C TYR B 49 -2.93 -5.42 -9.58
N ALA B 50 -2.78 -5.18 -10.87
CA ALA B 50 -2.32 -6.20 -11.81
C ALA B 50 -0.81 -6.29 -11.81
N ASP B 51 -0.15 -5.35 -11.14
CA ASP B 51 1.29 -5.34 -11.06
C ASP B 51 1.75 -5.52 -9.63
N ILE B 52 0.80 -5.81 -8.76
CA ILE B 52 1.10 -6.05 -7.37
C ILE B 52 1.01 -7.56 -7.12
N LYS B 53 2.18 -8.17 -7.04
CA LYS B 53 2.30 -9.60 -6.88
C LYS B 53 1.97 -10.08 -5.46
N CYS B 54 2.56 -9.45 -4.44
CA CYS B 54 2.32 -9.89 -3.06
C CYS B 54 2.03 -8.71 -2.14
N GLN B 55 1.57 -9.00 -0.91
CA GLN B 55 1.31 -7.95 0.06
C GLN B 55 1.66 -8.44 1.45
N LYS B 56 2.42 -7.64 2.17
CA LYS B 56 2.79 -7.99 3.52
C LYS B 56 2.22 -6.95 4.46
N ILE B 57 2.18 -7.27 5.73
CA ILE B 57 1.68 -6.31 6.72
C ILE B 57 2.56 -6.32 7.99
N SER B 58 3.10 -5.15 8.34
CA SER B 58 3.93 -5.03 9.53
C SER B 58 3.06 -4.84 10.77
N PRO B 59 3.23 -5.75 11.75
CA PRO B 59 2.45 -5.77 13.00
C PRO B 59 2.69 -4.55 13.88
N GLU B 60 1.87 -4.45 14.91
CA GLU B 60 1.97 -3.37 15.87
C GLU B 60 2.98 -3.76 16.95
N GLY B 61 4.06 -3.02 17.01
CA GLY B 61 5.11 -3.28 17.97
C GLY B 61 6.22 -2.27 17.82
N LYS B 62 6.47 -1.91 16.57
CA LYS B 62 7.47 -0.91 16.26
C LYS B 62 6.84 0.46 16.47
N ALA B 63 7.63 1.52 16.35
CA ALA B 63 7.10 2.87 16.52
C ALA B 63 6.36 3.30 15.26
N LYS B 64 6.15 2.35 14.36
CA LYS B 64 5.46 2.59 13.11
C LYS B 64 4.83 1.30 12.59
N ILE B 65 3.59 1.38 12.15
CA ILE B 65 2.86 0.24 11.60
C ILE B 65 2.94 0.32 10.07
N GLN B 66 3.10 -0.82 9.38
CA GLN B 66 3.23 -0.73 7.91
C GLN B 66 2.45 -1.79 7.14
N LEU B 67 2.30 -1.50 5.86
CA LEU B 67 1.63 -2.35 4.88
C LEU B 67 2.42 -2.26 3.58
N GLN B 68 2.99 -3.35 3.09
CA GLN B 68 3.82 -3.27 1.89
C GLN B 68 3.33 -4.19 0.78
N LEU B 69 3.59 -3.76 -0.44
CA LEU B 69 3.20 -4.52 -1.61
C LEU B 69 4.42 -4.92 -2.42
N VAL B 70 4.50 -6.20 -2.74
CA VAL B 70 5.58 -6.74 -3.55
C VAL B 70 5.09 -6.72 -4.99
N LEU B 71 5.69 -5.87 -5.81
CA LEU B 71 5.23 -5.75 -7.19
C LEU B 71 5.90 -6.75 -8.11
N HIS B 72 5.32 -6.89 -9.30
CA HIS B 72 5.83 -7.82 -10.33
C HIS B 72 7.18 -7.35 -10.86
N ALA B 73 7.51 -6.08 -10.61
CA ALA B 73 8.77 -5.53 -11.08
C ALA B 73 9.93 -5.99 -10.20
N GLY B 74 9.61 -6.52 -9.04
CA GLY B 74 10.63 -7.00 -8.13
C GLY B 74 10.88 -6.05 -6.98
N ASP B 75 10.22 -4.89 -7.01
CA ASP B 75 10.36 -3.89 -5.97
C ASP B 75 9.25 -4.05 -4.93
N THR B 76 9.40 -3.35 -3.81
CA THR B 76 8.43 -3.43 -2.73
C THR B 76 8.09 -2.05 -2.20
N THR B 77 6.79 -1.79 -2.04
CA THR B 77 6.32 -0.52 -1.53
C THR B 77 5.77 -0.66 -0.11
N ASN B 78 6.56 -0.30 0.90
CA ASN B 78 6.11 -0.41 2.29
C ASN B 78 5.46 0.90 2.72
N PHE B 79 4.17 0.81 3.08
CA PHE B 79 3.38 1.97 3.49
C PHE B 79 3.36 2.10 5.01
N HIS B 80 3.74 3.25 5.52
CA HIS B 80 3.78 3.52 6.94
C HIS B 80 2.55 4.31 7.39
N PHE B 81 1.74 3.71 8.25
CA PHE B 81 0.55 4.38 8.75
C PHE B 81 0.87 5.14 10.03
N SER B 82 1.20 6.42 9.91
CA SER B 82 1.53 7.22 11.08
C SER B 82 0.27 7.90 11.62
N ASN B 83 -0.73 7.08 11.88
CA ASN B 83 -2.00 7.56 12.42
C ASN B 83 -2.20 7.04 13.82
N GLU B 84 -1.90 7.87 14.80
CA GLU B 84 -2.02 7.51 16.21
C GLU B 84 -3.45 7.11 16.56
N SER B 85 -4.41 7.58 15.79
CA SER B 85 -5.80 7.27 16.04
C SER B 85 -6.28 5.98 15.37
N THR B 86 -6.03 5.83 14.07
CA THR B 86 -6.51 4.64 13.37
C THR B 86 -5.45 3.97 12.47
N ALA B 87 -4.18 4.05 12.82
CA ALA B 87 -3.12 3.42 12.01
C ALA B 87 -3.40 1.94 11.81
N VAL B 88 -3.61 1.23 12.91
CA VAL B 88 -3.89 -0.20 12.87
C VAL B 88 -5.18 -0.50 12.10
N LYS B 89 -6.22 0.26 12.41
CA LYS B 89 -7.52 0.06 11.78
C LYS B 89 -7.50 0.43 10.29
N GLU B 90 -6.77 1.49 9.93
CA GLU B 90 -6.71 1.90 8.54
C GLU B 90 -5.88 0.90 7.76
N ARG B 91 -4.85 0.35 8.42
CA ARG B 91 -3.96 -0.63 7.83
C ARG B 91 -4.73 -1.83 7.31
N ASP B 92 -5.52 -2.43 8.19
CA ASP B 92 -6.30 -3.62 7.86
C ASP B 92 -7.35 -3.33 6.81
N ALA B 93 -7.90 -2.13 6.85
CA ALA B 93 -8.94 -1.73 5.89
C ALA B 93 -8.37 -1.73 4.48
N VAL B 94 -7.10 -1.40 4.38
CA VAL B 94 -6.39 -1.36 3.10
C VAL B 94 -5.96 -2.77 2.74
N LYS B 95 -5.40 -3.45 3.72
CA LYS B 95 -4.93 -4.83 3.59
C LYS B 95 -6.05 -5.69 3.00
N ASP B 96 -7.20 -5.56 3.61
CA ASP B 96 -8.40 -6.28 3.22
C ASP B 96 -8.81 -5.95 1.79
N LEU B 97 -9.00 -4.66 1.51
CA LEU B 97 -9.41 -4.22 0.18
C LEU B 97 -8.42 -4.69 -0.88
N LEU B 98 -7.13 -4.61 -0.57
CA LEU B 98 -6.09 -5.02 -1.50
C LEU B 98 -6.10 -6.51 -1.77
N GLN B 99 -6.06 -7.32 -0.72
CA GLN B 99 -6.04 -8.78 -0.87
C GLN B 99 -7.30 -9.29 -1.56
N GLN B 100 -8.38 -8.52 -1.46
CA GLN B 100 -9.62 -8.91 -2.10
C GLN B 100 -9.61 -8.61 -3.60
N LEU B 101 -8.94 -7.53 -3.96
CA LEU B 101 -8.86 -7.10 -5.35
C LEU B 101 -7.69 -7.74 -6.10
N LEU B 102 -6.56 -7.84 -5.43
CA LEU B 102 -5.32 -8.37 -6.02
C LEU B 102 -5.49 -9.64 -6.88
N PRO B 103 -6.08 -10.74 -6.34
CA PRO B 103 -6.24 -11.99 -7.11
C PRO B 103 -7.05 -11.83 -8.39
N LYS B 104 -7.85 -10.78 -8.44
CA LYS B 104 -8.70 -10.52 -9.60
C LYS B 104 -7.96 -9.74 -10.68
N PHE B 105 -6.97 -8.94 -10.26
CA PHE B 105 -6.25 -8.11 -11.21
C PHE B 105 -4.88 -8.67 -11.59
N LYS B 106 -4.18 -9.32 -10.66
CA LYS B 106 -2.86 -9.85 -10.99
C LYS B 106 -2.95 -10.97 -12.02
N ARG B 107 -2.67 -10.59 -13.26
CA ARG B 107 -2.71 -11.49 -14.41
C ARG B 107 -1.59 -11.10 -15.36
N LYS B 108 -0.55 -11.93 -15.45
CA LYS B 108 0.58 -11.61 -16.33
C LYS B 108 1.11 -12.85 -17.04
N ALA B 109 1.72 -13.76 -16.28
CA ALA B 109 2.26 -14.98 -16.87
C ALA B 109 1.29 -16.13 -16.67
N ASN B 110 0.14 -15.76 -16.16
CA ASN B 110 -0.95 -16.68 -15.86
C ASN B 110 -2.05 -15.87 -15.22
N ASP A 1 19.23 0.95 8.98
CA ASP A 1 18.29 1.74 9.80
C ASP A 1 17.80 2.94 9.01
N ASP A 2 17.64 4.08 9.67
CA ASP A 2 17.13 5.28 8.99
C ASP A 2 18.23 5.98 8.20
N LEU A 3 18.21 5.76 6.90
CA LEU A 3 19.15 6.40 6.00
C LEU A 3 18.39 7.26 5.02
N MET A 4 17.42 8.01 5.56
CA MET A 4 16.54 8.89 4.77
C MET A 4 15.49 8.05 4.06
N LEU A 5 15.44 6.79 4.46
CA LEU A 5 14.52 5.80 3.93
C LEU A 5 14.46 4.64 4.93
N PRO A 7 13.91 1.03 4.36
CA PRO A 7 13.81 -0.26 3.70
C PRO A 7 14.81 -1.25 4.27
N ASP A 8 15.19 -1.02 5.51
CA ASP A 8 16.16 -1.85 6.20
C ASP A 8 15.55 -2.41 7.48
N ASP A 9 15.08 -1.49 8.33
CA ASP A 9 14.45 -1.86 9.59
C ASP A 9 13.01 -2.24 9.38
N ILE A 10 12.75 -2.93 8.30
CA ILE A 10 11.41 -3.31 7.99
C ILE A 10 11.34 -4.55 7.10
N GLU A 11 11.00 -5.64 7.75
CA GLU A 11 10.76 -6.94 7.11
C GLU A 11 10.18 -7.89 8.14
N GLN A 12 9.42 -7.28 9.05
CA GLN A 12 8.70 -7.97 10.09
C GLN A 12 7.24 -7.82 9.75
N TRP A 13 6.85 -8.63 8.81
CA TRP A 13 5.54 -8.56 8.29
C TRP A 13 4.83 -9.88 8.34
N PHE A 14 3.58 -9.80 7.98
CA PHE A 14 2.72 -10.95 7.84
C PHE A 14 2.35 -10.93 6.41
N GLU A 16 0.49 -11.44 4.02
CA GLU A 16 -0.90 -11.79 3.70
C GLU A 16 -1.00 -12.56 2.39
N ASP A 17 -0.31 -12.06 1.39
CA ASP A 17 -0.29 -12.70 0.09
C ASP A 17 1.15 -13.03 -0.27
N PRO A 18 1.44 -14.29 -0.64
CA PRO A 18 2.78 -14.72 -0.98
C PRO A 18 3.06 -14.76 -2.48
N GLY A 19 2.16 -14.23 -3.27
CA GLY A 19 2.35 -14.25 -4.71
C GLY A 19 1.04 -14.32 -5.48
N PRO A 20 1.09 -14.10 -6.80
CA PRO A 20 -0.08 -14.12 -7.67
C PRO A 20 -0.61 -15.53 -7.93
N ASP A 21 -0.78 -16.29 -6.85
CA ASP A 21 -1.28 -17.65 -6.92
C ASP A 21 -0.33 -18.51 -7.75
N GLU A 22 0.91 -18.57 -7.30
CA GLU A 22 1.95 -19.35 -7.96
C GLU A 22 1.93 -20.78 -7.44
N MET B 3 -11.15 9.89 -11.53
CA MET B 3 -11.73 11.04 -12.27
C MET B 3 -10.63 12.05 -12.58
N ALA B 4 -10.82 12.84 -13.65
CA ALA B 4 -9.85 13.86 -14.07
C ALA B 4 -8.65 13.24 -14.79
N THR B 5 -7.96 12.34 -14.12
CA THR B 5 -6.81 11.67 -14.70
C THR B 5 -7.26 10.72 -15.81
N SER B 6 -8.25 9.89 -15.50
CA SER B 6 -8.82 8.98 -16.49
C SER B 6 -10.28 8.71 -16.15
N SER B 7 -10.53 7.67 -15.37
CA SER B 7 -11.88 7.30 -14.99
C SER B 7 -11.86 6.40 -13.77
N GLU B 8 -10.88 6.62 -12.91
CA GLU B 8 -10.72 5.82 -11.70
C GLU B 8 -11.60 6.34 -10.59
N GLU B 9 -11.90 5.48 -9.63
CA GLU B 9 -12.74 5.83 -8.50
C GLU B 9 -11.91 5.71 -7.21
N VAL B 10 -12.27 6.48 -6.21
CA VAL B 10 -11.55 6.44 -4.95
C VAL B 10 -12.31 5.55 -3.98
N LEU B 11 -11.76 4.38 -3.74
CA LEU B 11 -12.34 3.39 -2.85
C LEU B 11 -12.06 3.73 -1.41
N LEU B 12 -10.81 4.06 -1.13
CA LEU B 12 -10.44 4.36 0.23
C LEU B 12 -9.42 5.49 0.32
N ILE B 13 -9.71 6.46 1.17
CA ILE B 13 -8.81 7.55 1.42
C ILE B 13 -8.23 7.40 2.81
N VAL B 14 -6.97 7.02 2.87
CA VAL B 14 -6.27 6.83 4.12
C VAL B 14 -5.43 8.05 4.42
N LYS B 15 -5.32 8.40 5.68
CA LYS B 15 -4.56 9.58 6.08
C LYS B 15 -3.38 9.20 6.95
N LYS B 16 -2.50 10.17 7.15
CA LYS B 16 -1.31 10.00 7.95
C LYS B 16 -0.46 8.83 7.45
N VAL B 17 -0.57 8.56 6.15
CA VAL B 17 0.19 7.48 5.55
C VAL B 17 1.51 8.01 5.01
N ARG B 18 2.61 7.48 5.51
CA ARG B 18 3.91 7.93 5.10
C ARG B 18 4.61 6.91 4.21
N GLN B 19 5.55 7.40 3.43
CA GLN B 19 6.35 6.59 2.55
C GLN B 19 7.77 7.12 2.63
N LYS B 20 8.71 6.28 3.10
CA LYS B 20 10.11 6.68 3.29
C LYS B 20 10.17 7.98 4.09
N LYS B 21 9.66 7.89 5.33
CA LYS B 21 9.55 8.99 6.29
C LYS B 21 9.00 10.28 5.69
N GLN B 22 8.04 10.12 4.77
CA GLN B 22 7.38 11.26 4.15
C GLN B 22 5.89 11.07 4.29
N ASP B 23 5.23 11.96 5.00
CA ASP B 23 3.80 11.85 5.26
C ASP B 23 2.94 12.34 4.11
N GLY B 24 1.82 11.64 3.93
CA GLY B 24 0.87 11.95 2.91
C GLY B 24 -0.44 11.22 3.13
N ALA B 25 -1.01 10.69 2.06
CA ALA B 25 -2.27 9.99 2.15
C ALA B 25 -2.31 8.85 1.15
N LEU B 26 -2.92 7.75 1.54
CA LEU B 26 -3.00 6.56 0.70
C LEU B 26 -4.39 6.50 0.06
N TYR B 27 -4.43 6.36 -1.25
CA TYR B 27 -5.70 6.30 -1.97
C TYR B 27 -5.87 4.94 -2.68
N LEU B 28 -6.98 4.28 -2.39
CA LEU B 28 -7.29 2.99 -3.00
C LEU B 28 -8.22 3.19 -4.19
N MET B 29 -7.92 2.55 -5.31
CA MET B 29 -8.75 2.65 -6.51
C MET B 29 -9.12 1.25 -6.99
N ALA B 30 -10.18 1.16 -7.78
CA ALA B 30 -10.71 -0.10 -8.30
C ALA B 30 -9.65 -1.05 -8.84
N GLU B 31 -8.77 -0.57 -9.69
CA GLU B 31 -7.76 -1.43 -10.29
C GLU B 31 -6.33 -1.03 -9.90
N ARG B 32 -6.19 -0.06 -9.01
CA ARG B 32 -4.84 0.36 -8.64
C ARG B 32 -4.79 1.04 -7.28
N ILE B 33 -3.57 1.17 -6.77
CA ILE B 33 -3.33 1.82 -5.50
C ILE B 33 -2.43 3.03 -5.75
N ALA B 34 -2.74 4.14 -5.10
CA ALA B 34 -1.97 5.35 -5.29
C ALA B 34 -1.67 6.05 -3.96
N TRP B 35 -0.58 6.81 -3.94
CA TRP B 35 -0.19 7.55 -2.75
C TRP B 35 0.35 8.92 -3.14
N ALA B 36 0.09 9.91 -2.30
CA ALA B 36 0.53 11.27 -2.53
C ALA B 36 0.87 11.96 -1.22
N PRO B 37 2.02 12.64 -1.15
CA PRO B 37 2.46 13.36 0.07
C PRO B 37 1.46 14.46 0.42
N GLU B 38 1.52 14.97 1.65
CA GLU B 38 0.60 16.02 2.07
C GLU B 38 0.56 17.13 1.02
N GLY B 39 -0.66 17.58 0.73
CA GLY B 39 -0.88 18.56 -0.31
C GLY B 39 -1.37 17.85 -1.55
N LYS B 40 -0.88 16.63 -1.73
CA LYS B 40 -1.23 15.74 -2.83
C LYS B 40 -0.94 16.36 -4.19
N ASP B 41 -2.01 16.75 -4.91
CA ASP B 41 -1.91 17.35 -6.23
C ASP B 41 -1.55 16.28 -7.27
N ARG B 42 -0.37 15.71 -7.11
CA ARG B 42 0.11 14.70 -8.03
C ARG B 42 0.52 13.44 -7.29
N PHE B 43 -0.13 12.34 -7.63
CA PHE B 43 0.18 11.06 -7.01
C PHE B 43 1.59 10.61 -7.40
N THR B 44 2.44 10.42 -6.42
CA THR B 44 3.81 10.00 -6.67
C THR B 44 3.89 8.48 -6.75
N ILE B 45 2.86 7.83 -6.26
CA ILE B 45 2.79 6.38 -6.24
C ILE B 45 1.55 5.90 -6.97
N SER B 46 1.74 5.04 -7.95
CA SER B 46 0.65 4.47 -8.72
C SER B 46 1.02 3.05 -9.15
N HIS B 47 0.31 2.06 -8.63
CA HIS B 47 0.60 0.68 -8.96
C HIS B 47 -0.70 -0.08 -9.14
N MET B 48 -0.87 -0.68 -10.29
CA MET B 48 -2.06 -1.45 -10.55
C MET B 48 -1.98 -2.76 -9.80
N TYR B 49 -3.12 -3.23 -9.33
CA TYR B 49 -3.17 -4.51 -8.60
C TYR B 49 -2.65 -5.66 -9.46
N ALA B 50 -2.50 -5.41 -10.76
CA ALA B 50 -2.01 -6.41 -11.68
C ALA B 50 -0.49 -6.35 -11.78
N ASP B 51 0.09 -5.33 -11.16
CA ASP B 51 1.54 -5.16 -11.15
C ASP B 51 2.08 -5.55 -9.79
N ILE B 52 1.19 -5.99 -8.93
CA ILE B 52 1.55 -6.40 -7.59
C ILE B 52 1.61 -7.92 -7.51
N LYS B 53 2.70 -8.43 -6.97
CA LYS B 53 2.90 -9.86 -6.82
C LYS B 53 2.33 -10.36 -5.51
N CYS B 54 2.67 -9.69 -4.41
CA CYS B 54 2.21 -10.09 -3.08
C CYS B 54 2.05 -8.87 -2.17
N GLN B 55 1.45 -9.06 -0.99
CA GLN B 55 1.27 -7.96 -0.06
C GLN B 55 1.57 -8.42 1.36
N LYS B 56 2.29 -7.59 2.09
CA LYS B 56 2.60 -7.89 3.46
C LYS B 56 1.99 -6.83 4.34
N ILE B 57 1.88 -7.13 5.63
CA ILE B 57 1.35 -6.15 6.57
C ILE B 57 2.15 -6.13 7.89
N SER B 58 2.72 -4.97 8.23
CA SER B 58 3.48 -4.83 9.47
C SER B 58 2.57 -4.51 10.65
N PRO B 59 2.73 -5.30 11.73
CA PRO B 59 1.93 -5.21 12.96
C PRO B 59 2.09 -3.90 13.74
N GLU B 60 1.19 -3.70 14.71
CA GLU B 60 1.23 -2.54 15.59
C GLU B 60 2.16 -2.86 16.76
N GLY B 61 2.70 -1.85 17.40
CA GLY B 61 3.60 -2.08 18.52
C GLY B 61 4.95 -1.45 18.26
N LYS B 62 5.33 -1.36 17.00
CA LYS B 62 6.61 -0.75 16.64
C LYS B 62 6.46 0.76 16.68
N ALA B 63 7.52 1.47 16.31
CA ALA B 63 7.48 2.92 16.27
C ALA B 63 6.74 3.37 15.02
N LYS B 64 6.17 2.39 14.32
CA LYS B 64 5.44 2.63 13.09
C LYS B 64 4.69 1.37 12.66
N ILE B 65 3.62 1.56 11.90
CA ILE B 65 2.80 0.47 11.37
C ILE B 65 2.88 0.53 9.86
N GLN B 66 2.88 -0.61 9.16
CA GLN B 66 3.03 -0.53 7.71
C GLN B 66 2.23 -1.59 6.92
N LEU B 67 2.08 -1.30 5.63
CA LEU B 67 1.42 -2.16 4.66
C LEU B 67 2.27 -2.12 3.38
N GLN B 68 2.79 -3.24 2.90
CA GLN B 68 3.65 -3.18 1.72
C GLN B 68 3.19 -4.09 0.61
N LEU B 69 3.50 -3.66 -0.60
CA LEU B 69 3.16 -4.40 -1.80
C LEU B 69 4.42 -4.82 -2.53
N VAL B 70 4.58 -6.12 -2.69
CA VAL B 70 5.73 -6.67 -3.39
C VAL B 70 5.34 -6.88 -4.84
N LEU B 71 5.97 -6.16 -5.75
CA LEU B 71 5.61 -6.26 -7.15
C LEU B 71 6.37 -7.40 -7.83
N HIS B 72 5.86 -7.85 -8.98
CA HIS B 72 6.51 -8.94 -9.73
C HIS B 72 7.92 -8.55 -10.16
N ALA B 73 8.16 -7.25 -10.26
CA ALA B 73 9.47 -6.74 -10.68
C ALA B 73 10.49 -6.79 -9.56
N GLY B 74 10.06 -7.18 -8.36
CA GLY B 74 10.97 -7.26 -7.25
C GLY B 74 10.91 -6.02 -6.38
N ASP B 75 10.30 -4.96 -6.90
CA ASP B 75 10.17 -3.70 -6.18
C ASP B 75 9.14 -3.86 -5.06
N THR B 76 9.32 -3.09 -3.99
CA THR B 76 8.43 -3.18 -2.85
C THR B 76 8.05 -1.79 -2.34
N THR B 77 6.75 -1.58 -2.12
CA THR B 77 6.26 -0.32 -1.61
C THR B 77 5.68 -0.50 -0.21
N ASN B 78 6.46 -0.15 0.82
CA ASN B 78 6.01 -0.29 2.19
C ASN B 78 5.36 1.01 2.67
N PHE B 79 4.07 0.96 2.91
CA PHE B 79 3.30 2.12 3.36
C PHE B 79 3.33 2.21 4.87
N HIS B 80 3.86 3.31 5.37
CA HIS B 80 4.01 3.53 6.80
C HIS B 80 2.82 4.32 7.37
N PHE B 81 1.90 3.62 8.03
CA PHE B 81 0.75 4.25 8.66
C PHE B 81 1.23 4.88 9.97
N SER B 82 1.17 6.20 10.07
CA SER B 82 1.66 6.86 11.27
C SER B 82 0.54 7.44 12.12
N ASN B 83 -0.69 6.96 11.95
CA ASN B 83 -1.79 7.47 12.76
C ASN B 83 -1.95 6.61 14.00
N GLU B 84 -1.46 7.11 15.12
CA GLU B 84 -1.49 6.40 16.40
C GLU B 84 -2.88 5.81 16.70
N SER B 85 -3.91 6.52 16.30
CA SER B 85 -5.27 6.10 16.56
C SER B 85 -5.82 5.13 15.51
N THR B 86 -5.42 5.26 14.24
CA THR B 86 -5.97 4.40 13.19
C THR B 86 -4.91 3.76 12.29
N ALA B 87 -3.71 3.54 12.79
CA ALA B 87 -2.66 2.96 11.95
C ALA B 87 -3.00 1.55 11.51
N VAL B 88 -2.99 0.59 12.44
CA VAL B 88 -3.33 -0.79 12.09
C VAL B 88 -4.80 -0.89 11.70
N LYS B 89 -5.60 -0.01 12.27
CA LYS B 89 -7.02 0.03 12.01
C LYS B 89 -7.28 0.32 10.53
N GLU B 90 -6.60 1.33 10.00
CA GLU B 90 -6.74 1.68 8.60
C GLU B 90 -5.92 0.73 7.76
N ARG B 91 -4.83 0.23 8.36
CA ARG B 91 -3.94 -0.72 7.71
C ARG B 91 -4.71 -1.98 7.33
N ASP B 92 -5.55 -2.44 8.24
CA ASP B 92 -6.36 -3.63 8.00
C ASP B 92 -7.48 -3.35 7.01
N ALA B 93 -8.04 -2.14 7.07
CA ALA B 93 -9.13 -1.76 6.17
C ALA B 93 -8.63 -1.75 4.72
N VAL B 94 -7.39 -1.34 4.56
CA VAL B 94 -6.75 -1.28 3.25
C VAL B 94 -6.37 -2.68 2.82
N LYS B 95 -5.76 -3.41 3.76
CA LYS B 95 -5.33 -4.78 3.54
C LYS B 95 -6.51 -5.61 3.06
N ASP B 96 -7.64 -5.41 3.70
CA ASP B 96 -8.87 -6.10 3.37
C ASP B 96 -9.32 -5.81 1.96
N LEU B 97 -9.40 -4.54 1.60
CA LEU B 97 -9.80 -4.15 0.27
C LEU B 97 -8.81 -4.68 -0.77
N LEU B 98 -7.52 -4.60 -0.43
CA LEU B 98 -6.47 -5.05 -1.32
C LEU B 98 -6.51 -6.56 -1.54
N GLN B 99 -6.57 -7.33 -0.45
CA GLN B 99 -6.60 -8.79 -0.55
C GLN B 99 -7.84 -9.26 -1.31
N GLN B 100 -8.87 -8.43 -1.33
CA GLN B 100 -10.10 -8.76 -2.03
C GLN B 100 -10.00 -8.41 -3.52
N LEU B 101 -9.24 -7.37 -3.83
CA LEU B 101 -9.07 -6.91 -5.20
C LEU B 101 -7.93 -7.64 -5.93
N LEU B 102 -6.79 -7.74 -5.25
CA LEU B 102 -5.57 -8.37 -5.80
C LEU B 102 -5.79 -9.65 -6.60
N PRO B 103 -6.46 -10.70 -6.04
CA PRO B 103 -6.68 -11.97 -6.73
C PRO B 103 -7.24 -11.84 -8.14
N LYS B 104 -8.04 -10.80 -8.38
CA LYS B 104 -8.64 -10.60 -9.69
C LYS B 104 -7.75 -9.80 -10.63
N PHE B 105 -6.62 -9.33 -10.15
CA PHE B 105 -5.73 -8.54 -10.99
C PHE B 105 -4.30 -9.07 -11.02
N LYS B 106 -3.82 -9.61 -9.90
CA LYS B 106 -2.44 -10.10 -9.83
C LYS B 106 -2.16 -11.15 -10.92
N ARG B 107 -1.39 -10.73 -11.91
CA ARG B 107 -1.03 -11.55 -13.05
C ARG B 107 -0.12 -12.70 -12.67
N LYS B 108 -0.31 -13.85 -13.29
CA LYS B 108 0.51 -15.02 -13.02
C LYS B 108 1.69 -15.05 -13.98
N ALA B 109 1.37 -14.95 -15.26
CA ALA B 109 2.38 -14.96 -16.32
C ALA B 109 1.80 -14.29 -17.55
N ASN B 110 1.27 -13.09 -17.35
CA ASN B 110 0.65 -12.32 -18.42
C ASN B 110 0.70 -10.84 -18.08
N ASP A 1 15.14 2.82 9.31
CA ASP A 1 15.71 4.18 9.41
C ASP A 1 14.60 5.23 9.40
N ASP A 2 14.94 6.47 9.75
CA ASP A 2 13.97 7.56 9.75
C ASP A 2 14.61 8.81 9.18
N LEU A 3 15.68 8.61 8.42
CA LEU A 3 16.39 9.71 7.79
C LEU A 3 16.08 9.78 6.30
N MET A 4 16.25 8.66 5.60
CA MET A 4 15.99 8.63 4.17
C MET A 4 15.40 7.30 3.69
N LEU A 5 15.26 6.36 4.59
CA LEU A 5 14.70 5.06 4.25
C LEU A 5 13.78 4.56 5.36
N PRO A 7 11.91 0.90 4.77
CA PRO A 7 11.89 -0.56 4.68
C PRO A 7 13.27 -1.21 4.88
N ASP A 8 14.09 -0.62 5.73
CA ASP A 8 15.41 -1.16 6.00
C ASP A 8 15.39 -1.96 7.30
N ASP A 9 14.75 -1.40 8.32
CA ASP A 9 14.62 -2.06 9.61
C ASP A 9 13.25 -2.67 9.73
N ILE A 10 12.67 -2.99 8.60
CA ILE A 10 11.35 -3.51 8.60
C ILE A 10 11.11 -4.57 7.52
N GLU A 11 11.15 -5.80 7.99
CA GLU A 11 10.89 -7.00 7.22
C GLU A 11 10.40 -8.07 8.19
N GLN A 12 9.50 -7.63 9.07
CA GLN A 12 8.90 -8.47 10.11
C GLN A 12 7.44 -8.63 9.85
N TRP A 13 7.17 -8.84 8.61
CA TRP A 13 5.83 -8.91 8.13
C TRP A 13 5.25 -10.29 8.11
N PHE A 14 3.97 -10.28 7.83
CA PHE A 14 3.19 -11.46 7.64
C PHE A 14 2.77 -11.36 6.21
N GLU A 16 0.89 -11.71 3.77
CA GLU A 16 -0.47 -12.09 3.43
C GLU A 16 -0.55 -12.73 2.06
N ASP A 17 0.02 -12.05 1.09
CA ASP A 17 0.04 -12.53 -0.27
C ASP A 17 1.48 -12.85 -0.65
N PRO A 18 1.78 -14.12 -0.97
CA PRO A 18 3.11 -14.56 -1.33
C PRO A 18 3.34 -14.64 -2.83
N GLY A 19 2.57 -13.88 -3.59
CA GLY A 19 2.73 -13.89 -5.03
C GLY A 19 1.53 -14.45 -5.76
N PRO A 20 1.75 -15.38 -6.70
CA PRO A 20 0.67 -15.98 -7.48
C PRO A 20 0.05 -17.19 -6.79
N ASP A 21 -0.78 -16.93 -5.80
CA ASP A 21 -1.46 -17.99 -5.07
C ASP A 21 -2.74 -18.40 -5.80
N GLU A 22 -2.63 -19.45 -6.61
CA GLU A 22 -3.75 -19.96 -7.38
C GLU A 22 -3.44 -21.38 -7.85
N MET B 3 -3.92 19.07 -9.87
CA MET B 3 -4.54 17.80 -9.47
C MET B 3 -4.46 16.80 -10.60
N ALA B 4 -3.61 15.80 -10.44
CA ALA B 4 -3.44 14.76 -11.44
C ALA B 4 -4.48 13.67 -11.24
N THR B 5 -5.71 13.97 -11.59
CA THR B 5 -6.81 13.03 -11.44
C THR B 5 -7.81 13.20 -12.58
N SER B 6 -8.51 12.13 -12.92
CA SER B 6 -9.50 12.16 -13.98
C SER B 6 -10.67 11.25 -13.60
N SER B 7 -11.37 10.73 -14.59
CA SER B 7 -12.50 9.84 -14.35
C SER B 7 -12.03 8.51 -13.75
N GLU B 8 -12.01 8.45 -12.43
CA GLU B 8 -11.58 7.26 -11.70
C GLU B 8 -12.38 7.14 -10.42
N GLU B 9 -12.38 5.96 -9.83
CA GLU B 9 -13.12 5.73 -8.59
C GLU B 9 -12.17 5.63 -7.41
N VAL B 10 -12.61 6.15 -6.28
CA VAL B 10 -11.83 6.11 -5.06
C VAL B 10 -12.41 5.06 -4.14
N LEU B 11 -11.58 4.12 -3.76
CA LEU B 11 -12.00 3.02 -2.90
C LEU B 11 -11.75 3.36 -1.45
N LEU B 12 -10.62 3.98 -1.18
CA LEU B 12 -10.28 4.34 0.17
C LEU B 12 -9.34 5.53 0.22
N ILE B 13 -9.52 6.35 1.24
CA ILE B 13 -8.66 7.51 1.47
C ILE B 13 -8.07 7.42 2.86
N VAL B 14 -6.78 7.11 2.91
CA VAL B 14 -6.06 6.99 4.15
C VAL B 14 -5.24 8.24 4.37
N LYS B 15 -5.01 8.60 5.62
CA LYS B 15 -4.27 9.81 5.93
C LYS B 15 -3.02 9.53 6.75
N LYS B 16 -2.14 10.53 6.78
CA LYS B 16 -0.87 10.45 7.49
C LYS B 16 -0.14 9.15 7.19
N VAL B 17 -0.11 8.78 5.92
CA VAL B 17 0.58 7.56 5.50
C VAL B 17 1.94 7.90 4.91
N ARG B 18 2.97 7.24 5.42
CA ARG B 18 4.33 7.47 4.96
C ARG B 18 4.76 6.35 4.01
N GLN B 19 5.58 6.73 3.04
CA GLN B 19 6.10 5.77 2.09
C GLN B 19 7.55 6.14 1.76
N LYS B 20 8.46 5.37 2.33
CA LYS B 20 9.89 5.58 2.11
C LYS B 20 10.31 6.99 2.54
N LYS B 21 10.02 7.32 3.79
CA LYS B 21 10.38 8.59 4.40
C LYS B 21 9.58 9.76 3.84
N GLN B 22 8.33 9.53 3.50
CA GLN B 22 7.50 10.60 2.98
C GLN B 22 6.08 10.47 3.52
N ASP B 23 5.66 11.44 4.30
CA ASP B 23 4.32 11.45 4.86
C ASP B 23 3.32 12.14 3.94
N GLY B 24 2.17 11.51 3.79
CA GLY B 24 1.13 12.06 2.95
C GLY B 24 -0.21 11.38 3.17
N ALA B 25 -0.71 10.72 2.14
CA ALA B 25 -2.00 10.05 2.21
C ALA B 25 -2.05 8.90 1.21
N LEU B 26 -2.72 7.83 1.60
CA LEU B 26 -2.83 6.65 0.76
C LEU B 26 -4.21 6.63 0.11
N TYR B 27 -4.24 6.47 -1.20
CA TYR B 27 -5.49 6.45 -1.94
C TYR B 27 -5.70 5.13 -2.69
N LEU B 28 -6.77 4.44 -2.37
CA LEU B 28 -7.11 3.19 -3.04
C LEU B 28 -8.02 3.49 -4.21
N MET B 29 -7.71 2.93 -5.38
CA MET B 29 -8.52 3.17 -6.56
C MET B 29 -9.11 1.87 -7.10
N ALA B 30 -10.04 2.00 -8.04
CA ALA B 30 -10.77 0.85 -8.61
C ALA B 30 -9.90 -0.36 -8.95
N GLU B 31 -8.83 -0.16 -9.71
CA GLU B 31 -7.97 -1.29 -10.06
C GLU B 31 -6.52 -0.98 -9.75
N ARG B 32 -6.27 0.03 -8.93
CA ARG B 32 -4.91 0.41 -8.61
C ARG B 32 -4.81 1.11 -7.27
N ILE B 33 -3.61 1.15 -6.73
CA ILE B 33 -3.33 1.80 -5.47
C ILE B 33 -2.41 2.98 -5.72
N ALA B 34 -2.72 4.13 -5.14
CA ALA B 34 -1.91 5.30 -5.33
C ALA B 34 -1.58 5.98 -4.02
N TRP B 35 -0.56 6.82 -4.04
CA TRP B 35 -0.14 7.53 -2.85
C TRP B 35 0.32 8.93 -3.22
N ALA B 36 0.10 9.89 -2.32
CA ALA B 36 0.49 11.27 -2.55
C ALA B 36 0.94 11.92 -1.25
N PRO B 37 2.08 12.64 -1.28
CA PRO B 37 2.61 13.33 -0.11
C PRO B 37 1.68 14.46 0.33
N GLU B 38 1.86 14.95 1.56
CA GLU B 38 1.01 16.02 2.07
C GLU B 38 0.91 17.15 1.06
N GLY B 39 -0.28 17.69 0.93
CA GLY B 39 -0.55 18.72 -0.06
C GLY B 39 -1.23 18.09 -1.25
N LYS B 40 -0.82 16.86 -1.54
CA LYS B 40 -1.35 16.05 -2.63
C LYS B 40 -1.23 16.74 -3.99
N ASP B 41 -2.30 16.69 -4.77
CA ASP B 41 -2.36 17.27 -6.12
C ASP B 41 -1.56 16.42 -7.11
N ARG B 42 -0.36 16.04 -6.70
CA ARG B 42 0.52 15.24 -7.54
C ARG B 42 0.71 13.85 -6.94
N PHE B 43 0.18 12.84 -7.62
CA PHE B 43 0.33 11.47 -7.15
C PHE B 43 1.71 10.97 -7.56
N THR B 44 2.51 10.57 -6.58
CA THR B 44 3.86 10.10 -6.85
C THR B 44 3.92 8.59 -6.97
N ILE B 45 2.93 7.91 -6.42
CA ILE B 45 2.89 6.46 -6.47
C ILE B 45 1.57 5.98 -7.04
N SER B 46 1.66 5.11 -8.04
CA SER B 46 0.49 4.52 -8.68
C SER B 46 0.87 3.11 -9.13
N HIS B 47 0.17 2.10 -8.61
CA HIS B 47 0.48 0.73 -8.94
C HIS B 47 -0.81 -0.04 -9.10
N MET B 48 -0.96 -0.69 -10.23
CA MET B 48 -2.14 -1.47 -10.49
C MET B 48 -2.09 -2.72 -9.62
N TYR B 49 -3.23 -3.20 -9.19
CA TYR B 49 -3.29 -4.41 -8.37
C TYR B 49 -2.64 -5.59 -9.09
N ALA B 50 -2.50 -5.49 -10.41
CA ALA B 50 -1.87 -6.54 -11.20
C ALA B 50 -0.35 -6.43 -11.12
N ASP B 51 0.14 -5.24 -10.79
CA ASP B 51 1.58 -4.99 -10.68
C ASP B 51 2.04 -5.36 -9.27
N ILE B 52 1.08 -5.61 -8.40
CA ILE B 52 1.37 -5.99 -7.03
C ILE B 52 1.52 -7.50 -6.94
N LYS B 53 2.76 -7.94 -6.95
CA LYS B 53 3.07 -9.36 -6.92
C LYS B 53 2.72 -9.98 -5.56
N CYS B 54 3.05 -9.29 -4.47
CA CYS B 54 2.75 -9.81 -3.12
C CYS B 54 2.39 -8.67 -2.16
N GLN B 55 1.78 -9.00 -1.02
CA GLN B 55 1.44 -7.98 -0.03
C GLN B 55 1.74 -8.49 1.36
N LYS B 56 2.44 -7.68 2.13
CA LYS B 56 2.76 -8.05 3.48
C LYS B 56 2.11 -7.06 4.42
N ILE B 57 2.04 -7.41 5.69
CA ILE B 57 1.46 -6.50 6.68
C ILE B 57 2.29 -6.46 7.96
N SER B 58 2.77 -5.25 8.30
CA SER B 58 3.57 -5.03 9.49
C SER B 58 2.72 -4.96 10.74
N PRO B 59 2.96 -5.91 11.67
CA PRO B 59 2.23 -6.04 12.93
C PRO B 59 2.40 -4.86 13.88
N GLU B 60 1.64 -4.90 14.97
CA GLU B 60 1.71 -3.89 16.00
C GLU B 60 2.82 -4.24 16.98
N GLY B 61 3.33 -3.24 17.66
CA GLY B 61 4.42 -3.48 18.61
C GLY B 61 5.59 -2.57 18.34
N LYS B 62 5.76 -2.20 17.08
CA LYS B 62 6.84 -1.30 16.69
C LYS B 62 6.36 0.13 16.86
N ALA B 63 7.23 1.09 16.65
CA ALA B 63 6.86 2.49 16.77
C ALA B 63 6.18 2.97 15.49
N LYS B 64 5.82 2.02 14.64
CA LYS B 64 5.17 2.31 13.38
C LYS B 64 4.51 1.05 12.80
N ILE B 65 3.28 1.21 12.31
CA ILE B 65 2.51 0.12 11.72
C ILE B 65 2.61 0.22 10.20
N GLN B 66 2.74 -0.91 9.48
CA GLN B 66 2.91 -0.81 8.02
C GLN B 66 2.15 -1.87 7.21
N LEU B 67 2.02 -1.57 5.92
CA LEU B 67 1.40 -2.44 4.92
C LEU B 67 2.23 -2.32 3.64
N GLN B 68 2.86 -3.39 3.18
CA GLN B 68 3.72 -3.27 2.01
C GLN B 68 3.30 -4.16 0.86
N LEU B 69 3.61 -3.69 -0.34
CA LEU B 69 3.31 -4.42 -1.55
C LEU B 69 4.58 -4.73 -2.31
N VAL B 70 4.81 -6.01 -2.52
CA VAL B 70 5.97 -6.46 -3.29
C VAL B 70 5.58 -6.44 -4.75
N LEU B 71 5.97 -5.40 -5.45
CA LEU B 71 5.59 -5.25 -6.85
C LEU B 71 6.35 -6.19 -7.78
N HIS B 72 5.77 -6.37 -8.96
CA HIS B 72 6.36 -7.22 -9.99
C HIS B 72 7.72 -6.71 -10.43
N ALA B 73 7.89 -5.39 -10.42
CA ALA B 73 9.14 -4.76 -10.83
C ALA B 73 10.29 -5.13 -9.90
N GLY B 74 9.96 -5.46 -8.65
CA GLY B 74 10.99 -5.82 -7.70
C GLY B 74 11.05 -4.88 -6.53
N ASP B 75 10.48 -3.70 -6.69
CA ASP B 75 10.49 -2.71 -5.62
C ASP B 75 9.37 -3.01 -4.65
N THR B 76 9.58 -2.68 -3.40
CA THR B 76 8.58 -2.92 -2.38
C THR B 76 8.07 -1.60 -1.81
N THR B 77 6.76 -1.48 -1.71
CA THR B 77 6.16 -0.28 -1.18
C THR B 77 5.60 -0.53 0.21
N ASN B 78 6.36 -0.16 1.24
CA ASN B 78 5.90 -0.36 2.61
C ASN B 78 5.19 0.90 3.07
N PHE B 79 3.88 0.78 3.26
CA PHE B 79 3.05 1.90 3.65
C PHE B 79 2.98 2.01 5.16
N HIS B 80 3.59 3.05 5.68
CA HIS B 80 3.64 3.30 7.10
C HIS B 80 2.50 4.22 7.54
N PHE B 81 1.56 3.68 8.29
CA PHE B 81 0.44 4.46 8.78
C PHE B 81 0.89 5.24 10.02
N SER B 82 1.50 6.40 9.79
CA SER B 82 2.00 7.23 10.88
C SER B 82 0.88 8.01 11.59
N ASN B 83 -0.29 7.38 11.71
CA ASN B 83 -1.41 8.00 12.38
C ASN B 83 -1.88 7.11 13.50
N GLU B 84 -1.34 7.32 14.69
CA GLU B 84 -1.67 6.53 15.88
C GLU B 84 -3.18 6.26 16.01
N SER B 85 -3.96 7.31 15.84
CA SER B 85 -5.40 7.25 15.98
C SER B 85 -6.11 6.35 14.96
N THR B 86 -5.55 6.17 13.75
CA THR B 86 -6.24 5.37 12.74
C THR B 86 -5.36 4.31 12.07
N ALA B 87 -4.08 4.29 12.41
CA ALA B 87 -3.11 3.36 11.79
C ALA B 87 -3.62 1.93 11.72
N VAL B 88 -3.76 1.33 12.87
CA VAL B 88 -4.24 -0.05 12.98
C VAL B 88 -5.54 -0.27 12.21
N LYS B 89 -6.49 0.65 12.41
CA LYS B 89 -7.81 0.56 11.78
C LYS B 89 -7.74 0.66 10.25
N GLU B 90 -7.00 1.66 9.75
CA GLU B 90 -6.91 1.86 8.32
C GLU B 90 -6.01 0.81 7.67
N ARG B 91 -5.04 0.31 8.44
CA ARG B 91 -4.13 -0.71 7.94
C ARG B 91 -4.91 -1.96 7.57
N ASP B 92 -5.92 -2.28 8.38
CA ASP B 92 -6.76 -3.44 8.12
C ASP B 92 -7.69 -3.18 6.95
N ALA B 93 -8.25 -1.98 6.89
CA ALA B 93 -9.19 -1.61 5.82
C ALA B 93 -8.53 -1.67 4.46
N VAL B 94 -7.27 -1.27 4.40
CA VAL B 94 -6.51 -1.29 3.16
C VAL B 94 -6.14 -2.71 2.80
N LYS B 95 -5.64 -3.44 3.79
CA LYS B 95 -5.26 -4.83 3.60
C LYS B 95 -6.44 -5.62 3.05
N ASP B 96 -7.57 -5.46 3.72
CA ASP B 96 -8.81 -6.11 3.36
C ASP B 96 -9.18 -5.86 1.90
N LEU B 97 -9.23 -4.60 1.51
CA LEU B 97 -9.58 -4.24 0.14
C LEU B 97 -8.56 -4.80 -0.84
N LEU B 98 -7.29 -4.69 -0.50
CA LEU B 98 -6.22 -5.16 -1.37
C LEU B 98 -6.22 -6.68 -1.53
N GLN B 99 -6.26 -7.41 -0.42
CA GLN B 99 -6.25 -8.86 -0.47
C GLN B 99 -7.47 -9.41 -1.20
N GLN B 100 -8.54 -8.63 -1.23
CA GLN B 100 -9.77 -9.05 -1.90
C GLN B 100 -9.70 -8.75 -3.40
N LEU B 101 -9.05 -7.65 -3.74
CA LEU B 101 -8.92 -7.22 -5.14
C LEU B 101 -7.76 -7.88 -5.86
N LEU B 102 -6.70 -8.22 -5.11
CA LEU B 102 -5.51 -8.84 -5.70
C LEU B 102 -5.81 -10.08 -6.54
N PRO B 103 -6.49 -11.11 -6.00
CA PRO B 103 -6.78 -12.35 -6.75
C PRO B 103 -7.67 -12.12 -7.97
N LYS B 104 -8.21 -10.92 -8.09
CA LYS B 104 -9.07 -10.59 -9.22
C LYS B 104 -8.26 -10.09 -10.39
N PHE B 105 -7.17 -9.40 -10.08
CA PHE B 105 -6.30 -8.84 -11.11
C PHE B 105 -5.03 -9.66 -11.31
N LYS B 106 -4.54 -10.25 -10.23
CA LYS B 106 -3.33 -11.06 -10.30
C LYS B 106 -3.54 -12.41 -9.63
N ARG B 107 -3.53 -13.46 -10.44
CA ARG B 107 -3.70 -14.81 -9.92
C ARG B 107 -2.43 -15.61 -10.18
N LYS B 108 -2.04 -15.67 -11.44
CA LYS B 108 -0.85 -16.40 -11.84
C LYS B 108 0.01 -15.52 -12.73
N ALA B 109 0.45 -14.40 -12.16
CA ALA B 109 1.27 -13.40 -12.86
C ALA B 109 0.43 -12.74 -13.95
N ASN B 110 -0.86 -12.93 -13.82
CA ASN B 110 -1.86 -12.41 -14.74
C ASN B 110 -3.21 -12.94 -14.26
N ASP A 1 8.39 1.15 -4.38
CA ASP A 1 9.49 2.13 -4.53
C ASP A 1 10.25 2.26 -3.22
N ASP A 2 11.58 2.33 -3.33
CA ASP A 2 12.42 2.49 -2.16
C ASP A 2 13.83 2.89 -2.56
N LEU A 3 14.53 3.49 -1.62
CA LEU A 3 15.90 3.93 -1.80
C LEU A 3 16.59 3.87 -0.45
N MET A 4 16.66 2.64 0.09
CA MET A 4 17.27 2.37 1.40
C MET A 4 16.57 3.16 2.51
N LEU A 5 15.25 3.22 2.41
CA LEU A 5 14.44 3.95 3.38
C LEU A 5 13.71 2.98 4.32
N PRO A 7 12.52 0.04 4.56
CA PRO A 7 13.04 -1.30 4.85
C PRO A 7 14.40 -1.27 5.56
N ASP A 8 14.67 -0.17 6.23
CA ASP A 8 15.92 0.00 6.97
C ASP A 8 15.85 -0.84 8.23
N ASP A 9 14.67 -0.85 8.81
CA ASP A 9 14.40 -1.62 10.01
C ASP A 9 13.13 -2.41 9.81
N ILE A 10 12.85 -2.75 8.57
CA ILE A 10 11.60 -3.38 8.30
C ILE A 10 11.63 -4.41 7.19
N GLU A 11 11.38 -5.62 7.64
CA GLU A 11 11.20 -6.81 6.82
C GLU A 11 10.66 -7.93 7.70
N GLN A 12 9.92 -7.47 8.71
CA GLN A 12 9.23 -8.32 9.67
C GLN A 12 7.77 -8.21 9.34
N TRP A 13 7.38 -9.01 8.39
CA TRP A 13 6.05 -8.97 7.90
C TRP A 13 5.41 -10.33 7.89
N PHE A 14 4.14 -10.28 7.61
CA PHE A 14 3.34 -11.47 7.43
C PHE A 14 2.91 -11.39 6.01
N GLU A 16 1.04 -11.89 3.60
CA GLU A 16 -0.28 -12.40 3.31
C GLU A 16 -0.34 -13.18 2.00
N ASP A 17 0.42 -12.75 1.01
CA ASP A 17 0.47 -13.44 -0.26
C ASP A 17 1.87 -14.00 -0.52
N PRO A 18 2.11 -15.24 -0.12
CA PRO A 18 3.39 -15.91 -0.31
C PRO A 18 3.34 -16.89 -1.48
N GLY A 19 2.45 -16.62 -2.42
CA GLY A 19 2.30 -17.48 -3.57
C GLY A 19 3.19 -17.06 -4.73
N PRO A 20 4.12 -17.93 -5.16
CA PRO A 20 5.02 -17.63 -6.26
C PRO A 20 4.43 -17.98 -7.61
N ASP A 21 3.13 -18.12 -7.62
CA ASP A 21 2.37 -18.46 -8.82
C ASP A 21 2.26 -17.25 -9.74
N GLU A 22 2.14 -16.09 -9.14
CA GLU A 22 2.01 -14.84 -9.89
C GLU A 22 2.74 -13.72 -9.17
N MET B 3 -5.44 16.39 -9.60
CA MET B 3 -4.55 16.80 -10.71
C MET B 3 -4.67 15.82 -11.87
N ALA B 4 -3.57 15.56 -12.57
CA ALA B 4 -3.57 14.63 -13.69
C ALA B 4 -3.96 13.24 -13.23
N THR B 5 -5.08 12.75 -13.73
CA THR B 5 -5.62 11.44 -13.37
C THR B 5 -5.92 11.36 -11.88
N SER B 6 -7.02 11.99 -11.50
CA SER B 6 -7.46 12.00 -10.11
C SER B 6 -8.98 12.05 -10.08
N SER B 7 -9.60 11.14 -10.81
CA SER B 7 -11.06 11.08 -10.89
C SER B 7 -11.53 9.63 -11.05
N GLU B 8 -10.76 8.71 -10.50
CA GLU B 8 -11.09 7.29 -10.57
C GLU B 8 -11.97 6.91 -9.40
N GLU B 9 -12.26 5.62 -9.27
CA GLU B 9 -13.08 5.13 -8.18
C GLU B 9 -12.22 4.99 -6.93
N VAL B 10 -12.33 5.96 -6.04
CA VAL B 10 -11.58 5.91 -4.80
C VAL B 10 -12.32 5.05 -3.80
N LEU B 11 -11.70 3.93 -3.48
CA LEU B 11 -12.27 2.96 -2.59
C LEU B 11 -11.96 3.28 -1.14
N LEU B 12 -10.76 3.77 -0.90
CA LEU B 12 -10.37 4.08 0.47
C LEU B 12 -9.49 5.31 0.54
N ILE B 13 -9.89 6.26 1.36
CA ILE B 13 -9.11 7.45 1.58
C ILE B 13 -8.50 7.39 2.97
N VAL B 14 -7.20 7.16 3.02
CA VAL B 14 -6.49 7.09 4.28
C VAL B 14 -5.50 8.23 4.35
N LYS B 15 -5.55 8.99 5.42
CA LYS B 15 -4.65 10.12 5.57
C LYS B 15 -3.59 9.85 6.62
N LYS B 16 -2.61 10.74 6.69
CA LYS B 16 -1.49 10.63 7.62
C LYS B 16 -0.70 9.34 7.39
N VAL B 17 -0.58 8.95 6.12
CA VAL B 17 0.16 7.76 5.76
C VAL B 17 1.52 8.17 5.21
N ARG B 18 2.58 7.71 5.85
CA ARG B 18 3.92 8.05 5.43
C ARG B 18 4.47 7.01 4.48
N GLN B 19 5.20 7.49 3.51
CA GLN B 19 5.81 6.66 2.51
C GLN B 19 7.22 7.16 2.27
N LYS B 20 8.20 6.45 2.80
CA LYS B 20 9.60 6.82 2.66
C LYS B 20 9.88 8.09 3.45
N LYS B 21 9.50 8.04 4.74
CA LYS B 21 9.67 9.16 5.67
C LYS B 21 8.97 10.42 5.16
N GLN B 22 7.91 10.23 4.39
CA GLN B 22 7.14 11.35 3.85
C GLN B 22 5.69 11.21 4.24
N ASP B 23 5.18 12.16 5.00
CA ASP B 23 3.79 12.12 5.44
C ASP B 23 2.84 12.62 4.38
N GLY B 24 1.95 11.72 3.97
CA GLY B 24 0.97 12.02 2.98
C GLY B 24 -0.32 11.27 3.23
N ALA B 25 -0.83 10.62 2.21
CA ALA B 25 -2.07 9.89 2.34
C ALA B 25 -2.13 8.74 1.35
N LEU B 26 -2.72 7.65 1.77
CA LEU B 26 -2.84 6.46 0.95
C LEU B 26 -4.27 6.36 0.40
N TYR B 27 -4.38 6.37 -0.92
CA TYR B 27 -5.69 6.29 -1.56
C TYR B 27 -5.81 5.00 -2.38
N LEU B 28 -6.88 4.25 -2.14
CA LEU B 28 -7.11 2.99 -2.86
C LEU B 28 -8.11 3.22 -3.98
N MET B 29 -7.82 2.68 -5.16
CA MET B 29 -8.73 2.81 -6.29
C MET B 29 -9.13 1.42 -6.77
N ALA B 30 -10.24 1.36 -7.49
CA ALA B 30 -10.80 0.11 -8.01
C ALA B 30 -9.75 -0.82 -8.66
N GLU B 31 -8.92 -0.28 -9.53
CA GLU B 31 -7.94 -1.09 -10.23
C GLU B 31 -6.50 -0.73 -9.88
N ARG B 32 -6.31 0.24 -8.99
CA ARG B 32 -4.95 0.64 -8.66
C ARG B 32 -4.84 1.29 -7.29
N ILE B 33 -3.63 1.32 -6.76
CA ILE B 33 -3.37 1.95 -5.49
C ILE B 33 -2.52 3.19 -5.74
N ALA B 34 -2.69 4.23 -4.94
CA ALA B 34 -1.92 5.45 -5.15
C ALA B 34 -1.64 6.15 -3.83
N TRP B 35 -0.56 6.92 -3.83
CA TRP B 35 -0.16 7.66 -2.65
C TRP B 35 0.22 9.09 -3.04
N ALA B 36 -0.16 10.04 -2.19
CA ALA B 36 0.11 11.45 -2.43
C ALA B 36 0.38 12.18 -1.12
N PRO B 37 1.42 13.03 -1.07
CA PRO B 37 1.75 13.80 0.13
C PRO B 37 0.58 14.68 0.58
N GLU B 38 0.51 14.98 1.87
CA GLU B 38 -0.58 15.80 2.39
C GLU B 38 -0.60 17.17 1.74
N GLY B 39 -1.79 17.63 1.40
CA GLY B 39 -1.94 18.92 0.77
C GLY B 39 -1.87 18.84 -0.74
N LYS B 40 -1.63 17.64 -1.27
CA LYS B 40 -1.55 17.48 -2.71
C LYS B 40 -2.68 16.62 -3.24
N ASP B 41 -3.00 16.87 -4.50
CA ASP B 41 -4.06 16.18 -5.21
C ASP B 41 -3.47 15.40 -6.38
N ARG B 42 -2.15 15.34 -6.40
CA ARG B 42 -1.44 14.63 -7.45
C ARG B 42 -0.74 13.43 -6.85
N PHE B 43 -1.20 12.25 -7.21
CA PHE B 43 -0.60 11.02 -6.73
C PHE B 43 0.80 10.89 -7.29
N THR B 44 1.78 10.83 -6.40
CA THR B 44 3.17 10.71 -6.80
C THR B 44 3.50 9.27 -7.16
N ILE B 45 2.90 8.36 -6.41
CA ILE B 45 3.12 6.94 -6.61
C ILE B 45 1.80 6.22 -6.84
N SER B 46 1.79 5.33 -7.81
CA SER B 46 0.60 4.56 -8.14
C SER B 46 1.02 3.18 -8.63
N HIS B 47 0.31 2.15 -8.21
CA HIS B 47 0.63 0.78 -8.61
C HIS B 47 -0.65 0.04 -8.92
N MET B 48 -0.79 -0.42 -10.14
CA MET B 48 -1.96 -1.17 -10.52
C MET B 48 -1.87 -2.55 -9.89
N TYR B 49 -3.01 -3.07 -9.43
CA TYR B 49 -3.04 -4.40 -8.81
C TYR B 49 -2.52 -5.49 -9.75
N ALA B 50 -2.40 -5.16 -11.03
CA ALA B 50 -1.88 -6.11 -12.01
C ALA B 50 -0.37 -6.09 -12.03
N ASP B 51 0.20 -5.21 -11.21
CA ASP B 51 1.64 -5.09 -11.09
C ASP B 51 2.05 -5.41 -9.67
N ILE B 52 1.08 -5.85 -8.88
CA ILE B 52 1.31 -6.23 -7.51
C ILE B 52 1.41 -7.74 -7.44
N LYS B 53 2.56 -8.25 -7.03
CA LYS B 53 2.76 -9.68 -6.94
C LYS B 53 2.21 -10.20 -5.61
N CYS B 54 2.60 -9.56 -4.52
CA CYS B 54 2.13 -9.96 -3.19
C CYS B 54 2.03 -8.76 -2.26
N GLN B 55 1.47 -8.99 -1.08
CA GLN B 55 1.34 -7.93 -0.10
C GLN B 55 1.74 -8.45 1.26
N LYS B 56 2.46 -7.64 1.99
CA LYS B 56 2.86 -8.00 3.31
C LYS B 56 2.25 -7.02 4.28
N ILE B 57 2.22 -7.41 5.54
CA ILE B 57 1.67 -6.52 6.56
C ILE B 57 2.55 -6.53 7.82
N SER B 58 3.09 -5.35 8.17
CA SER B 58 3.92 -5.23 9.36
C SER B 58 3.07 -5.05 10.60
N PRO B 59 3.27 -5.95 11.58
CA PRO B 59 2.50 -6.01 12.83
C PRO B 59 2.57 -4.72 13.65
N GLU B 60 1.50 -4.45 14.37
CA GLU B 60 1.42 -3.29 15.23
C GLU B 60 2.15 -3.59 16.54
N GLY B 61 3.13 -2.77 16.85
CA GLY B 61 3.92 -2.96 18.04
C GLY B 61 5.27 -2.29 17.92
N LYS B 62 5.68 -2.05 16.68
CA LYS B 62 6.94 -1.39 16.38
C LYS B 62 6.75 0.12 16.54
N ALA B 63 7.78 0.87 16.19
CA ALA B 63 7.71 2.33 16.27
C ALA B 63 6.79 2.86 15.18
N LYS B 64 6.43 1.97 14.26
CA LYS B 64 5.55 2.31 13.16
C LYS B 64 4.84 1.05 12.65
N ILE B 65 3.65 1.22 12.12
CA ILE B 65 2.85 0.11 11.57
C ILE B 65 2.91 0.18 10.05
N GLN B 66 3.05 -0.94 9.33
CA GLN B 66 3.19 -0.85 7.87
C GLN B 66 2.41 -1.90 7.08
N LEU B 67 2.27 -1.58 5.80
CA LEU B 67 1.62 -2.42 4.80
C LEU B 67 2.43 -2.28 3.51
N GLN B 68 2.98 -3.35 2.97
CA GLN B 68 3.80 -3.20 1.77
C GLN B 68 3.33 -4.09 0.64
N LEU B 69 3.57 -3.60 -0.56
CA LEU B 69 3.21 -4.32 -1.76
C LEU B 69 4.46 -4.71 -2.53
N VAL B 70 4.62 -5.99 -2.73
CA VAL B 70 5.75 -6.53 -3.46
C VAL B 70 5.34 -6.74 -4.91
N LEU B 71 5.94 -6.02 -5.82
CA LEU B 71 5.58 -6.13 -7.22
C LEU B 71 6.35 -7.26 -7.89
N HIS B 72 5.77 -7.84 -8.94
CA HIS B 72 6.42 -8.92 -9.67
C HIS B 72 7.71 -8.42 -10.32
N ALA B 73 7.81 -7.10 -10.46
CA ALA B 73 8.98 -6.48 -11.07
C ALA B 73 10.16 -6.44 -10.10
N GLY B 74 9.90 -6.75 -8.83
CA GLY B 74 10.95 -6.76 -7.84
C GLY B 74 10.94 -5.52 -6.96
N ASP B 75 10.04 -4.59 -7.27
CA ASP B 75 9.94 -3.36 -6.49
C ASP B 75 9.02 -3.57 -5.30
N THR B 76 9.29 -2.86 -4.21
CA THR B 76 8.50 -2.98 -3.00
C THR B 76 8.12 -1.62 -2.44
N THR B 77 6.86 -1.48 -2.02
CA THR B 77 6.38 -0.23 -1.44
C THR B 77 5.80 -0.46 -0.05
N ASN B 78 6.58 -0.15 0.99
CA ASN B 78 6.13 -0.33 2.36
C ASN B 78 5.46 0.95 2.85
N PHE B 79 4.16 0.86 3.14
CA PHE B 79 3.37 1.99 3.59
C PHE B 79 3.42 2.11 5.10
N HIS B 80 3.91 3.25 5.57
CA HIS B 80 4.05 3.52 6.99
C HIS B 80 2.85 4.31 7.51
N PHE B 81 1.97 3.65 8.26
CA PHE B 81 0.81 4.32 8.83
C PHE B 81 1.25 5.13 10.04
N SER B 82 1.25 6.45 9.92
CA SER B 82 1.69 7.30 11.02
C SER B 82 0.51 7.90 11.77
N ASN B 83 -0.62 7.21 11.73
CA ASN B 83 -1.79 7.69 12.45
C ASN B 83 -1.84 6.94 13.78
N GLU B 84 -1.74 7.69 14.86
CA GLU B 84 -1.65 7.11 16.21
C GLU B 84 -2.83 6.20 16.55
N SER B 85 -4.02 6.75 16.59
CA SER B 85 -5.20 5.98 16.95
C SER B 85 -5.87 5.31 15.75
N THR B 86 -5.23 5.33 14.60
CA THR B 86 -5.86 4.76 13.43
C THR B 86 -4.96 3.80 12.62
N ALA B 87 -3.64 3.90 12.79
CA ALA B 87 -2.68 3.07 12.03
C ALA B 87 -3.11 1.61 11.98
N VAL B 88 -3.40 1.06 13.14
CA VAL B 88 -3.83 -0.33 13.27
C VAL B 88 -5.07 -0.61 12.42
N LYS B 89 -6.09 0.24 12.60
CA LYS B 89 -7.35 0.10 11.87
C LYS B 89 -7.13 0.30 10.37
N GLU B 90 -6.27 1.25 10.04
CA GLU B 90 -5.95 1.56 8.66
C GLU B 90 -5.25 0.38 7.99
N ARG B 91 -4.35 -0.24 8.74
CA ARG B 91 -3.60 -1.39 8.25
C ARG B 91 -4.53 -2.50 7.80
N ASP B 92 -5.53 -2.83 8.62
CA ASP B 92 -6.48 -3.87 8.28
C ASP B 92 -7.43 -3.44 7.16
N ALA B 93 -7.91 -2.21 7.23
CA ALA B 93 -8.85 -1.68 6.25
C ALA B 93 -8.25 -1.65 4.85
N VAL B 94 -6.98 -1.32 4.77
CA VAL B 94 -6.29 -1.23 3.49
C VAL B 94 -5.94 -2.62 2.99
N LYS B 95 -5.40 -3.44 3.89
CA LYS B 95 -5.04 -4.81 3.57
C LYS B 95 -6.23 -5.55 2.98
N ASP B 96 -7.35 -5.41 3.67
CA ASP B 96 -8.60 -6.02 3.28
C ASP B 96 -9.02 -5.65 1.88
N LEU B 97 -9.17 -4.36 1.62
CA LEU B 97 -9.57 -3.88 0.30
C LEU B 97 -8.58 -4.32 -0.76
N LEU B 98 -7.29 -4.27 -0.43
CA LEU B 98 -6.25 -4.64 -1.37
C LEU B 98 -6.28 -6.12 -1.71
N GLN B 99 -6.32 -6.97 -0.69
CA GLN B 99 -6.34 -8.41 -0.89
C GLN B 99 -7.63 -8.86 -1.59
N GLN B 100 -8.67 -8.04 -1.47
CA GLN B 100 -9.94 -8.34 -2.12
C GLN B 100 -9.89 -8.00 -3.61
N LEU B 101 -9.12 -6.98 -3.94
CA LEU B 101 -8.97 -6.54 -5.33
C LEU B 101 -7.86 -7.29 -6.06
N LEU B 102 -6.82 -7.65 -5.33
CA LEU B 102 -5.66 -8.33 -5.89
C LEU B 102 -5.99 -9.53 -6.81
N PRO B 103 -6.76 -10.54 -6.35
CA PRO B 103 -7.08 -11.73 -7.17
C PRO B 103 -7.74 -11.40 -8.52
N LYS B 104 -8.18 -10.16 -8.68
CA LYS B 104 -8.83 -9.75 -9.92
C LYS B 104 -7.81 -9.27 -10.96
N PHE B 105 -6.66 -8.77 -10.49
CA PHE B 105 -5.65 -8.24 -11.41
C PHE B 105 -4.26 -8.84 -11.20
N LYS B 106 -4.03 -9.47 -10.04
CA LYS B 106 -2.73 -10.07 -9.71
C LYS B 106 -2.24 -11.00 -10.81
N ARG B 107 -1.30 -10.47 -11.62
CA ARG B 107 -0.68 -11.18 -12.74
C ARG B 107 -0.20 -10.16 -13.77
N LYS B 108 -1.17 -9.57 -14.47
CA LYS B 108 -0.92 -8.57 -15.49
C LYS B 108 -2.24 -8.23 -16.17
N ALA B 109 -2.18 -7.68 -17.38
CA ALA B 109 -3.38 -7.33 -18.12
C ALA B 109 -3.86 -8.51 -18.97
N ASN B 110 -3.74 -9.70 -18.40
CA ASN B 110 -4.14 -10.93 -19.07
C ASN B 110 -4.23 -12.06 -18.06
N ASP A 1 13.46 1.53 -8.00
CA ASP A 1 14.69 1.76 -7.21
C ASP A 1 14.34 2.53 -5.94
N ASP A 2 15.36 2.83 -5.13
CA ASP A 2 15.13 3.55 -3.88
C ASP A 2 16.44 4.04 -3.29
N LEU A 3 16.34 5.10 -2.51
CA LEU A 3 17.48 5.69 -1.83
C LEU A 3 17.09 6.08 -0.41
N MET A 4 15.84 5.79 -0.07
CA MET A 4 15.30 6.10 1.25
C MET A 4 14.15 5.14 1.55
N LEU A 5 14.42 3.86 1.36
CA LEU A 5 13.44 2.81 1.56
C LEU A 5 13.04 2.66 3.03
N PRO A 7 11.76 -0.45 4.20
CA PRO A 7 12.18 -1.78 4.66
C PRO A 7 13.66 -1.88 5.01
N ASP A 8 14.22 -0.81 5.52
CA ASP A 8 15.63 -0.79 5.92
C ASP A 8 15.72 -1.32 7.35
N ASP A 9 14.68 -1.00 8.13
CA ASP A 9 14.58 -1.45 9.51
C ASP A 9 13.26 -2.15 9.67
N ILE A 10 12.71 -2.56 8.55
CA ILE A 10 11.41 -3.14 8.57
C ILE A 10 11.23 -4.26 7.55
N GLU A 11 11.24 -5.46 8.09
CA GLU A 11 10.97 -6.67 7.33
C GLU A 11 10.32 -7.69 8.26
N GLN A 12 9.67 -7.14 9.27
CA GLN A 12 8.91 -7.90 10.24
C GLN A 12 7.47 -7.79 9.81
N TRP A 13 7.11 -8.69 8.95
CA TRP A 13 5.81 -8.66 8.36
C TRP A 13 5.16 -10.01 8.39
N PHE A 14 3.91 -9.97 8.00
CA PHE A 14 3.11 -11.16 7.82
C PHE A 14 2.75 -11.13 6.38
N GLU A 16 0.97 -11.77 3.95
CA GLU A 16 -0.37 -12.23 3.58
C GLU A 16 -0.35 -12.93 2.22
N ASP A 17 0.29 -12.28 1.26
CA ASP A 17 0.41 -12.81 -0.08
C ASP A 17 1.88 -13.03 -0.41
N PRO A 18 2.27 -14.27 -0.73
CA PRO A 18 3.65 -14.58 -1.07
C PRO A 18 3.91 -14.63 -2.57
N GLY A 19 2.90 -14.27 -3.33
CA GLY A 19 3.01 -14.28 -4.77
C GLY A 19 2.07 -15.27 -5.44
N PRO A 20 2.41 -16.57 -5.46
CA PRO A 20 1.58 -17.60 -6.07
C PRO A 20 0.50 -18.14 -5.13
N ASP A 21 -0.72 -17.65 -5.32
CA ASP A 21 -1.86 -18.10 -4.52
C ASP A 21 -2.64 -19.15 -5.31
N GLU A 22 -2.29 -19.26 -6.59
CA GLU A 22 -2.91 -20.19 -7.51
C GLU A 22 -1.98 -20.33 -8.71
N MET B 3 -12.16 8.24 -21.31
CA MET B 3 -11.95 7.63 -22.63
C MET B 3 -10.53 7.07 -22.72
N ALA B 4 -10.38 5.96 -23.44
CA ALA B 4 -9.08 5.29 -23.61
C ALA B 4 -8.61 4.70 -22.28
N THR B 5 -8.05 5.55 -21.43
CA THR B 5 -7.56 5.10 -20.13
C THR B 5 -8.73 5.03 -19.14
N SER B 6 -8.66 4.06 -18.23
CA SER B 6 -9.69 3.87 -17.24
C SER B 6 -9.54 4.88 -16.10
N SER B 7 -10.63 5.56 -15.77
CA SER B 7 -10.63 6.53 -14.69
C SER B 7 -10.64 5.81 -13.34
N GLU B 8 -10.03 6.42 -12.34
CA GLU B 8 -9.95 5.82 -11.02
C GLU B 8 -10.98 6.41 -10.07
N GLU B 9 -11.49 5.55 -9.21
CA GLU B 9 -12.44 5.94 -8.20
C GLU B 9 -11.76 5.79 -6.85
N VAL B 10 -12.14 6.58 -5.87
CA VAL B 10 -11.50 6.50 -4.58
C VAL B 10 -12.27 5.57 -3.65
N LEU B 11 -11.69 4.39 -3.42
CA LEU B 11 -12.28 3.39 -2.56
C LEU B 11 -11.93 3.68 -1.12
N LEU B 12 -10.67 4.00 -0.90
CA LEU B 12 -10.21 4.26 0.45
C LEU B 12 -9.25 5.43 0.51
N ILE B 13 -9.49 6.31 1.46
CA ILE B 13 -8.62 7.45 1.68
C ILE B 13 -7.95 7.31 3.05
N VAL B 14 -6.68 6.99 3.01
CA VAL B 14 -5.88 6.83 4.21
C VAL B 14 -5.01 8.05 4.37
N LYS B 15 -4.78 8.50 5.59
CA LYS B 15 -3.98 9.70 5.81
C LYS B 15 -2.77 9.41 6.68
N LYS B 16 -1.82 10.35 6.69
CA LYS B 16 -0.60 10.23 7.45
C LYS B 16 0.12 8.93 7.14
N VAL B 17 0.08 8.54 5.86
CA VAL B 17 0.72 7.33 5.41
C VAL B 17 2.08 7.66 4.81
N ARG B 18 3.14 7.26 5.49
CA ARG B 18 4.48 7.51 5.03
C ARG B 18 4.97 6.32 4.23
N GLN B 19 5.59 6.59 3.10
CA GLN B 19 6.09 5.53 2.26
C GLN B 19 7.43 5.96 1.65
N LYS B 20 8.50 5.30 2.09
CA LYS B 20 9.85 5.58 1.63
C LYS B 20 10.34 6.92 2.21
N LYS B 21 10.25 7.01 3.53
CA LYS B 21 10.68 8.18 4.31
C LYS B 21 9.98 9.47 3.90
N GLN B 22 8.68 9.39 3.61
CA GLN B 22 7.92 10.58 3.24
C GLN B 22 6.45 10.40 3.61
N ASP B 23 5.94 11.33 4.38
CA ASP B 23 4.55 11.30 4.84
C ASP B 23 3.58 11.75 3.76
N GLY B 24 2.46 11.05 3.69
CA GLY B 24 1.45 11.35 2.72
C GLY B 24 0.12 10.73 3.04
N ALA B 25 -0.57 10.31 2.00
CA ALA B 25 -1.86 9.71 2.14
C ALA B 25 -2.01 8.57 1.15
N LEU B 26 -2.66 7.50 1.56
CA LEU B 26 -2.82 6.35 0.70
C LEU B 26 -4.23 6.33 0.12
N TYR B 27 -4.30 6.28 -1.20
CA TYR B 27 -5.59 6.27 -1.88
C TYR B 27 -5.80 4.94 -2.63
N LEU B 28 -6.88 4.25 -2.29
CA LEU B 28 -7.20 2.97 -2.93
C LEU B 28 -8.17 3.18 -4.07
N MET B 29 -7.89 2.56 -5.22
CA MET B 29 -8.74 2.66 -6.39
C MET B 29 -9.09 1.26 -6.89
N ALA B 30 -10.20 1.16 -7.62
CA ALA B 30 -10.73 -0.10 -8.14
C ALA B 30 -9.68 -1.02 -8.78
N GLU B 31 -8.90 -0.52 -9.70
CA GLU B 31 -7.92 -1.35 -10.39
C GLU B 31 -6.48 -0.96 -10.09
N ARG B 32 -6.28 0.02 -9.21
CA ARG B 32 -4.92 0.44 -8.90
C ARG B 32 -4.82 1.17 -7.57
N ILE B 33 -3.63 1.16 -7.00
CA ILE B 33 -3.37 1.82 -5.74
C ILE B 33 -2.49 3.03 -6.00
N ALA B 34 -2.74 4.12 -5.30
CA ALA B 34 -1.95 5.32 -5.49
C ALA B 34 -1.60 5.98 -4.17
N TRP B 35 -0.55 6.78 -4.19
CA TRP B 35 -0.11 7.47 -2.99
C TRP B 35 0.33 8.89 -3.34
N ALA B 36 0.10 9.81 -2.40
CA ALA B 36 0.42 11.21 -2.57
C ALA B 36 0.84 11.80 -1.23
N PRO B 37 1.92 12.59 -1.16
CA PRO B 37 2.38 13.18 0.11
C PRO B 37 1.27 13.97 0.80
N GLU B 38 1.41 14.15 2.11
CA GLU B 38 0.40 14.81 2.93
C GLU B 38 0.06 16.20 2.39
N GLY B 39 -1.24 16.47 2.34
CA GLY B 39 -1.72 17.75 1.86
C GLY B 39 -1.53 17.91 0.36
N LYS B 40 -1.80 16.84 -0.39
CA LYS B 40 -1.67 16.88 -1.84
C LYS B 40 -2.75 16.04 -2.51
N ASP B 41 -3.17 16.48 -3.69
CA ASP B 41 -4.20 15.79 -4.45
C ASP B 41 -3.60 15.16 -5.69
N ARG B 42 -2.29 15.31 -5.83
CA ARG B 42 -1.58 14.76 -6.97
C ARG B 42 -0.80 13.53 -6.56
N PHE B 43 -1.24 12.39 -7.07
CA PHE B 43 -0.62 11.11 -6.76
C PHE B 43 0.73 10.99 -7.44
N THR B 44 1.77 10.81 -6.64
CA THR B 44 3.12 10.68 -7.15
C THR B 44 3.47 9.22 -7.40
N ILE B 45 2.70 8.34 -6.77
CA ILE B 45 2.92 6.92 -6.88
C ILE B 45 1.62 6.21 -7.26
N SER B 46 1.70 5.31 -8.23
CA SER B 46 0.54 4.55 -8.68
C SER B 46 0.99 3.17 -9.12
N HIS B 47 0.26 2.14 -8.69
CA HIS B 47 0.61 0.77 -9.03
C HIS B 47 -0.65 -0.01 -9.28
N MET B 48 -0.73 -0.67 -10.42
CA MET B 48 -1.88 -1.46 -10.74
C MET B 48 -1.79 -2.75 -9.96
N TYR B 49 -2.94 -3.26 -9.56
CA TYR B 49 -3.01 -4.52 -8.82
C TYR B 49 -2.41 -5.69 -9.61
N ALA B 50 -2.08 -5.45 -10.87
CA ALA B 50 -1.48 -6.47 -11.71
C ALA B 50 0.05 -6.43 -11.58
N ASP B 51 0.56 -5.29 -11.12
CA ASP B 51 2.00 -5.10 -10.94
C ASP B 51 2.39 -5.45 -9.52
N ILE B 52 1.39 -5.73 -8.70
CA ILE B 52 1.62 -6.09 -7.31
C ILE B 52 1.61 -7.60 -7.17
N LYS B 53 2.78 -8.14 -6.84
CA LYS B 53 2.96 -9.58 -6.72
C LYS B 53 2.59 -10.09 -5.32
N CYS B 54 2.82 -9.29 -4.28
CA CYS B 54 2.52 -9.73 -2.91
C CYS B 54 2.18 -8.56 -1.99
N GLN B 55 1.65 -8.88 -0.81
CA GLN B 55 1.30 -7.87 0.18
C GLN B 55 1.63 -8.39 1.56
N LYS B 56 2.36 -7.60 2.32
CA LYS B 56 2.69 -7.97 3.66
C LYS B 56 2.06 -6.98 4.61
N ILE B 57 2.02 -7.33 5.88
CA ILE B 57 1.47 -6.43 6.88
C ILE B 57 2.32 -6.40 8.15
N SER B 58 2.86 -5.22 8.49
CA SER B 58 3.66 -5.06 9.70
C SER B 58 2.76 -4.87 10.90
N PRO B 59 2.92 -5.77 11.88
CA PRO B 59 2.12 -5.82 13.12
C PRO B 59 2.31 -4.61 14.02
N GLU B 60 1.35 -4.42 14.92
CA GLU B 60 1.42 -3.36 15.89
C GLU B 60 2.40 -3.75 16.99
N GLY B 61 3.48 -2.99 17.10
CA GLY B 61 4.49 -3.29 18.10
C GLY B 61 5.65 -2.33 17.99
N LYS B 62 5.98 -1.98 16.75
CA LYS B 62 7.06 -1.04 16.50
C LYS B 62 6.53 0.38 16.68
N ALA B 63 7.39 1.37 16.52
CA ALA B 63 6.98 2.76 16.66
C ALA B 63 6.27 3.22 15.40
N LYS B 64 5.82 2.26 14.61
CA LYS B 64 5.13 2.50 13.36
C LYS B 64 4.44 1.24 12.89
N ILE B 65 3.31 1.41 12.20
CA ILE B 65 2.52 0.29 11.68
C ILE B 65 2.60 0.34 10.16
N GLN B 66 2.74 -0.81 9.47
CA GLN B 66 2.88 -0.72 8.01
C GLN B 66 2.16 -1.80 7.21
N LEU B 67 2.02 -1.51 5.91
CA LEU B 67 1.41 -2.38 4.91
C LEU B 67 2.27 -2.29 3.66
N GLN B 68 2.89 -3.37 3.21
CA GLN B 68 3.76 -3.27 2.04
C GLN B 68 3.36 -4.17 0.90
N LEU B 69 3.67 -3.70 -0.30
CA LEU B 69 3.37 -4.44 -1.51
C LEU B 69 4.64 -4.80 -2.27
N VAL B 70 4.79 -6.08 -2.55
CA VAL B 70 5.93 -6.57 -3.29
C VAL B 70 5.55 -6.58 -4.76
N LEU B 71 6.06 -5.63 -5.52
CA LEU B 71 5.70 -5.51 -6.91
C LEU B 71 6.51 -6.44 -7.80
N HIS B 72 5.98 -6.66 -9.00
CA HIS B 72 6.63 -7.52 -10.01
C HIS B 72 7.96 -6.92 -10.45
N ALA B 73 8.11 -5.62 -10.25
CA ALA B 73 9.33 -4.92 -10.63
C ALA B 73 10.44 -5.13 -9.61
N GLY B 74 10.11 -5.80 -8.50
CA GLY B 74 11.10 -6.05 -7.47
C GLY B 74 11.08 -4.99 -6.39
N ASP B 75 10.46 -3.86 -6.69
CA ASP B 75 10.37 -2.76 -5.74
C ASP B 75 9.32 -3.08 -4.69
N THR B 76 9.51 -2.57 -3.48
CA THR B 76 8.59 -2.82 -2.40
C THR B 76 8.02 -1.51 -1.86
N THR B 77 6.72 -1.47 -1.68
CA THR B 77 6.06 -0.28 -1.18
C THR B 77 5.54 -0.52 0.25
N ASN B 78 6.29 -0.07 1.26
CA ASN B 78 5.86 -0.26 2.65
C ASN B 78 5.14 0.99 3.12
N PHE B 79 3.84 0.87 3.26
CA PHE B 79 2.98 1.97 3.68
C PHE B 79 2.91 2.07 5.19
N HIS B 80 3.64 3.03 5.73
CA HIS B 80 3.71 3.27 7.16
C HIS B 80 2.60 4.23 7.60
N PHE B 81 1.67 3.71 8.38
CA PHE B 81 0.57 4.53 8.87
C PHE B 81 1.00 5.27 10.13
N SER B 82 1.42 6.51 9.98
CA SER B 82 1.82 7.32 11.12
C SER B 82 0.59 8.02 11.70
N ASN B 83 -0.49 7.27 11.75
CA ASN B 83 -1.76 7.78 12.25
C ASN B 83 -2.03 7.25 13.66
N GLU B 84 -1.62 8.02 14.64
CA GLU B 84 -1.81 7.66 16.05
C GLU B 84 -3.29 7.39 16.36
N SER B 85 -4.18 8.00 15.59
CA SER B 85 -5.60 7.85 15.78
C SER B 85 -6.17 6.54 15.20
N THR B 86 -5.93 6.29 13.91
CA THR B 86 -6.51 5.09 13.29
C THR B 86 -5.49 4.29 12.45
N ALA B 87 -4.22 4.32 12.80
CA ALA B 87 -3.21 3.56 12.03
C ALA B 87 -3.58 2.08 11.93
N VAL B 88 -3.86 1.49 13.07
CA VAL B 88 -4.24 0.08 13.16
C VAL B 88 -5.49 -0.21 12.34
N LYS B 89 -6.53 0.59 12.57
CA LYS B 89 -7.80 0.42 11.88
C LYS B 89 -7.68 0.69 10.38
N GLU B 90 -6.92 1.72 10.03
CA GLU B 90 -6.73 2.06 8.62
C GLU B 90 -5.95 0.96 7.92
N ARG B 91 -5.01 0.35 8.66
CA ARG B 91 -4.19 -0.72 8.11
C ARG B 91 -5.04 -1.90 7.63
N ASP B 92 -5.86 -2.44 8.52
CA ASP B 92 -6.72 -3.58 8.17
C ASP B 92 -7.66 -3.21 7.04
N ALA B 93 -8.04 -1.95 6.98
CA ALA B 93 -8.97 -1.49 5.96
C ALA B 93 -8.33 -1.56 4.57
N VAL B 94 -7.03 -1.33 4.53
CA VAL B 94 -6.29 -1.36 3.28
C VAL B 94 -5.94 -2.79 2.94
N LYS B 95 -5.48 -3.51 3.96
CA LYS B 95 -5.13 -4.92 3.84
C LYS B 95 -6.27 -5.67 3.17
N ASP B 96 -7.44 -5.48 3.75
CA ASP B 96 -8.68 -6.09 3.28
C ASP B 96 -9.00 -5.73 1.84
N LEU B 97 -9.12 -4.45 1.55
CA LEU B 97 -9.45 -4.02 0.19
C LEU B 97 -8.43 -4.50 -0.82
N LEU B 98 -7.15 -4.49 -0.44
CA LEU B 98 -6.10 -4.92 -1.34
C LEU B 98 -6.18 -6.41 -1.66
N GLN B 99 -6.29 -7.24 -0.62
CA GLN B 99 -6.37 -8.69 -0.81
C GLN B 99 -7.65 -9.08 -1.53
N GLN B 100 -8.66 -8.22 -1.44
CA GLN B 100 -9.93 -8.47 -2.09
C GLN B 100 -9.84 -8.11 -3.58
N LEU B 101 -9.02 -7.11 -3.89
CA LEU B 101 -8.85 -6.64 -5.25
C LEU B 101 -7.78 -7.41 -6.02
N LEU B 102 -6.64 -7.66 -5.37
CA LEU B 102 -5.49 -8.34 -5.99
C LEU B 102 -5.85 -9.54 -6.89
N PRO B 103 -6.55 -10.58 -6.38
CA PRO B 103 -6.89 -11.78 -7.18
C PRO B 103 -7.65 -11.49 -8.47
N LYS B 104 -8.23 -10.30 -8.59
CA LYS B 104 -8.98 -9.94 -9.78
C LYS B 104 -8.09 -9.34 -10.86
N PHE B 105 -6.84 -9.02 -10.50
CA PHE B 105 -5.92 -8.42 -11.46
C PHE B 105 -4.60 -9.20 -11.52
N LYS B 106 -4.17 -9.70 -10.37
CA LYS B 106 -2.93 -10.47 -10.31
C LYS B 106 -3.17 -11.87 -10.84
N ARG B 107 -2.46 -12.21 -11.92
CA ARG B 107 -2.60 -13.52 -12.56
C ARG B 107 -3.99 -13.67 -13.18
N LYS B 108 -4.55 -12.55 -13.60
CA LYS B 108 -5.87 -12.53 -14.21
C LYS B 108 -5.85 -13.20 -15.58
N ALA B 109 -6.18 -14.48 -15.61
CA ALA B 109 -6.23 -15.23 -16.86
C ALA B 109 -7.66 -15.22 -17.40
N ASN B 110 -8.18 -14.01 -17.57
CA ASN B 110 -9.54 -13.79 -18.07
C ASN B 110 -9.75 -12.31 -18.25
N ASP A 1 17.78 2.80 3.27
CA ASP A 1 18.46 3.26 2.03
C ASP A 1 19.00 4.68 2.21
N ASP A 2 18.14 5.58 2.67
CA ASP A 2 18.51 6.99 2.88
C ASP A 2 19.07 7.19 4.29
N LEU A 3 19.45 6.08 4.93
CA LEU A 3 19.98 6.08 6.30
C LEU A 3 18.87 6.32 7.31
N MET A 4 17.67 6.62 6.81
CA MET A 4 16.52 6.85 7.65
C MET A 4 15.61 5.64 7.61
N LEU A 5 16.10 4.57 8.26
CA LEU A 5 15.45 3.26 8.36
C LEU A 5 13.94 3.27 8.13
N PRO A 7 12.53 1.08 4.70
CA PRO A 7 12.40 -0.03 3.77
C PRO A 7 13.62 -0.94 3.80
N ASP A 8 14.32 -0.90 4.92
CA ASP A 8 15.52 -1.70 5.11
C ASP A 8 15.44 -2.45 6.44
N ASP A 9 15.07 -1.74 7.49
CA ASP A 9 14.92 -2.34 8.81
C ASP A 9 13.53 -2.89 8.99
N ILE A 10 12.92 -3.21 7.88
CA ILE A 10 11.58 -3.67 7.93
C ILE A 10 11.30 -4.79 6.94
N GLU A 11 11.30 -5.98 7.49
CA GLU A 11 10.95 -7.18 6.77
C GLU A 11 10.29 -8.16 7.73
N GLN A 12 9.71 -7.57 8.76
CA GLN A 12 8.94 -8.29 9.76
C GLN A 12 7.51 -8.13 9.37
N TRP A 13 7.11 -8.99 8.49
CA TRP A 13 5.80 -8.92 7.95
C TRP A 13 5.10 -10.25 7.98
N PHE A 14 3.84 -10.18 7.62
CA PHE A 14 3.02 -11.32 7.47
C PHE A 14 2.62 -11.28 6.04
N GLU A 16 0.69 -11.92 3.76
CA GLU A 16 -0.68 -12.33 3.50
C GLU A 16 -0.81 -13.13 2.21
N ASP A 17 -0.23 -12.63 1.15
CA ASP A 17 -0.31 -13.29 -0.14
C ASP A 17 1.00 -13.15 -0.91
N PRO A 18 1.58 -14.27 -1.36
CA PRO A 18 2.81 -14.26 -2.13
C PRO A 18 2.55 -14.28 -3.63
N GLY A 19 1.29 -14.42 -3.98
CA GLY A 19 0.86 -14.48 -5.36
C GLY A 19 1.67 -15.44 -6.21
N PRO A 20 1.83 -15.14 -7.51
CA PRO A 20 2.63 -15.97 -8.41
C PRO A 20 4.11 -15.63 -8.30
N ASP A 21 4.95 -16.63 -8.13
CA ASP A 21 6.38 -16.39 -8.00
C ASP A 21 7.03 -16.16 -9.35
N GLU A 22 7.01 -14.91 -9.79
CA GLU A 22 7.60 -14.51 -11.04
C GLU A 22 8.40 -13.23 -10.82
N MET B 3 -9.20 5.45 -27.68
CA MET B 3 -9.84 6.42 -26.76
C MET B 3 -9.30 6.24 -25.36
N ALA B 4 -9.61 7.18 -24.48
CA ALA B 4 -9.15 7.12 -23.10
C ALA B 4 -10.29 7.47 -22.16
N THR B 5 -10.36 6.78 -21.04
CA THR B 5 -11.41 7.03 -20.05
C THR B 5 -10.92 6.65 -18.65
N SER B 6 -11.08 7.57 -17.71
CA SER B 6 -10.67 7.34 -16.34
C SER B 6 -11.62 6.38 -15.64
N SER B 7 -11.08 5.58 -14.73
CA SER B 7 -11.89 4.62 -13.98
C SER B 7 -11.29 4.39 -12.60
N GLU B 8 -10.47 5.32 -12.17
CA GLU B 8 -9.82 5.25 -10.87
C GLU B 8 -10.77 5.69 -9.76
N GLU B 9 -11.73 4.84 -9.46
CA GLU B 9 -12.70 5.12 -8.41
C GLU B 9 -11.99 5.10 -7.06
N VAL B 10 -12.29 6.08 -6.22
CA VAL B 10 -11.68 6.17 -4.92
C VAL B 10 -12.41 5.26 -3.94
N LEU B 11 -11.77 4.16 -3.63
CA LEU B 11 -12.32 3.16 -2.74
C LEU B 11 -12.01 3.47 -1.30
N LEU B 12 -10.79 3.93 -1.05
CA LEU B 12 -10.40 4.23 0.32
C LEU B 12 -9.43 5.40 0.37
N ILE B 13 -9.69 6.30 1.28
CA ILE B 13 -8.80 7.43 1.52
C ILE B 13 -8.17 7.28 2.89
N VAL B 14 -6.89 6.93 2.89
CA VAL B 14 -6.14 6.75 4.11
C VAL B 14 -5.30 7.98 4.38
N LYS B 15 -5.18 8.35 5.64
CA LYS B 15 -4.41 9.54 6.00
C LYS B 15 -3.19 9.18 6.82
N LYS B 16 -2.32 10.19 7.00
CA LYS B 16 -1.10 10.03 7.76
C LYS B 16 -0.28 8.85 7.30
N VAL B 17 -0.29 8.63 6.00
CA VAL B 17 0.45 7.53 5.42
C VAL B 17 1.80 8.05 4.97
N ARG B 18 2.85 7.57 5.60
CA ARG B 18 4.18 8.01 5.28
C ARG B 18 4.88 7.02 4.36
N GLN B 19 5.68 7.58 3.48
CA GLN B 19 6.47 6.80 2.57
C GLN B 19 7.86 7.40 2.61
N LYS B 20 8.77 6.73 3.31
CA LYS B 20 10.13 7.22 3.48
C LYS B 20 10.12 8.51 4.31
N LYS B 21 9.49 8.40 5.48
CA LYS B 21 9.37 9.48 6.47
C LYS B 21 8.61 10.72 5.99
N GLN B 22 7.85 10.61 4.90
CA GLN B 22 7.08 11.76 4.42
C GLN B 22 5.60 11.42 4.53
N ASP B 23 4.86 12.28 5.20
CA ASP B 23 3.43 12.06 5.41
C ASP B 23 2.59 12.53 4.24
N GLY B 24 1.61 11.70 3.92
CA GLY B 24 0.68 11.98 2.86
C GLY B 24 -0.62 11.25 3.07
N ALA B 25 -1.13 10.67 2.01
CA ALA B 25 -2.39 9.95 2.07
C ALA B 25 -2.36 8.77 1.10
N LEU B 26 -2.92 7.65 1.52
CA LEU B 26 -2.94 6.45 0.71
C LEU B 26 -4.32 6.33 0.08
N TYR B 27 -4.38 6.40 -1.24
CA TYR B 27 -5.65 6.33 -1.94
C TYR B 27 -5.82 4.98 -2.64
N LEU B 28 -6.88 4.27 -2.28
CA LEU B 28 -7.18 2.99 -2.89
C LEU B 28 -8.12 3.21 -4.06
N MET B 29 -7.76 2.67 -5.21
CA MET B 29 -8.59 2.82 -6.39
C MET B 29 -9.11 1.46 -6.86
N ALA B 30 -10.16 1.51 -7.67
CA ALA B 30 -10.83 0.32 -8.18
C ALA B 30 -9.88 -0.77 -8.69
N GLU B 31 -8.96 -0.40 -9.57
CA GLU B 31 -8.04 -1.37 -10.14
C GLU B 31 -6.59 -1.06 -9.80
N ARG B 32 -6.34 -0.12 -8.90
CA ARG B 32 -4.97 0.23 -8.56
C ARG B 32 -4.86 0.95 -7.23
N ILE B 33 -3.63 1.14 -6.79
CA ILE B 33 -3.34 1.84 -5.55
C ILE B 33 -2.48 3.06 -5.86
N ALA B 34 -2.68 4.13 -5.11
CA ALA B 34 -1.91 5.35 -5.34
C ALA B 34 -1.61 6.08 -4.04
N TRP B 35 -0.59 6.93 -4.07
CA TRP B 35 -0.20 7.69 -2.90
C TRP B 35 0.27 9.09 -3.30
N ALA B 36 -0.02 10.07 -2.44
CA ALA B 36 0.36 11.46 -2.66
C ALA B 36 0.67 12.12 -1.31
N PRO B 37 1.78 12.86 -1.21
CA PRO B 37 2.18 13.53 0.04
C PRO B 37 1.13 14.56 0.48
N GLU B 38 1.20 14.97 1.74
CA GLU B 38 0.26 15.95 2.28
C GLU B 38 0.13 17.16 1.36
N GLY B 39 -1.06 17.73 1.32
CA GLY B 39 -1.33 18.84 0.44
C GLY B 39 -1.80 18.32 -0.91
N LYS B 40 -0.99 17.40 -1.46
CA LYS B 40 -1.25 16.74 -2.73
C LYS B 40 -1.28 17.69 -3.91
N ASP B 41 -1.19 17.10 -5.09
CA ASP B 41 -1.21 17.79 -6.36
C ASP B 41 -1.17 16.75 -7.47
N ARG B 42 -0.44 15.67 -7.19
CA ARG B 42 -0.33 14.56 -8.11
C ARG B 42 0.14 13.33 -7.35
N PHE B 43 -0.29 12.16 -7.80
CA PHE B 43 0.10 10.92 -7.15
C PHE B 43 1.54 10.58 -7.51
N THR B 44 2.37 10.45 -6.51
CA THR B 44 3.78 10.14 -6.71
C THR B 44 3.99 8.64 -6.85
N ILE B 45 3.01 7.89 -6.36
CA ILE B 45 3.06 6.44 -6.41
C ILE B 45 1.75 5.87 -6.92
N SER B 46 1.83 5.00 -7.91
CA SER B 46 0.66 4.35 -8.48
C SER B 46 1.05 2.95 -8.92
N HIS B 47 0.27 1.95 -8.50
CA HIS B 47 0.55 0.57 -8.84
C HIS B 47 -0.75 -0.14 -9.08
N MET B 48 -0.87 -0.76 -10.23
CA MET B 48 -2.06 -1.48 -10.57
C MET B 48 -2.09 -2.79 -9.79
N TYR B 49 -3.26 -3.23 -9.38
CA TYR B 49 -3.39 -4.48 -8.63
C TYR B 49 -2.85 -5.67 -9.43
N ALA B 50 -2.57 -5.45 -10.71
CA ALA B 50 -2.03 -6.50 -11.57
C ALA B 50 -0.51 -6.54 -11.52
N ASP B 51 0.10 -5.43 -11.11
CA ASP B 51 1.56 -5.34 -11.03
C ASP B 51 2.02 -5.74 -9.65
N ILE B 52 1.07 -6.01 -8.77
CA ILE B 52 1.37 -6.41 -7.41
C ILE B 52 1.41 -7.93 -7.30
N LYS B 53 2.58 -8.44 -7.00
CA LYS B 53 2.81 -9.86 -6.89
C LYS B 53 2.46 -10.39 -5.50
N CYS B 54 2.83 -9.64 -4.46
CA CYS B 54 2.55 -10.07 -3.09
C CYS B 54 2.15 -8.90 -2.19
N GLN B 55 1.46 -9.20 -1.09
CA GLN B 55 1.06 -8.18 -0.14
C GLN B 55 1.45 -8.61 1.26
N LYS B 56 2.21 -7.78 1.95
CA LYS B 56 2.60 -8.09 3.30
C LYS B 56 2.01 -7.07 4.25
N ILE B 57 1.99 -7.41 5.52
CA ILE B 57 1.49 -6.49 6.54
C ILE B 57 2.37 -6.48 7.81
N SER B 58 2.89 -5.30 8.15
CA SER B 58 3.73 -5.15 9.35
C SER B 58 2.87 -5.00 10.58
N PRO B 59 3.07 -5.95 11.54
CA PRO B 59 2.31 -6.03 12.79
C PRO B 59 2.61 -4.91 13.79
N GLU B 60 1.83 -4.89 14.86
CA GLU B 60 2.02 -3.91 15.93
C GLU B 60 3.14 -4.39 16.84
N GLY B 61 4.21 -3.62 16.88
CA GLY B 61 5.36 -3.97 17.69
C GLY B 61 6.41 -2.90 17.59
N LYS B 62 6.58 -2.38 16.38
CA LYS B 62 7.52 -1.32 16.14
C LYS B 62 6.81 0.01 16.40
N ALA B 63 7.56 1.10 16.37
CA ALA B 63 6.97 2.42 16.59
C ALA B 63 6.31 2.92 15.31
N LYS B 64 6.04 1.98 14.41
CA LYS B 64 5.44 2.28 13.13
C LYS B 64 4.72 1.04 12.58
N ILE B 65 3.52 1.26 12.05
CA ILE B 65 2.71 0.19 11.48
C ILE B 65 2.84 0.23 9.95
N GLN B 66 2.97 -0.92 9.28
CA GLN B 66 3.15 -0.85 7.81
C GLN B 66 2.35 -1.88 7.03
N LEU B 67 2.23 -1.60 5.74
CA LEU B 67 1.56 -2.44 4.75
C LEU B 67 2.36 -2.34 3.45
N GLN B 68 2.90 -3.44 2.95
CA GLN B 68 3.74 -3.36 1.76
C GLN B 68 3.28 -4.28 0.64
N LEU B 69 3.56 -3.85 -0.57
CA LEU B 69 3.20 -4.60 -1.76
C LEU B 69 4.45 -4.96 -2.56
N VAL B 70 4.64 -6.25 -2.77
CA VAL B 70 5.76 -6.74 -3.55
C VAL B 70 5.31 -6.81 -5.00
N LEU B 71 5.91 -6.00 -5.86
CA LEU B 71 5.50 -5.96 -7.25
C LEU B 71 6.27 -6.99 -8.08
N HIS B 72 5.68 -7.34 -9.24
CA HIS B 72 6.30 -8.31 -10.16
C HIS B 72 7.66 -7.80 -10.65
N ALA B 73 7.86 -6.50 -10.56
CA ALA B 73 9.11 -5.88 -11.00
C ALA B 73 10.21 -6.04 -9.96
N GLY B 74 9.89 -6.67 -8.84
CA GLY B 74 10.87 -6.86 -7.79
C GLY B 74 10.86 -5.74 -6.77
N ASP B 75 10.23 -4.64 -7.14
CA ASP B 75 10.14 -3.47 -6.27
C ASP B 75 9.12 -3.72 -5.16
N THR B 76 9.31 -3.06 -4.02
CA THR B 76 8.41 -3.22 -2.90
C THR B 76 8.02 -1.86 -2.32
N THR B 77 6.74 -1.68 -2.09
CA THR B 77 6.24 -0.42 -1.54
C THR B 77 5.69 -0.64 -0.12
N ASN B 78 6.49 -0.31 0.89
CA ASN B 78 6.06 -0.48 2.28
C ASN B 78 5.42 0.81 2.78
N PHE B 79 4.11 0.78 2.98
CA PHE B 79 3.35 1.93 3.43
C PHE B 79 3.36 2.03 4.95
N HIS B 80 3.81 3.18 5.44
CA HIS B 80 3.90 3.44 6.88
C HIS B 80 2.70 4.24 7.37
N PHE B 81 1.83 3.59 8.15
CA PHE B 81 0.65 4.25 8.71
C PHE B 81 1.03 4.97 9.99
N SER B 82 0.93 6.29 10.01
CA SER B 82 1.28 7.05 11.19
C SER B 82 0.11 7.84 11.74
N ASN B 83 -1.12 7.38 11.47
CA ASN B 83 -2.28 8.08 11.99
C ASN B 83 -2.55 7.54 13.38
N GLU B 84 -2.13 8.31 14.36
CA GLU B 84 -2.25 7.95 15.77
C GLU B 84 -3.59 7.32 16.13
N SER B 85 -4.67 7.90 15.62
CA SER B 85 -5.99 7.41 15.92
C SER B 85 -6.51 6.31 14.97
N THR B 86 -5.96 6.21 13.75
CA THR B 86 -6.49 5.23 12.80
C THR B 86 -5.45 4.35 12.09
N ALA B 87 -4.18 4.46 12.44
CA ALA B 87 -3.12 3.69 11.79
C ALA B 87 -3.44 2.21 11.69
N VAL B 88 -3.64 1.58 12.84
CA VAL B 88 -3.96 0.15 12.90
C VAL B 88 -5.26 -0.16 12.15
N LYS B 89 -6.26 0.68 12.34
CA LYS B 89 -7.57 0.50 11.72
C LYS B 89 -7.50 0.62 10.20
N GLU B 90 -6.71 1.57 9.71
CA GLU B 90 -6.60 1.77 8.28
C GLU B 90 -5.75 0.68 7.66
N ARG B 91 -4.73 0.24 8.40
CA ARG B 91 -3.84 -0.82 7.93
C ARG B 91 -4.65 -2.04 7.56
N ASP B 92 -5.58 -2.40 8.42
CA ASP B 92 -6.43 -3.57 8.18
C ASP B 92 -7.47 -3.30 7.11
N ALA B 93 -7.96 -2.06 7.03
CA ALA B 93 -8.98 -1.70 6.05
C ALA B 93 -8.43 -1.81 4.64
N VAL B 94 -7.17 -1.43 4.50
CA VAL B 94 -6.48 -1.48 3.22
C VAL B 94 -6.14 -2.92 2.89
N LYS B 95 -5.67 -3.64 3.91
CA LYS B 95 -5.33 -5.06 3.75
C LYS B 95 -6.53 -5.80 3.20
N ASP B 96 -7.67 -5.54 3.82
CA ASP B 96 -8.95 -6.13 3.46
C ASP B 96 -9.28 -5.87 1.99
N LEU B 97 -9.31 -4.60 1.61
CA LEU B 97 -9.62 -4.23 0.24
C LEU B 97 -8.60 -4.82 -0.73
N LEU B 98 -7.33 -4.80 -0.34
CA LEU B 98 -6.26 -5.30 -1.19
C LEU B 98 -6.37 -6.81 -1.40
N GLN B 99 -6.51 -7.57 -0.31
CA GLN B 99 -6.59 -9.02 -0.40
C GLN B 99 -7.82 -9.45 -1.20
N GLN B 100 -8.82 -8.58 -1.25
CA GLN B 100 -10.04 -8.85 -2.00
C GLN B 100 -9.92 -8.43 -3.47
N LEU B 101 -9.19 -7.36 -3.70
CA LEU B 101 -9.02 -6.83 -5.06
C LEU B 101 -7.86 -7.46 -5.82
N LEU B 102 -6.74 -7.69 -5.13
CA LEU B 102 -5.54 -8.25 -5.75
C LEU B 102 -5.80 -9.49 -6.62
N PRO B 103 -6.40 -10.58 -6.07
CA PRO B 103 -6.66 -11.81 -6.85
C PRO B 103 -7.52 -11.59 -8.09
N LYS B 104 -8.24 -10.47 -8.12
CA LYS B 104 -9.12 -10.15 -9.24
C LYS B 104 -8.38 -9.42 -10.36
N PHE B 105 -7.15 -8.99 -10.10
CA PHE B 105 -6.40 -8.25 -11.11
C PHE B 105 -5.03 -8.86 -11.35
N LYS B 106 -4.39 -9.38 -10.30
CA LYS B 106 -3.09 -9.99 -10.45
C LYS B 106 -3.19 -11.23 -11.32
N ARG B 107 -2.40 -11.26 -12.37
CA ARG B 107 -2.40 -12.38 -13.29
C ARG B 107 -1.94 -13.66 -12.60
N LYS B 108 -2.67 -14.73 -12.85
CA LYS B 108 -2.37 -16.03 -12.27
C LYS B 108 -2.19 -17.02 -13.42
N ALA B 109 -3.25 -17.76 -13.74
CA ALA B 109 -3.22 -18.67 -14.87
C ALA B 109 -3.79 -17.91 -16.06
N ASN B 110 -4.05 -16.65 -15.77
CA ASN B 110 -4.60 -15.67 -16.68
C ASN B 110 -4.60 -14.34 -15.95
N ASP A 1 17.34 3.66 3.56
CA ASP A 1 18.68 4.05 3.06
C ASP A 1 18.80 5.58 3.00
N ASP A 2 18.18 6.18 2.00
CA ASP A 2 18.22 7.64 1.83
C ASP A 2 17.18 8.32 2.72
N LEU A 3 15.93 7.90 2.58
CA LEU A 3 14.84 8.48 3.36
C LEU A 3 14.85 7.87 4.75
N MET A 4 15.44 6.68 4.85
CA MET A 4 15.58 5.95 6.11
C MET A 4 14.22 5.47 6.63
N LEU A 5 13.59 4.63 5.83
CA LEU A 5 12.32 4.00 6.17
C LEU A 5 12.08 2.89 5.17
N PRO A 7 13.92 -1.18 3.92
CA PRO A 7 14.23 -2.44 4.64
C PRO A 7 15.32 -2.27 5.72
N ASP A 8 15.61 -1.02 6.05
CA ASP A 8 16.58 -0.70 7.10
C ASP A 8 15.95 -1.10 8.42
N ASP A 9 14.65 -0.89 8.47
CA ASP A 9 13.84 -1.20 9.63
C ASP A 9 12.53 -1.77 9.14
N ILE A 10 12.61 -2.77 8.28
CA ILE A 10 11.43 -3.35 7.71
C ILE A 10 11.75 -4.63 6.93
N GLU A 11 11.05 -5.68 7.33
CA GLU A 11 11.03 -7.03 6.74
C GLU A 11 10.73 -8.06 7.82
N GLN A 12 9.68 -7.73 8.54
CA GLN A 12 9.12 -8.52 9.62
C GLN A 12 7.64 -8.41 9.45
N TRP A 13 7.21 -9.04 8.39
CA TRP A 13 5.85 -8.98 8.00
C TRP A 13 5.19 -10.33 8.02
N PHE A 14 3.90 -10.27 7.79
CA PHE A 14 3.09 -11.43 7.64
C PHE A 14 2.62 -11.35 6.24
N GLU A 16 0.72 -11.59 3.71
CA GLU A 16 -0.64 -11.97 3.33
C GLU A 16 -0.74 -12.34 1.85
N ASP A 17 -0.04 -13.39 1.43
CA ASP A 17 -0.07 -13.82 0.04
C ASP A 17 0.38 -15.27 -0.16
N PRO A 18 1.61 -15.64 0.28
CA PRO A 18 2.11 -17.02 0.13
C PRO A 18 1.18 -18.07 0.72
N GLY A 19 0.32 -18.61 -0.11
CA GLY A 19 -0.62 -19.63 0.32
C GLY A 19 -1.77 -19.75 -0.66
N PRO A 20 -3.01 -19.58 -0.19
CA PRO A 20 -4.19 -19.67 -1.05
C PRO A 20 -4.36 -18.40 -1.89
N ASP A 21 -4.60 -18.59 -3.18
CA ASP A 21 -4.77 -17.49 -4.11
C ASP A 21 -5.96 -17.76 -5.02
N GLU A 22 -6.79 -18.69 -4.59
CA GLU A 22 -7.98 -19.08 -5.34
C GLU A 22 -9.21 -18.39 -4.79
N MET B 3 -9.89 1.29 -16.18
CA MET B 3 -9.07 0.31 -16.92
C MET B 3 -7.94 1.03 -17.65
N ALA B 4 -6.70 0.81 -17.20
CA ALA B 4 -5.51 1.44 -17.77
C ALA B 4 -5.54 2.95 -17.55
N THR B 5 -6.21 3.66 -18.43
CA THR B 5 -6.34 5.10 -18.32
C THR B 5 -7.81 5.49 -18.20
N SER B 6 -8.27 5.64 -16.97
CA SER B 6 -9.66 6.01 -16.72
C SER B 6 -9.74 6.77 -15.40
N SER B 7 -10.94 7.21 -15.07
CA SER B 7 -11.18 7.91 -13.83
C SER B 7 -11.86 6.96 -12.85
N GLU B 8 -11.10 5.96 -12.40
CA GLU B 8 -11.61 4.95 -11.48
C GLU B 8 -12.04 5.55 -10.16
N GLU B 9 -13.04 4.93 -9.56
CA GLU B 9 -13.59 5.36 -8.29
C GLU B 9 -12.61 5.15 -7.15
N VAL B 10 -12.71 6.01 -6.15
CA VAL B 10 -11.87 5.92 -4.98
C VAL B 10 -12.53 4.99 -3.98
N LEU B 11 -11.84 3.91 -3.66
CA LEU B 11 -12.35 2.90 -2.76
C LEU B 11 -12.01 3.22 -1.33
N LEU B 12 -10.81 3.73 -1.10
CA LEU B 12 -10.39 4.03 0.24
C LEU B 12 -9.47 5.23 0.30
N ILE B 13 -9.73 6.09 1.26
CA ILE B 13 -8.89 7.25 1.51
C ILE B 13 -8.27 7.11 2.89
N VAL B 14 -7.00 6.81 2.92
CA VAL B 14 -6.26 6.64 4.15
C VAL B 14 -5.46 7.90 4.44
N LYS B 15 -5.33 8.23 5.72
CA LYS B 15 -4.62 9.44 6.11
C LYS B 15 -3.37 9.11 6.90
N LYS B 16 -2.51 10.12 7.03
CA LYS B 16 -1.25 10.01 7.75
C LYS B 16 -0.46 8.77 7.33
N VAL B 17 -0.42 8.52 6.03
CA VAL B 17 0.32 7.39 5.50
C VAL B 17 1.68 7.88 5.04
N ARG B 18 2.72 7.45 5.72
CA ARG B 18 4.07 7.88 5.41
C ARG B 18 4.75 6.95 4.43
N GLN B 19 5.07 7.49 3.28
CA GLN B 19 5.75 6.75 2.25
C GLN B 19 7.15 7.33 2.09
N LYS B 20 8.13 6.61 2.61
CA LYS B 20 9.53 7.03 2.55
C LYS B 20 9.75 8.34 3.34
N LYS B 21 9.48 8.27 4.64
CA LYS B 21 9.68 9.40 5.56
C LYS B 21 8.79 10.62 5.24
N GLN B 22 7.71 10.41 4.51
CA GLN B 22 6.81 11.51 4.16
C GLN B 22 5.37 11.13 4.40
N ASP B 23 4.70 11.85 5.30
CA ASP B 23 3.30 11.57 5.62
C ASP B 23 2.35 12.21 4.62
N GLY B 24 1.51 11.38 4.06
CA GLY B 24 0.53 11.83 3.11
C GLY B 24 -0.77 11.07 3.25
N ALA B 25 -1.30 10.62 2.13
CA ALA B 25 -2.55 9.90 2.13
C ALA B 25 -2.49 8.75 1.16
N LEU B 26 -3.03 7.62 1.57
CA LEU B 26 -3.02 6.43 0.74
C LEU B 26 -4.40 6.29 0.11
N TYR B 27 -4.44 6.29 -1.21
CA TYR B 27 -5.71 6.20 -1.92
C TYR B 27 -5.87 4.86 -2.65
N LEU B 28 -6.99 4.22 -2.43
CA LEU B 28 -7.29 2.95 -3.09
C LEU B 28 -8.26 3.21 -4.23
N MET B 29 -7.95 2.72 -5.42
CA MET B 29 -8.84 2.91 -6.56
C MET B 29 -9.28 1.57 -7.11
N ALA B 30 -10.37 1.60 -7.85
CA ALA B 30 -10.98 0.41 -8.44
C ALA B 30 -10.00 -0.54 -9.14
N GLU B 31 -9.03 0.00 -9.86
CA GLU B 31 -8.08 -0.85 -10.58
C GLU B 31 -6.64 -0.67 -10.11
N ARG B 32 -6.40 0.26 -9.20
CA ARG B 32 -5.02 0.49 -8.75
C ARG B 32 -4.93 1.24 -7.44
N ILE B 33 -3.74 1.26 -6.88
CA ILE B 33 -3.48 1.95 -5.63
C ILE B 33 -2.67 3.21 -5.95
N ALA B 34 -2.79 4.23 -5.12
CA ALA B 34 -2.07 5.46 -5.33
C ALA B 34 -1.77 6.16 -4.02
N TRP B 35 -0.78 7.03 -4.03
CA TRP B 35 -0.40 7.74 -2.83
C TRP B 35 -0.03 9.19 -3.17
N ALA B 36 -0.37 10.10 -2.27
CA ALA B 36 -0.10 11.53 -2.43
C ALA B 36 0.20 12.15 -1.08
N PRO B 37 1.24 12.98 -0.98
CA PRO B 37 1.61 13.63 0.29
C PRO B 37 0.50 14.56 0.79
N GLU B 38 0.45 14.76 2.10
CA GLU B 38 -0.56 15.61 2.70
C GLU B 38 -0.33 17.06 2.29
N GLY B 39 -1.24 17.57 1.46
CA GLY B 39 -1.13 18.93 1.00
C GLY B 39 -0.85 19.00 -0.48
N LYS B 40 -0.82 17.85 -1.15
CA LYS B 40 -0.58 17.81 -2.58
C LYS B 40 -1.90 17.71 -3.34
N ASP B 41 -1.78 17.68 -4.65
CA ASP B 41 -2.93 17.62 -5.54
C ASP B 41 -2.89 16.39 -6.42
N ARG B 42 -1.72 16.10 -6.95
CA ARG B 42 -1.53 14.96 -7.83
C ARG B 42 -0.81 13.83 -7.12
N PHE B 43 -1.29 12.61 -7.34
CA PHE B 43 -0.71 11.42 -6.73
C PHE B 43 0.71 11.21 -7.23
N THR B 44 1.63 11.04 -6.31
CA THR B 44 3.03 10.85 -6.65
C THR B 44 3.35 9.40 -7.00
N ILE B 45 2.61 8.48 -6.41
CA ILE B 45 2.84 7.06 -6.64
C ILE B 45 1.53 6.34 -6.98
N SER B 46 1.58 5.45 -7.97
CA SER B 46 0.44 4.67 -8.37
C SER B 46 0.91 3.30 -8.84
N HIS B 47 0.18 2.25 -8.46
CA HIS B 47 0.53 0.88 -8.82
C HIS B 47 -0.73 0.11 -9.08
N MET B 48 -0.82 -0.50 -10.24
CA MET B 48 -1.97 -1.31 -10.58
C MET B 48 -1.92 -2.56 -9.73
N TYR B 49 -3.08 -3.03 -9.27
CA TYR B 49 -3.10 -4.25 -8.45
C TYR B 49 -2.51 -5.44 -9.20
N ALA B 50 -2.45 -5.34 -10.52
CA ALA B 50 -1.89 -6.40 -11.35
C ALA B 50 -0.37 -6.42 -11.22
N ASP B 51 0.22 -5.26 -10.94
CA ASP B 51 1.66 -5.16 -10.78
C ASP B 51 2.07 -5.53 -9.37
N ILE B 52 1.07 -5.72 -8.52
CA ILE B 52 1.32 -6.10 -7.15
C ILE B 52 1.28 -7.61 -7.02
N LYS B 53 2.44 -8.22 -6.85
CA LYS B 53 2.55 -9.65 -6.74
C LYS B 53 2.04 -10.14 -5.39
N CYS B 54 2.29 -9.37 -4.34
CA CYS B 54 1.84 -9.75 -3.01
C CYS B 54 1.81 -8.56 -2.06
N GLN B 55 1.19 -8.76 -0.90
CA GLN B 55 1.10 -7.71 0.09
C GLN B 55 1.49 -8.26 1.45
N LYS B 56 2.21 -7.49 2.22
CA LYS B 56 2.60 -7.90 3.54
C LYS B 56 2.05 -6.92 4.54
N ILE B 57 2.05 -7.31 5.80
CA ILE B 57 1.58 -6.41 6.86
C ILE B 57 2.50 -6.42 8.09
N SER B 58 3.04 -5.23 8.42
CA SER B 58 3.91 -5.09 9.60
C SER B 58 3.10 -5.00 10.87
N PRO B 59 3.35 -5.96 11.78
CA PRO B 59 2.66 -6.10 13.07
C PRO B 59 3.00 -5.00 14.08
N GLU B 60 2.27 -5.02 15.19
CA GLU B 60 2.50 -4.11 16.27
C GLU B 60 3.82 -4.47 16.96
N GLY B 61 4.45 -3.50 17.58
CA GLY B 61 5.73 -3.75 18.23
C GLY B 61 6.73 -2.71 17.84
N LYS B 62 6.68 -2.31 16.58
CA LYS B 62 7.55 -1.27 16.07
C LYS B 62 7.00 0.09 16.50
N ALA B 63 7.76 1.13 16.25
CA ALA B 63 7.31 2.48 16.57
C ALA B 63 6.42 2.99 15.45
N LYS B 64 6.04 2.07 14.57
CA LYS B 64 5.22 2.38 13.42
C LYS B 64 4.66 1.09 12.79
N ILE B 65 3.40 1.15 12.38
CA ILE B 65 2.73 0.01 11.74
C ILE B 65 2.89 0.14 10.23
N GLN B 66 3.07 -0.97 9.49
CA GLN B 66 3.26 -0.84 8.05
C GLN B 66 2.45 -1.83 7.22
N LEU B 67 2.30 -1.49 5.94
CA LEU B 67 1.62 -2.31 4.93
C LEU B 67 2.43 -2.21 3.65
N GLN B 68 3.02 -3.29 3.17
CA GLN B 68 3.87 -3.19 1.98
C GLN B 68 3.39 -4.09 0.86
N LEU B 69 3.67 -3.66 -0.35
CA LEU B 69 3.29 -4.40 -1.54
C LEU B 69 4.53 -4.81 -2.33
N VAL B 70 4.66 -6.10 -2.58
CA VAL B 70 5.76 -6.63 -3.37
C VAL B 70 5.31 -6.66 -4.80
N LEU B 71 5.88 -5.80 -5.63
CA LEU B 71 5.45 -5.71 -7.00
C LEU B 71 6.22 -6.64 -7.93
N HIS B 72 5.64 -6.84 -9.11
CA HIS B 72 6.23 -7.70 -10.14
C HIS B 72 7.56 -7.13 -10.66
N ALA B 73 7.80 -5.86 -10.37
CA ALA B 73 9.03 -5.21 -10.81
C ALA B 73 10.19 -5.59 -9.91
N GLY B 74 9.87 -6.19 -8.77
CA GLY B 74 10.90 -6.61 -7.83
C GLY B 74 11.08 -5.62 -6.70
N ASP B 75 10.35 -4.52 -6.78
CA ASP B 75 10.43 -3.49 -5.75
C ASP B 75 9.30 -3.67 -4.74
N THR B 76 9.39 -2.98 -3.62
CA THR B 76 8.39 -3.09 -2.57
C THR B 76 8.00 -1.72 -2.02
N THR B 77 6.71 -1.49 -1.91
CA THR B 77 6.20 -0.24 -1.37
C THR B 77 5.70 -0.45 0.05
N ASN B 78 6.51 -0.10 1.06
CA ASN B 78 6.10 -0.29 2.45
C ASN B 78 5.44 0.98 2.96
N PHE B 79 4.14 0.90 3.20
CA PHE B 79 3.36 2.04 3.67
C PHE B 79 3.36 2.11 5.19
N HIS B 80 3.86 3.22 5.71
CA HIS B 80 3.93 3.45 7.15
C HIS B 80 2.72 4.24 7.63
N PHE B 81 1.90 3.62 8.48
CA PHE B 81 0.72 4.29 9.02
C PHE B 81 1.11 5.03 10.29
N SER B 82 1.28 6.33 10.19
CA SER B 82 1.67 7.14 11.33
C SER B 82 0.47 7.69 12.08
N ASN B 83 -0.69 7.09 11.88
CA ASN B 83 -1.89 7.52 12.56
C ASN B 83 -1.86 6.93 13.96
N GLU B 84 -1.96 7.76 14.99
CA GLU B 84 -1.85 7.26 16.35
C GLU B 84 -3.01 6.34 16.73
N SER B 85 -4.20 6.87 16.74
CA SER B 85 -5.37 6.10 17.12
C SER B 85 -5.95 5.32 15.94
N THR B 86 -5.36 5.45 14.77
CA THR B 86 -5.92 4.79 13.61
C THR B 86 -4.92 4.00 12.76
N ALA B 87 -3.65 3.93 13.15
CA ALA B 87 -2.66 3.19 12.34
C ALA B 87 -3.09 1.76 12.12
N VAL B 88 -3.31 1.07 13.21
CA VAL B 88 -3.73 -0.33 13.19
C VAL B 88 -5.02 -0.52 12.40
N LYS B 89 -6.02 0.29 12.73
CA LYS B 89 -7.33 0.21 12.08
C LYS B 89 -7.27 0.51 10.59
N GLU B 90 -6.56 1.55 10.20
CA GLU B 90 -6.48 1.92 8.79
C GLU B 90 -5.64 0.91 8.03
N ARG B 91 -4.62 0.35 8.70
CA ARG B 91 -3.75 -0.64 8.09
C ARG B 91 -4.54 -1.83 7.60
N ASP B 92 -5.37 -2.38 8.47
CA ASP B 92 -6.18 -3.54 8.15
C ASP B 92 -7.23 -3.24 7.08
N ALA B 93 -7.78 -2.04 7.11
CA ALA B 93 -8.81 -1.65 6.14
C ALA B 93 -8.26 -1.67 4.71
N VAL B 94 -6.99 -1.31 4.60
CA VAL B 94 -6.31 -1.28 3.32
C VAL B 94 -5.92 -2.69 2.92
N LYS B 95 -5.34 -3.41 3.86
CA LYS B 95 -4.92 -4.80 3.66
C LYS B 95 -6.08 -5.61 3.10
N ASP B 96 -7.21 -5.45 3.74
CA ASP B 96 -8.44 -6.13 3.36
C ASP B 96 -8.85 -5.83 1.93
N LEU B 97 -9.04 -4.56 1.62
CA LEU B 97 -9.47 -4.17 0.29
C LEU B 97 -8.44 -4.58 -0.77
N LEU B 98 -7.16 -4.38 -0.46
CA LEU B 98 -6.10 -4.71 -1.41
C LEU B 98 -6.07 -6.21 -1.73
N GLN B 99 -6.08 -7.03 -0.69
CA GLN B 99 -6.03 -8.47 -0.85
C GLN B 99 -7.26 -8.99 -1.58
N GLN B 100 -8.39 -8.31 -1.39
CA GLN B 100 -9.64 -8.71 -2.04
C GLN B 100 -9.64 -8.34 -3.52
N LEU B 101 -8.93 -7.28 -3.86
CA LEU B 101 -8.86 -6.81 -5.23
C LEU B 101 -7.76 -7.51 -6.03
N LEU B 102 -6.75 -8.01 -5.33
CA LEU B 102 -5.61 -8.68 -5.97
C LEU B 102 -6.03 -9.78 -6.98
N PRO B 103 -6.90 -10.75 -6.60
CA PRO B 103 -7.32 -11.82 -7.51
C PRO B 103 -8.04 -11.30 -8.77
N LYS B 104 -8.44 -10.04 -8.73
CA LYS B 104 -9.12 -9.43 -9.85
C LYS B 104 -8.11 -8.84 -10.84
N PHE B 105 -6.84 -8.80 -10.44
CA PHE B 105 -5.79 -8.23 -11.28
C PHE B 105 -4.62 -9.17 -11.47
N LYS B 106 -4.43 -10.08 -10.54
CA LYS B 106 -3.36 -11.06 -10.64
C LYS B 106 -3.52 -11.87 -11.93
N ARG B 107 -2.52 -11.76 -12.81
CA ARG B 107 -2.51 -12.48 -14.10
C ARG B 107 -3.43 -11.80 -15.12
N LYS B 108 -3.97 -10.64 -14.76
CA LYS B 108 -4.87 -9.90 -15.66
C LYS B 108 -4.08 -9.26 -16.80
N ALA B 109 -3.00 -8.57 -16.46
CA ALA B 109 -2.15 -7.91 -17.46
C ALA B 109 -0.72 -7.85 -16.99
N ASN B 110 -0.40 -8.69 -16.01
CA ASN B 110 0.93 -8.75 -15.44
C ASN B 110 1.08 -10.07 -14.70
N ASP A 1 14.54 1.30 14.45
CA ASP A 1 13.49 2.34 14.39
C ASP A 1 13.99 3.60 15.06
N ASP A 2 13.61 4.73 14.50
CA ASP A 2 13.99 6.04 14.99
C ASP A 2 13.47 7.09 14.02
N LEU A 3 14.13 8.24 13.98
CA LEU A 3 13.75 9.31 13.06
C LEU A 3 14.11 8.89 11.64
N MET A 4 14.99 7.91 11.57
CA MET A 4 15.45 7.34 10.31
C MET A 4 14.48 6.21 9.94
N LEU A 5 13.25 6.59 9.63
CA LEU A 5 12.20 5.64 9.27
C LEU A 5 12.40 5.14 7.85
N PRO A 7 14.71 1.61 5.65
CA PRO A 7 14.91 0.16 5.83
C PRO A 7 15.80 -0.17 7.03
N ASP A 8 15.72 0.69 8.04
CA ASP A 8 16.46 0.57 9.28
C ASP A 8 15.74 -0.41 10.19
N ASP A 9 14.45 -0.55 9.91
CA ASP A 9 13.59 -1.38 10.72
C ASP A 9 12.36 -1.81 9.94
N ILE A 10 12.50 -2.84 9.11
CA ILE A 10 11.39 -3.33 8.32
C ILE A 10 11.77 -4.59 7.57
N GLU A 11 10.95 -5.60 7.83
CA GLU A 11 10.95 -6.94 7.23
C GLU A 11 10.56 -7.93 8.32
N GLN A 12 9.48 -7.53 8.98
CA GLN A 12 8.85 -8.26 10.06
C GLN A 12 7.38 -8.22 9.78
N TRP A 13 7.05 -8.88 8.72
CA TRP A 13 5.72 -8.92 8.25
C TRP A 13 5.13 -10.30 8.45
N PHE A 14 3.84 -10.37 8.25
CA PHE A 14 3.13 -11.63 8.33
C PHE A 14 2.89 -12.06 6.92
N GLU A 16 1.05 -11.62 4.28
CA GLU A 16 -0.22 -12.24 3.90
C GLU A 16 -0.07 -13.11 2.66
N ASP A 17 0.32 -12.49 1.57
CA ASP A 17 0.54 -13.21 0.33
C ASP A 17 2.02 -13.18 0.04
N PRO A 18 2.73 -14.29 0.32
CA PRO A 18 4.14 -14.41 0.06
C PRO A 18 4.43 -15.29 -1.15
N GLY A 19 3.41 -15.44 -1.98
CA GLY A 19 3.53 -16.28 -3.15
C GLY A 19 3.72 -17.74 -2.80
N PRO A 20 2.67 -18.43 -2.32
CA PRO A 20 2.74 -19.83 -1.93
C PRO A 20 2.32 -20.78 -3.05
N ASP A 21 2.47 -20.31 -4.28
CA ASP A 21 2.10 -21.09 -5.47
C ASP A 21 2.48 -20.32 -6.73
N GLU A 22 2.43 -19.00 -6.63
CA GLU A 22 2.78 -18.13 -7.75
C GLU A 22 3.78 -17.10 -7.27
N MET B 3 -8.65 0.91 -14.71
CA MET B 3 -8.52 2.14 -15.52
C MET B 3 -9.88 2.50 -16.14
N ALA B 4 -10.79 2.96 -15.29
CA ALA B 4 -12.12 3.35 -15.73
C ALA B 4 -12.39 4.80 -15.35
N THR B 5 -13.31 5.43 -16.08
CA THR B 5 -13.69 6.82 -15.85
C THR B 5 -12.56 7.77 -16.25
N SER B 6 -11.53 7.85 -15.42
CA SER B 6 -10.38 8.71 -15.67
C SER B 6 -9.31 8.47 -14.61
N SER B 7 -9.57 8.97 -13.42
CA SER B 7 -8.64 8.83 -12.31
C SER B 7 -9.06 7.66 -11.42
N GLU B 8 -9.72 6.67 -12.05
CA GLU B 8 -10.20 5.48 -11.37
C GLU B 8 -11.29 5.82 -10.35
N GLU B 9 -11.65 4.84 -9.54
CA GLU B 9 -12.66 5.04 -8.51
C GLU B 9 -11.99 5.00 -7.15
N VAL B 10 -12.28 5.99 -6.32
CA VAL B 10 -11.69 6.07 -5.00
C VAL B 10 -12.49 5.22 -4.02
N LEU B 11 -11.84 4.20 -3.50
CA LEU B 11 -12.46 3.28 -2.56
C LEU B 11 -12.11 3.67 -1.14
N LEU B 12 -10.87 4.09 -0.95
CA LEU B 12 -10.42 4.46 0.38
C LEU B 12 -9.42 5.60 0.32
N ILE B 13 -9.46 6.43 1.34
CA ILE B 13 -8.53 7.53 1.48
C ILE B 13 -7.93 7.48 2.87
N VAL B 14 -6.67 7.07 2.95
CA VAL B 14 -5.96 6.97 4.21
C VAL B 14 -5.13 8.22 4.41
N LYS B 15 -5.01 8.67 5.64
CA LYS B 15 -4.26 9.88 5.93
C LYS B 15 -2.99 9.60 6.71
N LYS B 16 -2.10 10.59 6.69
CA LYS B 16 -0.82 10.52 7.36
C LYS B 16 -0.05 9.27 7.00
N VAL B 17 -0.24 8.80 5.78
CA VAL B 17 0.46 7.61 5.31
C VAL B 17 1.85 8.00 4.83
N ARG B 18 2.85 7.50 5.53
CA ARG B 18 4.22 7.81 5.21
C ARG B 18 4.83 6.79 4.27
N GLN B 19 5.26 7.27 3.13
CA GLN B 19 5.91 6.44 2.15
C GLN B 19 7.38 6.81 2.16
N LYS B 20 8.17 5.94 2.76
CA LYS B 20 9.60 6.16 2.90
C LYS B 20 9.89 7.45 3.70
N LYS B 21 9.23 7.54 4.87
CA LYS B 21 9.40 8.67 5.79
C LYS B 21 8.64 9.93 5.35
N GLN B 22 7.87 9.85 4.28
CA GLN B 22 7.11 11.01 3.81
C GLN B 22 5.64 10.82 4.10
N ASP B 23 5.07 11.68 4.93
CA ASP B 23 3.66 11.56 5.28
C ASP B 23 2.75 12.27 4.29
N GLY B 24 1.89 11.48 3.68
CA GLY B 24 0.94 11.98 2.74
C GLY B 24 -0.40 11.30 2.92
N ALA B 25 -0.89 10.66 1.88
CA ALA B 25 -2.17 9.99 1.93
C ALA B 25 -2.20 8.80 0.98
N LEU B 26 -2.80 7.72 1.43
CA LEU B 26 -2.88 6.51 0.64
C LEU B 26 -4.27 6.42 0.03
N TYR B 27 -4.34 6.35 -1.29
CA TYR B 27 -5.61 6.28 -2.00
C TYR B 27 -5.83 4.91 -2.60
N LEU B 28 -6.95 4.29 -2.23
CA LEU B 28 -7.30 2.99 -2.76
C LEU B 28 -8.25 3.17 -3.92
N MET B 29 -7.97 2.54 -5.04
CA MET B 29 -8.83 2.65 -6.21
C MET B 29 -9.29 1.28 -6.65
N ALA B 30 -10.41 1.27 -7.36
CA ALA B 30 -11.03 0.03 -7.85
C ALA B 30 -10.05 -0.91 -8.56
N GLU B 31 -9.32 -0.39 -9.52
CA GLU B 31 -8.40 -1.23 -10.30
C GLU B 31 -6.94 -1.03 -9.91
N ARG B 32 -6.66 -0.14 -8.96
CA ARG B 32 -5.26 0.10 -8.60
C ARG B 32 -5.11 0.84 -7.28
N ILE B 33 -3.88 0.92 -6.81
CA ILE B 33 -3.56 1.62 -5.57
C ILE B 33 -2.71 2.84 -5.91
N ALA B 34 -2.86 3.91 -5.16
CA ALA B 34 -2.09 5.12 -5.41
C ALA B 34 -1.72 5.83 -4.12
N TRP B 35 -0.69 6.65 -4.19
CA TRP B 35 -0.24 7.40 -3.03
C TRP B 35 0.24 8.79 -3.44
N ALA B 36 0.03 9.77 -2.58
CA ALA B 36 0.42 11.14 -2.84
C ALA B 36 0.85 11.84 -1.55
N PRO B 37 1.99 12.55 -1.58
CA PRO B 37 2.49 13.29 -0.41
C PRO B 37 1.57 14.44 -0.08
N GLU B 38 1.69 14.99 1.14
CA GLU B 38 0.85 16.11 1.58
C GLU B 38 0.58 17.11 0.46
N GLY B 39 -0.66 17.58 0.41
CA GLY B 39 -1.10 18.45 -0.65
C GLY B 39 -1.97 17.66 -1.59
N LYS B 40 -1.42 16.50 -1.99
CA LYS B 40 -2.08 15.53 -2.86
C LYS B 40 -2.62 16.14 -4.15
N ASP B 41 -1.98 17.20 -4.62
CA ASP B 41 -2.40 17.84 -5.86
C ASP B 41 -1.69 17.16 -7.03
N ARG B 42 -0.93 16.13 -6.68
CA ARG B 42 -0.18 15.34 -7.67
C ARG B 42 0.24 14.00 -7.06
N PHE B 43 -0.35 12.94 -7.58
CA PHE B 43 -0.03 11.58 -7.12
C PHE B 43 1.39 11.21 -7.54
N THR B 44 2.09 10.47 -6.70
CA THR B 44 3.45 10.08 -7.00
C THR B 44 3.57 8.58 -7.21
N ILE B 45 2.62 7.83 -6.68
CA ILE B 45 2.64 6.39 -6.80
C ILE B 45 1.30 5.85 -7.30
N SER B 46 1.37 4.96 -8.28
CA SER B 46 0.19 4.33 -8.86
C SER B 46 0.57 2.91 -9.29
N HIS B 47 -0.10 1.90 -8.76
CA HIS B 47 0.21 0.52 -9.08
C HIS B 47 -1.07 -0.25 -9.26
N MET B 48 -1.22 -0.85 -10.41
CA MET B 48 -2.40 -1.64 -10.70
C MET B 48 -2.30 -2.94 -9.92
N TYR B 49 -3.43 -3.43 -9.45
CA TYR B 49 -3.45 -4.69 -8.69
C TYR B 49 -2.88 -5.84 -9.52
N ALA B 50 -2.80 -5.66 -10.83
CA ALA B 50 -2.24 -6.67 -11.72
C ALA B 50 -0.72 -6.64 -11.67
N ASP B 51 -0.16 -5.49 -11.27
CA ASP B 51 1.29 -5.34 -11.17
C ASP B 51 1.74 -5.69 -9.77
N ILE B 52 0.77 -5.86 -8.88
CA ILE B 52 1.05 -6.23 -7.50
C ILE B 52 0.99 -7.74 -7.36
N LYS B 53 2.13 -8.35 -7.10
CA LYS B 53 2.22 -9.78 -6.98
C LYS B 53 1.85 -10.28 -5.59
N CYS B 54 2.34 -9.62 -4.55
CA CYS B 54 2.07 -10.07 -3.18
C CYS B 54 1.92 -8.89 -2.22
N GLN B 55 1.43 -9.15 -1.00
CA GLN B 55 1.26 -8.09 -0.01
C GLN B 55 1.66 -8.57 1.37
N LYS B 56 2.39 -7.74 2.10
CA LYS B 56 2.76 -8.09 3.44
C LYS B 56 2.14 -7.07 4.38
N ILE B 57 2.06 -7.40 5.66
CA ILE B 57 1.50 -6.45 6.63
C ILE B 57 2.37 -6.36 7.91
N SER B 58 2.89 -5.15 8.18
CA SER B 58 3.72 -4.91 9.36
C SER B 58 2.85 -4.68 10.59
N PRO B 59 3.06 -5.52 11.62
CA PRO B 59 2.31 -5.49 12.87
C PRO B 59 2.58 -4.26 13.73
N GLU B 60 1.80 -4.14 14.79
CA GLU B 60 1.95 -3.06 15.75
C GLU B 60 3.12 -3.40 16.67
N GLY B 61 3.72 -2.38 17.27
CA GLY B 61 4.83 -2.62 18.16
C GLY B 61 6.02 -1.79 17.78
N LYS B 62 6.25 -1.63 16.49
CA LYS B 62 7.35 -0.82 15.99
C LYS B 62 6.99 0.64 16.14
N ALA B 63 7.92 1.52 15.79
CA ALA B 63 7.65 2.95 15.86
C ALA B 63 6.93 3.39 14.59
N LYS B 64 6.64 2.40 13.74
CA LYS B 64 5.95 2.63 12.50
C LYS B 64 5.22 1.36 12.04
N ILE B 65 3.93 1.52 11.72
CA ILE B 65 3.08 0.41 11.25
C ILE B 65 3.12 0.40 9.72
N GLN B 66 3.15 -0.78 9.07
CA GLN B 66 3.26 -0.76 7.60
C GLN B 66 2.43 -1.81 6.88
N LEU B 67 2.29 -1.55 5.59
CA LEU B 67 1.60 -2.42 4.64
C LEU B 67 2.39 -2.34 3.33
N GLN B 68 3.03 -3.42 2.91
CA GLN B 68 3.83 -3.35 1.69
C GLN B 68 3.35 -4.29 0.61
N LEU B 69 3.58 -3.89 -0.63
CA LEU B 69 3.18 -4.66 -1.79
C LEU B 69 4.40 -5.08 -2.60
N VAL B 70 4.49 -6.37 -2.87
CA VAL B 70 5.55 -6.92 -3.68
C VAL B 70 5.08 -6.94 -5.12
N LEU B 71 5.60 -6.03 -5.92
CA LEU B 71 5.16 -5.91 -7.30
C LEU B 71 5.89 -6.89 -8.21
N HIS B 72 5.31 -7.13 -9.38
CA HIS B 72 5.89 -8.04 -10.38
C HIS B 72 7.22 -7.53 -10.89
N ALA B 73 7.48 -6.24 -10.70
CA ALA B 73 8.72 -5.63 -11.14
C ALA B 73 9.85 -5.88 -10.14
N GLY B 74 9.52 -6.51 -9.02
CA GLY B 74 10.51 -6.80 -8.00
C GLY B 74 10.60 -5.70 -6.96
N ASP B 75 9.96 -4.57 -7.25
CA ASP B 75 9.95 -3.45 -6.34
C ASP B 75 8.93 -3.67 -5.23
N THR B 76 9.14 -3.04 -4.08
CA THR B 76 8.25 -3.19 -2.95
C THR B 76 7.87 -1.84 -2.37
N THR B 77 6.58 -1.65 -2.14
CA THR B 77 6.08 -0.39 -1.58
C THR B 77 5.55 -0.60 -0.17
N ASN B 78 6.35 -0.26 0.85
CA ASN B 78 5.93 -0.42 2.24
C ASN B 78 5.27 0.87 2.72
N PHE B 79 4.00 0.78 3.07
CA PHE B 79 3.23 1.95 3.51
C PHE B 79 3.19 2.08 5.03
N HIS B 80 3.78 3.15 5.54
CA HIS B 80 3.84 3.40 6.97
C HIS B 80 2.71 4.34 7.42
N PHE B 81 1.80 3.84 8.22
CA PHE B 81 0.71 4.68 8.73
C PHE B 81 1.20 5.38 10.01
N SER B 82 1.50 6.67 9.92
CA SER B 82 2.03 7.40 11.09
C SER B 82 0.92 8.05 11.92
N ASN B 83 -0.29 7.58 11.76
CA ASN B 83 -1.41 8.12 12.52
C ASN B 83 -2.07 6.98 13.26
N GLU B 84 -1.64 6.73 14.50
CA GLU B 84 -2.18 5.62 15.30
C GLU B 84 -3.70 5.62 15.31
N SER B 85 -4.29 6.81 15.42
CA SER B 85 -5.73 6.96 15.45
C SER B 85 -6.41 6.15 14.35
N THR B 86 -5.79 6.09 13.17
CA THR B 86 -6.37 5.36 12.06
C THR B 86 -5.35 4.43 11.39
N ALA B 87 -4.17 4.28 11.97
CA ALA B 87 -3.10 3.48 11.37
C ALA B 87 -3.44 2.01 11.31
N VAL B 88 -3.46 1.38 12.47
CA VAL B 88 -3.76 -0.04 12.57
C VAL B 88 -5.13 -0.36 11.98
N LYS B 89 -6.02 0.59 12.14
CA LYS B 89 -7.40 0.46 11.68
C LYS B 89 -7.49 0.55 10.15
N GLU B 90 -6.87 1.56 9.57
CA GLU B 90 -6.92 1.72 8.13
C GLU B 90 -5.99 0.71 7.46
N ARG B 91 -4.98 0.26 8.21
CA ARG B 91 -4.05 -0.74 7.71
C ARG B 91 -4.83 -1.99 7.30
N ASP B 92 -5.62 -2.47 8.24
CA ASP B 92 -6.44 -3.65 8.00
C ASP B 92 -7.49 -3.37 6.93
N ALA B 93 -7.97 -2.12 6.90
CA ALA B 93 -8.99 -1.74 5.93
C ALA B 93 -8.44 -1.78 4.51
N VAL B 94 -7.17 -1.45 4.39
CA VAL B 94 -6.50 -1.45 3.09
C VAL B 94 -6.14 -2.86 2.70
N LYS B 95 -5.56 -3.59 3.65
CA LYS B 95 -5.17 -4.98 3.43
C LYS B 95 -6.36 -5.77 2.89
N ASP B 96 -7.49 -5.56 3.56
CA ASP B 96 -8.75 -6.19 3.20
C ASP B 96 -9.16 -5.87 1.77
N LEU B 97 -9.27 -4.59 1.47
CA LEU B 97 -9.66 -4.16 0.12
C LEU B 97 -8.68 -4.67 -0.93
N LEU B 98 -7.40 -4.71 -0.57
CA LEU B 98 -6.37 -5.16 -1.48
C LEU B 98 -6.50 -6.65 -1.79
N GLN B 99 -6.57 -7.47 -0.74
CA GLN B 99 -6.67 -8.91 -0.90
C GLN B 99 -7.97 -9.30 -1.59
N GLN B 100 -8.96 -8.42 -1.50
CA GLN B 100 -10.25 -8.68 -2.14
C GLN B 100 -10.22 -8.35 -3.64
N LEU B 101 -9.50 -7.30 -3.99
CA LEU B 101 -9.39 -6.87 -5.39
C LEU B 101 -8.29 -7.60 -6.15
N LEU B 102 -7.26 -8.04 -5.42
CA LEU B 102 -6.11 -8.73 -6.01
C LEU B 102 -6.50 -9.90 -6.94
N PRO B 103 -7.37 -10.84 -6.49
CA PRO B 103 -7.78 -11.99 -7.31
C PRO B 103 -8.48 -11.60 -8.61
N LYS B 104 -8.89 -10.34 -8.73
CA LYS B 104 -9.56 -9.88 -9.93
C LYS B 104 -8.55 -9.42 -10.98
N PHE B 105 -7.28 -9.37 -10.59
CA PHE B 105 -6.22 -8.95 -11.50
C PHE B 105 -5.11 -9.99 -11.54
N LYS B 106 -4.83 -10.59 -10.40
CA LYS B 106 -3.82 -11.62 -10.31
C LYS B 106 -4.41 -12.96 -10.69
N ARG B 107 -4.16 -13.38 -11.92
CA ARG B 107 -4.67 -14.64 -12.44
C ARG B 107 -4.13 -15.83 -11.65
N LYS B 108 -5.00 -16.47 -10.90
CA LYS B 108 -4.62 -17.63 -10.11
C LYS B 108 -5.67 -18.73 -10.24
N ALA B 109 -6.82 -18.53 -9.59
CA ALA B 109 -7.90 -19.51 -9.63
C ALA B 109 -9.04 -19.03 -10.52
N ASN B 110 -8.69 -18.22 -11.51
CA ASN B 110 -9.67 -17.66 -12.45
C ASN B 110 -9.05 -17.61 -13.83
N ASP A 1 17.12 1.11 9.55
CA ASP A 1 17.15 2.54 9.89
C ASP A 1 15.76 3.13 9.71
N ASP A 2 15.51 4.29 10.33
CA ASP A 2 14.23 4.95 10.19
C ASP A 2 14.43 6.45 10.07
N LEU A 3 15.64 6.83 9.67
CA LEU A 3 15.97 8.23 9.49
C LEU A 3 15.99 8.59 8.00
N MET A 4 16.55 7.68 7.18
CA MET A 4 16.61 7.92 5.75
C MET A 4 16.22 6.67 4.96
N LEU A 5 15.95 5.61 5.69
CA LEU A 5 15.56 4.34 5.08
C LEU A 5 14.35 3.75 5.79
N PRO A 7 12.82 0.05 4.34
CA PRO A 7 12.85 -1.40 4.11
C PRO A 7 14.20 -2.04 4.34
N ASP A 8 14.99 -1.46 5.23
CA ASP A 8 16.30 -2.00 5.55
C ASP A 8 16.24 -2.66 6.93
N ASP A 9 15.42 -2.07 7.79
CA ASP A 9 15.20 -2.57 9.13
C ASP A 9 13.72 -2.84 9.29
N ILE A 10 13.15 -3.36 8.24
CA ILE A 10 11.75 -3.66 8.23
C ILE A 10 11.42 -4.74 7.20
N GLU A 11 11.25 -5.94 7.74
CA GLU A 11 10.86 -7.10 6.96
C GLU A 11 10.16 -8.08 7.89
N GLN A 12 9.60 -7.52 8.95
CA GLN A 12 8.80 -8.24 9.92
C GLN A 12 7.38 -8.03 9.51
N TRP A 13 6.98 -8.84 8.59
CA TRP A 13 5.68 -8.72 8.01
C TRP A 13 4.93 -10.00 8.04
N PHE A 14 3.67 -9.85 7.72
CA PHE A 14 2.78 -10.95 7.57
C PHE A 14 2.42 -10.95 6.13
N GLU A 16 0.60 -11.61 3.78
CA GLU A 16 -0.76 -12.03 3.46
C GLU A 16 -0.84 -12.74 2.11
N ASP A 17 -0.06 -12.25 1.15
CA ASP A 17 -0.03 -12.85 -0.16
C ASP A 17 1.40 -13.25 -0.51
N PRO A 18 1.63 -14.53 -0.84
CA PRO A 18 2.95 -15.03 -1.21
C PRO A 18 3.16 -15.21 -2.70
N GLY A 19 2.13 -14.93 -3.46
CA GLY A 19 2.20 -15.08 -4.90
C GLY A 19 0.94 -15.66 -5.51
N PRO A 20 1.07 -16.67 -6.37
CA PRO A 20 -0.06 -17.32 -7.00
C PRO A 20 -0.59 -18.50 -6.18
N ASP A 21 -1.50 -18.20 -5.27
CA ASP A 21 -2.08 -19.22 -4.41
C ASP A 21 -3.56 -19.34 -4.69
N GLU A 22 -3.96 -18.80 -5.84
CA GLU A 22 -5.34 -18.83 -6.27
C GLU A 22 -5.51 -19.80 -7.44
N MET B 3 -8.50 5.83 -21.22
CA MET B 3 -7.30 5.31 -20.52
C MET B 3 -7.51 3.86 -20.14
N ALA B 4 -6.48 3.23 -19.59
CA ALA B 4 -6.56 1.84 -19.18
C ALA B 4 -7.18 1.72 -17.79
N THR B 5 -8.45 2.07 -17.69
CA THR B 5 -9.16 2.03 -16.42
C THR B 5 -10.61 1.62 -16.63
N SER B 6 -11.10 0.70 -15.81
CA SER B 6 -12.48 0.26 -15.90
C SER B 6 -13.35 1.24 -15.11
N SER B 7 -12.85 1.65 -13.95
CA SER B 7 -13.53 2.59 -13.08
C SER B 7 -12.49 3.29 -12.21
N GLU B 8 -12.57 4.61 -12.11
CA GLU B 8 -11.62 5.37 -11.32
C GLU B 8 -12.23 5.70 -9.96
N GLU B 9 -12.90 4.72 -9.40
CA GLU B 9 -13.55 4.88 -8.12
C GLU B 9 -12.52 4.83 -7.00
N VAL B 10 -12.71 5.69 -6.01
CA VAL B 10 -11.81 5.75 -4.88
C VAL B 10 -12.38 4.87 -3.78
N LEU B 11 -11.74 3.74 -3.60
CA LEU B 11 -12.17 2.73 -2.66
C LEU B 11 -11.90 3.13 -1.21
N LEU B 12 -10.72 3.66 -0.95
CA LEU B 12 -10.39 4.02 0.41
C LEU B 12 -9.43 5.20 0.46
N ILE B 13 -9.83 6.24 1.16
CA ILE B 13 -8.96 7.39 1.36
C ILE B 13 -8.41 7.35 2.78
N VAL B 14 -7.14 7.01 2.90
CA VAL B 14 -6.49 6.94 4.20
C VAL B 14 -5.44 8.02 4.32
N LYS B 15 -5.61 8.94 5.25
CA LYS B 15 -4.64 10.02 5.41
C LYS B 15 -3.59 9.67 6.45
N LYS B 16 -2.62 10.58 6.58
CA LYS B 16 -1.52 10.41 7.52
C LYS B 16 -0.72 9.15 7.26
N VAL B 17 -0.52 8.83 5.99
CA VAL B 17 0.26 7.66 5.62
C VAL B 17 1.61 8.13 5.10
N ARG B 18 2.67 7.69 5.74
CA ARG B 18 4.02 8.08 5.37
C ARG B 18 4.65 7.08 4.43
N GLN B 19 5.47 7.60 3.54
CA GLN B 19 6.22 6.80 2.62
C GLN B 19 7.56 7.46 2.44
N LYS B 20 8.58 6.90 3.08
CA LYS B 20 9.94 7.44 3.04
C LYS B 20 10.02 8.78 3.78
N LYS B 21 9.75 8.69 5.08
CA LYS B 21 9.82 9.83 6.02
C LYS B 21 8.88 11.00 5.68
N GLN B 22 7.85 10.78 4.88
CA GLN B 22 6.94 11.87 4.53
C GLN B 22 5.49 11.43 4.64
N ASP B 23 4.70 12.16 5.40
CA ASP B 23 3.30 11.82 5.60
C ASP B 23 2.42 12.41 4.52
N GLY B 24 1.52 11.59 4.04
CA GLY B 24 0.59 11.98 3.03
C GLY B 24 -0.72 11.26 3.18
N ALA B 25 -1.08 10.50 2.17
CA ALA B 25 -2.31 9.76 2.19
C ALA B 25 -2.27 8.61 1.21
N LEU B 26 -2.82 7.49 1.63
CA LEU B 26 -2.85 6.30 0.82
C LEU B 26 -4.26 6.18 0.22
N TYR B 27 -4.34 6.30 -1.09
CA TYR B 27 -5.63 6.24 -1.78
C TYR B 27 -5.81 4.92 -2.52
N LEU B 28 -6.85 4.19 -2.16
CA LEU B 28 -7.15 2.93 -2.83
C LEU B 28 -8.09 3.19 -3.99
N MET B 29 -7.72 2.72 -5.16
CA MET B 29 -8.57 2.91 -6.34
C MET B 29 -8.99 1.55 -6.86
N ALA B 30 -10.05 1.53 -7.64
CA ALA B 30 -10.60 0.30 -8.19
C ALA B 30 -9.57 -0.54 -8.96
N GLU B 31 -8.80 0.11 -9.82
CA GLU B 31 -7.82 -0.60 -10.63
C GLU B 31 -6.41 -0.53 -10.06
N ARG B 32 -6.18 0.25 -9.01
CA ARG B 32 -4.82 0.37 -8.49
C ARG B 32 -4.75 1.08 -7.15
N ILE B 33 -3.55 1.11 -6.60
CA ILE B 33 -3.28 1.77 -5.34
C ILE B 33 -2.41 2.99 -5.63
N ALA B 34 -2.62 4.08 -4.91
CA ALA B 34 -1.84 5.29 -5.14
C ALA B 34 -1.55 6.01 -3.83
N TRP B 35 -0.55 6.88 -3.86
CA TRP B 35 -0.17 7.63 -2.67
C TRP B 35 0.21 9.07 -3.05
N ALA B 36 -0.14 10.00 -2.16
CA ALA B 36 0.13 11.43 -2.36
C ALA B 36 0.42 12.09 -1.01
N PRO B 37 1.47 12.93 -0.93
CA PRO B 37 1.84 13.60 0.32
C PRO B 37 0.72 14.48 0.88
N GLU B 38 0.83 14.82 2.16
CA GLU B 38 -0.18 15.63 2.83
C GLU B 38 -0.37 16.98 2.15
N GLY B 39 -1.62 17.34 1.94
CA GLY B 39 -1.96 18.60 1.30
C GLY B 39 -1.48 18.67 -0.13
N LYS B 40 -1.55 17.55 -0.84
CA LYS B 40 -1.13 17.49 -2.23
C LYS B 40 -2.21 16.83 -3.08
N ASP B 41 -2.27 17.22 -4.34
CA ASP B 41 -3.24 16.69 -5.29
C ASP B 41 -2.52 15.84 -6.33
N ARG B 42 -1.22 15.76 -6.17
CA ARG B 42 -0.41 15.01 -7.11
C ARG B 42 0.07 13.71 -6.51
N PHE B 43 -0.44 12.61 -7.05
CA PHE B 43 -0.06 11.27 -6.62
C PHE B 43 1.36 10.99 -7.10
N THR B 44 2.25 10.71 -6.16
CA THR B 44 3.63 10.45 -6.49
C THR B 44 3.89 8.95 -6.66
N ILE B 45 2.94 8.15 -6.19
CA ILE B 45 3.06 6.71 -6.28
C ILE B 45 1.76 6.09 -6.79
N SER B 46 1.88 5.19 -7.75
CA SER B 46 0.74 4.51 -8.33
C SER B 46 1.16 3.09 -8.72
N HIS B 47 0.42 2.09 -8.27
CA HIS B 47 0.73 0.70 -8.56
C HIS B 47 -0.54 -0.06 -8.87
N MET B 48 -0.66 -0.52 -10.09
CA MET B 48 -1.82 -1.27 -10.51
C MET B 48 -1.87 -2.60 -9.80
N TYR B 49 -3.06 -3.03 -9.40
CA TYR B 49 -3.22 -4.32 -8.72
C TYR B 49 -2.75 -5.46 -9.61
N ALA B 50 -2.60 -5.17 -10.89
CA ALA B 50 -2.14 -6.15 -11.85
C ALA B 50 -0.61 -6.22 -11.87
N ASP B 51 0.02 -5.20 -11.29
CA ASP B 51 1.47 -5.15 -11.22
C ASP B 51 1.94 -5.52 -9.82
N ILE B 52 0.98 -5.66 -8.92
CA ILE B 52 1.26 -6.03 -7.56
C ILE B 52 1.08 -7.53 -7.42
N LYS B 53 2.18 -8.21 -7.12
CA LYS B 53 2.19 -9.66 -7.00
C LYS B 53 1.71 -10.11 -5.63
N CYS B 54 2.13 -9.41 -4.58
CA CYS B 54 1.75 -9.79 -3.21
C CYS B 54 1.66 -8.58 -2.29
N GLN B 55 1.26 -8.83 -1.04
CA GLN B 55 1.14 -7.77 -0.06
C GLN B 55 1.53 -8.29 1.31
N LYS B 56 2.27 -7.48 2.04
CA LYS B 56 2.65 -7.85 3.38
C LYS B 56 2.10 -6.82 4.33
N ILE B 57 1.98 -7.19 5.58
CA ILE B 57 1.51 -6.23 6.59
C ILE B 57 2.36 -6.29 7.86
N SER B 58 2.94 -5.15 8.24
CA SER B 58 3.76 -5.10 9.45
C SER B 58 2.91 -4.87 10.68
N PRO B 59 3.00 -5.80 11.63
CA PRO B 59 2.24 -5.77 12.89
C PRO B 59 2.69 -4.65 13.81
N GLU B 60 1.95 -4.46 14.90
CA GLU B 60 2.31 -3.45 15.87
C GLU B 60 3.42 -3.99 16.76
N GLY B 61 4.58 -3.35 16.67
CA GLY B 61 5.73 -3.76 17.45
C GLY B 61 6.82 -2.71 17.38
N LYS B 62 6.98 -2.14 16.20
CA LYS B 62 7.94 -1.07 15.99
C LYS B 62 7.27 0.24 16.40
N ALA B 63 7.95 1.35 16.21
CA ALA B 63 7.38 2.65 16.57
C ALA B 63 6.46 3.14 15.45
N LYS B 64 6.05 2.20 14.60
CA LYS B 64 5.18 2.50 13.47
C LYS B 64 4.53 1.22 12.93
N ILE B 65 3.40 1.39 12.25
CA ILE B 65 2.66 0.28 11.65
C ILE B 65 2.81 0.37 10.13
N GLN B 66 3.01 -0.75 9.44
CA GLN B 66 3.21 -0.66 7.99
C GLN B 66 2.43 -1.68 7.17
N LEU B 67 2.32 -1.38 5.88
CA LEU B 67 1.66 -2.21 4.87
C LEU B 67 2.47 -2.12 3.58
N GLN B 68 2.92 -3.23 3.01
CA GLN B 68 3.75 -3.13 1.81
C GLN B 68 3.29 -4.04 0.69
N LEU B 69 3.56 -3.60 -0.52
CA LEU B 69 3.20 -4.35 -1.71
C LEU B 69 4.43 -4.93 -2.39
N VAL B 70 4.33 -6.17 -2.81
CA VAL B 70 5.40 -6.85 -3.52
C VAL B 70 5.00 -6.93 -4.98
N LEU B 71 5.65 -6.15 -5.82
CA LEU B 71 5.28 -6.12 -7.22
C LEU B 71 5.87 -7.28 -8.00
N HIS B 72 5.37 -7.47 -9.21
CA HIS B 72 5.81 -8.55 -10.10
C HIS B 72 7.27 -8.42 -10.51
N ALA B 73 7.78 -7.20 -10.54
CA ALA B 73 9.16 -6.97 -10.95
C ALA B 73 10.13 -7.18 -9.79
N GLY B 74 9.60 -7.24 -8.57
CA GLY B 74 10.44 -7.44 -7.42
C GLY B 74 10.50 -6.20 -6.54
N ASP B 75 9.91 -5.13 -7.03
CA ASP B 75 9.88 -3.86 -6.29
C ASP B 75 8.91 -3.96 -5.13
N THR B 76 9.19 -3.23 -4.06
CA THR B 76 8.35 -3.25 -2.89
C THR B 76 8.06 -1.83 -2.39
N THR B 77 6.88 -1.64 -1.82
CA THR B 77 6.47 -0.33 -1.31
C THR B 77 5.88 -0.48 0.09
N ASN B 78 6.67 -0.15 1.12
CA ASN B 78 6.18 -0.26 2.50
C ASN B 78 5.54 1.06 2.92
N PHE B 79 4.24 1.00 3.20
CA PHE B 79 3.46 2.17 3.62
C PHE B 79 3.38 2.24 5.13
N HIS B 80 3.77 3.38 5.68
CA HIS B 80 3.77 3.60 7.12
C HIS B 80 2.59 4.46 7.57
N PHE B 81 1.64 3.87 8.28
CA PHE B 81 0.51 4.65 8.78
C PHE B 81 0.95 5.42 10.02
N SER B 82 1.05 6.73 9.91
CA SER B 82 1.49 7.55 11.03
C SER B 82 0.31 8.21 11.75
N ASN B 83 -0.83 7.56 11.74
CA ASN B 83 -2.00 8.10 12.42
C ASN B 83 -2.34 7.18 13.58
N GLU B 84 -2.07 7.67 14.77
CA GLU B 84 -2.28 6.91 16.00
C GLU B 84 -3.70 6.32 16.13
N SER B 85 -4.69 7.02 15.64
CA SER B 85 -6.08 6.57 15.75
C SER B 85 -6.54 5.66 14.60
N THR B 86 -5.78 5.55 13.52
CA THR B 86 -6.22 4.73 12.39
C THR B 86 -5.17 3.75 11.86
N ALA B 87 -3.91 3.97 12.22
CA ALA B 87 -2.80 3.14 11.74
C ALA B 87 -3.12 1.64 11.76
N VAL B 88 -3.61 1.19 12.89
CA VAL B 88 -3.96 -0.21 13.09
C VAL B 88 -5.17 -0.65 12.24
N LYS B 89 -6.28 0.07 12.38
CA LYS B 89 -7.51 -0.27 11.70
C LYS B 89 -7.40 -0.16 10.19
N GLU B 90 -6.77 0.92 9.74
CA GLU B 90 -6.62 1.17 8.32
C GLU B 90 -5.68 0.16 7.69
N ARG B 91 -4.69 -0.29 8.45
CA ARG B 91 -3.76 -1.29 7.96
C ARG B 91 -4.52 -2.53 7.53
N ASP B 92 -5.31 -3.06 8.45
CA ASP B 92 -6.08 -4.26 8.20
C ASP B 92 -7.14 -4.02 7.13
N ALA B 93 -7.74 -2.84 7.16
CA ALA B 93 -8.80 -2.48 6.21
C ALA B 93 -8.27 -2.47 4.77
N VAL B 94 -7.08 -1.92 4.60
CA VAL B 94 -6.46 -1.84 3.28
C VAL B 94 -5.99 -3.23 2.87
N LYS B 95 -5.38 -3.93 3.83
CA LYS B 95 -4.89 -5.28 3.64
C LYS B 95 -6.02 -6.17 3.12
N ASP B 96 -7.18 -5.99 3.75
CA ASP B 96 -8.38 -6.72 3.41
C ASP B 96 -8.82 -6.42 2.00
N LEU B 97 -8.89 -5.14 1.66
CA LEU B 97 -9.29 -4.73 0.32
C LEU B 97 -8.30 -5.23 -0.70
N LEU B 98 -7.01 -5.15 -0.37
CA LEU B 98 -5.96 -5.58 -1.27
C LEU B 98 -6.04 -7.07 -1.56
N GLN B 99 -6.19 -7.90 -0.53
CA GLN B 99 -6.27 -9.34 -0.71
C GLN B 99 -7.53 -9.71 -1.50
N GLN B 100 -8.52 -8.84 -1.44
CA GLN B 100 -9.77 -9.07 -2.17
C GLN B 100 -9.68 -8.57 -3.61
N LEU B 101 -8.84 -7.57 -3.82
CA LEU B 101 -8.67 -6.96 -5.15
C LEU B 101 -7.63 -7.68 -5.99
N LEU B 102 -6.43 -7.80 -5.45
CA LEU B 102 -5.27 -8.40 -6.14
C LEU B 102 -5.58 -9.63 -7.00
N PRO B 103 -6.15 -10.72 -6.42
CA PRO B 103 -6.46 -11.95 -7.17
C PRO B 103 -7.25 -11.71 -8.46
N LYS B 104 -8.09 -10.68 -8.46
CA LYS B 104 -8.92 -10.38 -9.61
C LYS B 104 -8.21 -9.48 -10.62
N PHE B 105 -7.01 -9.02 -10.30
CA PHE B 105 -6.29 -8.13 -11.22
C PHE B 105 -4.89 -8.62 -11.55
N LYS B 106 -4.33 -9.50 -10.71
CA LYS B 106 -2.96 -10.03 -10.91
C LYS B 106 -2.63 -10.27 -12.39
N ARG B 107 -1.89 -9.31 -12.95
CA ARG B 107 -1.47 -9.30 -14.34
C ARG B 107 -2.59 -9.70 -15.31
N LYS B 108 -3.74 -9.06 -15.16
CA LYS B 108 -4.88 -9.34 -16.03
C LYS B 108 -4.67 -8.66 -17.39
N ALA B 109 -5.70 -8.64 -18.22
CA ALA B 109 -5.62 -8.02 -19.54
C ALA B 109 -5.66 -6.50 -19.48
N ASN B 110 -5.02 -5.95 -18.45
CA ASN B 110 -4.95 -4.50 -18.22
C ASN B 110 -4.18 -4.26 -16.94
N ASP A 1 16.95 0.00 9.79
CA ASP A 1 17.17 1.39 10.27
C ASP A 1 15.87 1.96 10.82
N ASP A 2 14.88 2.15 9.94
CA ASP A 2 13.56 2.66 10.27
C ASP A 2 13.57 4.17 10.54
N LEU A 3 14.65 4.65 11.15
CA LEU A 3 14.82 6.06 11.49
C LEU A 3 14.67 6.95 10.26
N MET A 4 15.50 6.72 9.26
CA MET A 4 15.46 7.51 8.03
C MET A 4 15.10 6.65 6.84
N LEU A 5 15.28 5.38 7.01
CA LEU A 5 14.99 4.40 5.97
C LEU A 5 14.16 3.26 6.52
N PRO A 7 13.08 0.48 5.07
CA PRO A 7 13.66 -0.85 4.77
C PRO A 7 14.84 -1.17 5.68
N ASP A 8 15.56 -2.26 5.35
CA ASP A 8 16.72 -2.71 6.14
C ASP A 8 16.24 -3.43 7.39
N ASP A 9 15.44 -2.74 8.18
CA ASP A 9 14.87 -3.29 9.39
C ASP A 9 13.37 -3.07 9.38
N ILE A 10 12.66 -3.98 8.76
CA ILE A 10 11.23 -3.88 8.69
C ILE A 10 10.56 -5.15 8.23
N GLU A 11 11.30 -6.18 7.83
CA GLU A 11 10.65 -7.39 7.39
C GLU A 11 10.12 -8.22 8.58
N GLN A 12 9.05 -7.69 9.18
CA GLN A 12 8.36 -8.31 10.31
C GLN A 12 6.89 -8.33 9.98
N TRP A 13 6.63 -8.81 8.81
CA TRP A 13 5.29 -8.86 8.29
C TRP A 13 4.66 -10.21 8.49
N PHE A 14 3.43 -10.33 8.03
CA PHE A 14 2.68 -11.56 8.14
C PHE A 14 2.42 -12.11 6.76
N GLU A 16 0.59 -11.87 4.14
CA GLU A 16 -0.72 -12.43 3.81
C GLU A 16 -0.71 -13.26 2.53
N ASP A 17 -0.21 -12.68 1.46
CA ASP A 17 -0.16 -13.35 0.18
C ASP A 17 1.28 -13.39 -0.32
N PRO A 18 1.79 -14.60 -0.65
CA PRO A 18 3.15 -14.79 -1.12
C PRO A 18 3.31 -15.04 -2.62
N GLY A 19 2.29 -14.75 -3.40
CA GLY A 19 2.41 -14.97 -4.84
C GLY A 19 1.09 -15.03 -5.59
N PRO A 20 0.91 -16.03 -6.46
CA PRO A 20 -0.30 -16.19 -7.26
C PRO A 20 -1.32 -17.09 -6.59
N ASP A 21 -1.22 -17.18 -5.28
CA ASP A 21 -2.11 -18.01 -4.48
C ASP A 21 -3.53 -17.50 -4.61
N GLU A 22 -3.65 -16.18 -4.70
CA GLU A 22 -4.94 -15.51 -4.83
C GLU A 22 -4.75 -14.21 -5.60
N MET B 3 -9.97 6.87 -14.05
CA MET B 3 -9.33 5.84 -14.90
C MET B 3 -9.00 6.42 -16.26
N ALA B 4 -9.96 6.37 -17.18
CA ALA B 4 -9.74 6.91 -18.52
C ALA B 4 -10.23 8.35 -18.57
N THR B 5 -11.49 8.55 -18.26
CA THR B 5 -12.09 9.86 -18.24
C THR B 5 -12.23 10.34 -16.80
N SER B 6 -13.18 11.23 -16.55
CA SER B 6 -13.42 11.77 -15.22
C SER B 6 -13.91 10.66 -14.27
N SER B 7 -14.32 9.55 -14.84
CA SER B 7 -14.81 8.41 -14.07
C SER B 7 -13.67 7.74 -13.32
N GLU B 8 -13.68 7.86 -12.00
CA GLU B 8 -12.66 7.27 -11.16
C GLU B 8 -13.30 6.50 -10.01
N GLU B 9 -12.81 5.30 -9.76
CA GLU B 9 -13.32 4.47 -8.68
C GLU B 9 -12.42 4.59 -7.46
N VAL B 10 -12.84 5.39 -6.49
CA VAL B 10 -12.09 5.55 -5.26
C VAL B 10 -12.63 4.52 -4.29
N LEU B 11 -11.75 3.66 -3.83
CA LEU B 11 -12.14 2.59 -2.96
C LEU B 11 -11.79 2.88 -1.52
N LEU B 12 -10.67 3.52 -1.28
CA LEU B 12 -10.27 3.82 0.06
C LEU B 12 -9.43 5.08 0.16
N ILE B 13 -9.64 5.82 1.22
CA ILE B 13 -8.88 7.01 1.51
C ILE B 13 -8.29 6.90 2.90
N VAL B 14 -6.99 6.67 2.96
CA VAL B 14 -6.28 6.53 4.21
C VAL B 14 -5.58 7.84 4.54
N LYS B 15 -5.54 8.18 5.81
CA LYS B 15 -4.93 9.44 6.21
C LYS B 15 -3.67 9.23 7.02
N LYS B 16 -2.93 10.32 7.18
CA LYS B 16 -1.68 10.34 7.92
C LYS B 16 -0.77 9.19 7.51
N VAL B 17 -0.72 8.91 6.22
CA VAL B 17 0.13 7.85 5.70
C VAL B 17 1.44 8.43 5.19
N ARG B 18 2.55 7.87 5.65
CA ARG B 18 3.86 8.32 5.27
C ARG B 18 4.58 7.26 4.44
N GLN B 19 5.50 7.72 3.63
CA GLN B 19 6.31 6.85 2.80
C GLN B 19 7.64 7.53 2.56
N LYS B 20 8.70 6.98 3.16
CA LYS B 20 10.05 7.55 3.06
C LYS B 20 10.07 8.89 3.80
N LYS B 21 9.47 8.87 4.99
CA LYS B 21 9.39 10.05 5.86
C LYS B 21 8.60 11.17 5.18
N GLN B 22 7.69 10.81 4.29
CA GLN B 22 6.89 11.79 3.57
C GLN B 22 5.45 11.67 4.03
N ASP B 23 4.90 12.75 4.57
CA ASP B 23 3.53 12.75 5.06
C ASP B 23 2.54 13.02 3.94
N GLY B 24 1.55 12.15 3.84
CA GLY B 24 0.53 12.29 2.83
C GLY B 24 -0.68 11.45 3.13
N ALA B 25 -1.19 10.78 2.10
CA ALA B 25 -2.36 9.96 2.25
C ALA B 25 -2.34 8.82 1.25
N LEU B 26 -2.87 7.67 1.67
CA LEU B 26 -2.87 6.48 0.83
C LEU B 26 -4.27 6.33 0.23
N TYR B 27 -4.33 6.20 -1.09
CA TYR B 27 -5.62 6.07 -1.78
C TYR B 27 -5.71 4.77 -2.56
N LEU B 28 -6.86 4.10 -2.44
CA LEU B 28 -7.11 2.87 -3.18
C LEU B 28 -8.04 3.16 -4.34
N MET B 29 -7.70 2.70 -5.53
CA MET B 29 -8.52 2.95 -6.70
C MET B 29 -8.93 1.66 -7.39
N ALA B 30 -9.78 1.79 -8.39
CA ALA B 30 -10.36 0.65 -9.13
C ALA B 30 -9.37 -0.46 -9.45
N GLU B 31 -8.26 -0.11 -10.07
CA GLU B 31 -7.27 -1.10 -10.45
C GLU B 31 -5.88 -0.71 -10.01
N ARG B 32 -5.77 0.28 -9.12
CA ARG B 32 -4.45 0.71 -8.71
C ARG B 32 -4.44 1.36 -7.34
N ILE B 33 -3.30 1.26 -6.68
CA ILE B 33 -3.09 1.86 -5.39
C ILE B 33 -2.21 3.08 -5.59
N ALA B 34 -2.55 4.19 -4.96
CA ALA B 34 -1.78 5.41 -5.12
C ALA B 34 -1.54 6.12 -3.82
N TRP B 35 -0.49 6.93 -3.79
CA TRP B 35 -0.14 7.70 -2.61
C TRP B 35 0.30 9.10 -3.03
N ALA B 36 -0.07 10.08 -2.23
CA ALA B 36 0.27 11.47 -2.52
C ALA B 36 0.52 12.23 -1.22
N PRO B 37 1.60 13.02 -1.18
CA PRO B 37 1.98 13.82 0.00
C PRO B 37 0.94 14.90 0.28
N GLU B 38 0.95 15.48 1.48
CA GLU B 38 0.00 16.54 1.78
C GLU B 38 0.14 17.66 0.77
N GLY B 39 -0.99 18.18 0.31
CA GLY B 39 -0.98 19.20 -0.73
C GLY B 39 -1.16 18.49 -2.07
N LYS B 40 -0.61 17.28 -2.09
CA LYS B 40 -0.64 16.33 -3.21
C LYS B 40 -0.65 16.96 -4.60
N ASP B 41 -1.84 17.03 -5.21
CA ASP B 41 -2.02 17.55 -6.57
C ASP B 41 -1.55 16.52 -7.59
N ARG B 42 -0.35 16.02 -7.37
CA ARG B 42 0.23 15.02 -8.24
C ARG B 42 0.55 13.75 -7.44
N PHE B 43 -0.01 12.63 -7.86
CA PHE B 43 0.24 11.36 -7.19
C PHE B 43 1.64 10.89 -7.52
N THR B 44 2.45 10.72 -6.48
CA THR B 44 3.83 10.30 -6.65
C THR B 44 3.96 8.78 -6.71
N ILE B 45 2.93 8.09 -6.27
CA ILE B 45 2.93 6.65 -6.26
C ILE B 45 1.66 6.10 -6.88
N SER B 46 1.82 5.22 -7.88
CA SER B 46 0.70 4.58 -8.56
C SER B 46 1.12 3.18 -8.99
N HIS B 47 0.46 2.16 -8.45
CA HIS B 47 0.79 0.78 -8.78
C HIS B 47 -0.48 0.01 -9.01
N MET B 48 -0.56 -0.69 -10.13
CA MET B 48 -1.74 -1.46 -10.42
C MET B 48 -1.71 -2.75 -9.63
N TYR B 49 -2.88 -3.17 -9.16
CA TYR B 49 -2.99 -4.41 -8.39
C TYR B 49 -2.49 -5.61 -9.18
N ALA B 50 -2.37 -5.46 -10.50
CA ALA B 50 -1.90 -6.54 -11.35
C ALA B 50 -0.38 -6.64 -11.27
N ASP B 51 0.26 -5.55 -10.86
CA ASP B 51 1.72 -5.51 -10.74
C ASP B 51 2.11 -5.96 -9.33
N ILE B 52 1.12 -6.18 -8.49
CA ILE B 52 1.34 -6.61 -7.12
C ILE B 52 1.34 -8.13 -7.04
N LYS B 53 2.49 -8.68 -6.69
CA LYS B 53 2.65 -10.12 -6.60
C LYS B 53 2.34 -10.63 -5.19
N CYS B 54 2.58 -9.80 -4.18
CA CYS B 54 2.33 -10.19 -2.78
C CYS B 54 1.97 -8.99 -1.91
N GLN B 55 1.27 -9.23 -0.80
CA GLN B 55 0.92 -8.15 0.10
C GLN B 55 1.30 -8.54 1.51
N LYS B 56 1.99 -7.66 2.18
CA LYS B 56 2.40 -7.90 3.55
C LYS B 56 1.87 -6.81 4.44
N ILE B 57 1.74 -7.13 5.72
CA ILE B 57 1.29 -6.13 6.71
C ILE B 57 2.12 -6.14 8.00
N SER B 58 2.78 -5.01 8.29
CA SER B 58 3.57 -4.87 9.51
C SER B 58 2.66 -4.57 10.69
N PRO B 59 2.71 -5.45 11.72
CA PRO B 59 1.88 -5.35 12.93
C PRO B 59 2.13 -4.09 13.77
N GLU B 60 1.29 -3.89 14.78
CA GLU B 60 1.45 -2.75 15.69
C GLU B 60 2.44 -3.17 16.77
N GLY B 61 3.58 -2.51 16.81
CA GLY B 61 4.60 -2.85 17.79
C GLY B 61 5.90 -2.14 17.52
N LYS B 62 6.24 -2.00 16.23
CA LYS B 62 7.45 -1.29 15.83
C LYS B 62 7.25 0.20 16.05
N ALA B 63 8.26 0.99 15.73
CA ALA B 63 8.16 2.44 15.88
C ALA B 63 7.13 3.00 14.91
N LYS B 64 6.75 2.18 13.94
CA LYS B 64 5.78 2.56 12.94
C LYS B 64 5.10 1.32 12.36
N ILE B 65 3.84 1.47 11.98
CA ILE B 65 3.04 0.39 11.41
C ILE B 65 3.13 0.46 9.89
N GLN B 66 3.10 -0.67 9.19
CA GLN B 66 3.26 -0.61 7.74
C GLN B 66 2.40 -1.61 6.96
N LEU B 67 2.27 -1.32 5.66
CA LEU B 67 1.56 -2.13 4.67
C LEU B 67 2.44 -2.16 3.42
N GLN B 68 2.89 -3.31 2.96
CA GLN B 68 3.77 -3.32 1.80
C GLN B 68 3.31 -4.29 0.73
N LEU B 69 3.64 -3.94 -0.50
CA LEU B 69 3.28 -4.75 -1.65
C LEU B 69 4.53 -5.18 -2.41
N VAL B 70 4.66 -6.48 -2.60
CA VAL B 70 5.77 -7.05 -3.35
C VAL B 70 5.35 -7.11 -4.80
N LEU B 71 5.87 -6.21 -5.60
CA LEU B 71 5.48 -6.15 -7.00
C LEU B 71 6.22 -7.16 -7.86
N HIS B 72 5.63 -7.44 -9.01
CA HIS B 72 6.20 -8.40 -9.98
C HIS B 72 7.57 -7.96 -10.46
N ALA B 73 7.85 -6.66 -10.34
CA ALA B 73 9.13 -6.12 -10.77
C ALA B 73 10.22 -6.35 -9.73
N GLY B 74 9.83 -6.94 -8.60
CA GLY B 74 10.79 -7.21 -7.54
C GLY B 74 10.87 -6.09 -6.54
N ASP B 75 10.27 -4.95 -6.89
CA ASP B 75 10.25 -3.79 -6.02
C ASP B 75 9.23 -3.96 -4.91
N THR B 76 9.46 -3.31 -3.78
CA THR B 76 8.55 -3.41 -2.65
C THR B 76 8.19 -2.03 -2.12
N THR B 77 6.90 -1.81 -1.91
CA THR B 77 6.42 -0.54 -1.40
C THR B 77 5.85 -0.69 0.00
N ASN B 78 6.63 -0.34 1.03
CA ASN B 78 6.16 -0.46 2.40
C ASN B 78 5.60 0.89 2.83
N PHE B 79 4.29 0.91 3.11
CA PHE B 79 3.58 2.13 3.50
C PHE B 79 3.55 2.29 5.01
N HIS B 80 3.90 3.48 5.48
CA HIS B 80 3.95 3.77 6.91
C HIS B 80 2.67 4.47 7.38
N PHE B 81 1.94 3.83 8.27
CA PHE B 81 0.72 4.42 8.82
C PHE B 81 1.08 5.17 10.09
N SER B 82 1.35 6.45 9.95
CA SER B 82 1.73 7.28 11.09
C SER B 82 0.53 7.83 11.85
N ASN B 83 -0.51 7.03 11.97
CA ASN B 83 -1.68 7.45 12.70
C ASN B 83 -1.77 6.61 13.96
N GLU B 84 -1.17 7.10 15.02
CA GLU B 84 -1.13 6.40 16.31
C GLU B 84 -2.46 5.74 16.67
N SER B 85 -3.53 6.52 16.58
CA SER B 85 -4.85 6.05 16.93
C SER B 85 -5.46 5.07 15.90
N THR B 86 -5.11 5.19 14.62
CA THR B 86 -5.72 4.34 13.60
C THR B 86 -4.72 3.68 12.65
N ALA B 87 -3.50 3.45 13.10
CA ALA B 87 -2.48 2.87 12.24
C ALA B 87 -2.85 1.49 11.76
N VAL B 88 -2.85 0.51 12.66
CA VAL B 88 -3.23 -0.85 12.29
C VAL B 88 -4.69 -0.91 11.87
N LYS B 89 -5.48 -0.01 12.42
CA LYS B 89 -6.90 0.05 12.11
C LYS B 89 -7.10 0.41 10.64
N GLU B 90 -6.44 1.47 10.19
CA GLU B 90 -6.54 1.88 8.80
C GLU B 90 -5.78 0.88 7.94
N ARG B 91 -4.71 0.35 8.52
CA ARG B 91 -3.86 -0.64 7.88
C ARG B 91 -4.68 -1.86 7.44
N ASP B 92 -5.44 -2.39 8.38
CA ASP B 92 -6.27 -3.56 8.11
C ASP B 92 -7.35 -3.25 7.09
N ALA B 93 -7.85 -2.02 7.10
CA ALA B 93 -8.90 -1.63 6.16
C ALA B 93 -8.38 -1.68 4.73
N VAL B 94 -7.10 -1.37 4.57
CA VAL B 94 -6.45 -1.38 3.28
C VAL B 94 -6.15 -2.82 2.88
N LYS B 95 -5.59 -3.58 3.82
CA LYS B 95 -5.26 -4.98 3.61
C LYS B 95 -6.50 -5.74 3.15
N ASP B 96 -7.61 -5.42 3.79
CA ASP B 96 -8.89 -6.02 3.49
C ASP B 96 -9.31 -5.76 2.05
N LEU B 97 -9.31 -4.50 1.67
CA LEU B 97 -9.68 -4.12 0.32
C LEU B 97 -8.68 -4.66 -0.68
N LEU B 98 -7.40 -4.64 -0.31
CA LEU B 98 -6.35 -5.12 -1.20
C LEU B 98 -6.46 -6.61 -1.46
N GLN B 99 -6.70 -7.39 -0.40
CA GLN B 99 -6.83 -8.83 -0.54
C GLN B 99 -8.05 -9.18 -1.37
N GLN B 100 -9.01 -8.26 -1.40
CA GLN B 100 -10.23 -8.45 -2.17
C GLN B 100 -10.02 -7.99 -3.62
N LEU B 101 -9.22 -6.95 -3.79
CA LEU B 101 -8.94 -6.40 -5.12
C LEU B 101 -7.84 -7.16 -5.85
N LEU B 102 -7.04 -7.92 -5.11
CA LEU B 102 -5.95 -8.68 -5.74
C LEU B 102 -6.48 -9.73 -6.71
N PRO B 103 -7.38 -10.66 -6.30
CA PRO B 103 -7.92 -11.68 -7.19
C PRO B 103 -8.74 -11.06 -8.33
N LYS B 104 -8.96 -9.76 -8.23
CA LYS B 104 -9.71 -9.02 -9.22
C LYS B 104 -8.82 -8.71 -10.43
N PHE B 105 -7.50 -8.66 -10.21
CA PHE B 105 -6.56 -8.37 -11.28
C PHE B 105 -5.43 -9.41 -11.37
N LYS B 106 -5.02 -9.91 -10.21
CA LYS B 106 -3.95 -10.90 -10.16
C LYS B 106 -4.55 -12.30 -10.26
N ARG B 107 -4.16 -13.02 -11.32
CA ARG B 107 -4.64 -14.39 -11.56
C ARG B 107 -6.10 -14.39 -12.04
N LYS B 108 -6.91 -13.55 -11.40
CA LYS B 108 -8.33 -13.40 -11.70
C LYS B 108 -9.13 -14.58 -11.19
N ALA B 109 -10.04 -14.31 -10.26
CA ALA B 109 -10.88 -15.34 -9.71
C ALA B 109 -12.02 -15.67 -10.66
N ASN B 110 -11.78 -16.66 -11.51
CA ASN B 110 -12.76 -17.12 -12.50
C ASN B 110 -13.04 -16.03 -13.53
N ASP A 1 15.07 13.99 10.03
CA ASP A 1 15.16 13.66 8.59
C ASP A 1 13.99 12.80 8.20
N ASP A 2 13.40 13.10 7.05
CA ASP A 2 12.25 12.35 6.58
C ASP A 2 12.40 12.04 5.09
N LEU A 3 13.63 11.82 4.66
CA LEU A 3 13.91 11.52 3.26
C LEU A 3 14.82 10.29 3.14
N MET A 4 15.54 9.98 4.21
CA MET A 4 16.44 8.85 4.24
C MET A 4 15.65 7.57 4.46
N LEU A 5 15.02 7.13 3.37
CA LEU A 5 14.20 5.91 3.33
C LEU A 5 14.78 4.77 4.19
N PRO A 7 14.51 1.01 4.32
CA PRO A 7 14.16 -0.30 3.78
C PRO A 7 15.01 -1.37 4.43
N ASP A 8 15.39 -1.11 5.68
CA ASP A 8 16.26 -1.99 6.44
C ASP A 8 15.54 -2.61 7.63
N ASP A 9 15.12 -1.76 8.57
CA ASP A 9 14.45 -2.21 9.79
C ASP A 9 13.04 -2.67 9.56
N ILE A 10 12.75 -3.15 8.38
CA ILE A 10 11.40 -3.52 8.10
C ILE A 10 11.25 -4.71 7.17
N GLU A 11 10.92 -5.81 7.79
CA GLU A 11 10.60 -7.07 7.13
C GLU A 11 9.96 -8.00 8.14
N GLN A 12 9.27 -7.37 9.08
CA GLN A 12 8.51 -8.03 10.12
C GLN A 12 7.07 -7.91 9.74
N TRP A 13 6.73 -8.69 8.76
CA TRP A 13 5.43 -8.64 8.20
C TRP A 13 4.74 -9.96 8.23
N PHE A 14 3.47 -9.90 7.93
CA PHE A 14 2.64 -11.05 7.80
C PHE A 14 2.34 -11.12 6.34
N GLU A 16 0.65 -11.93 3.94
CA GLU A 16 -0.68 -12.40 3.60
C GLU A 16 -0.67 -13.34 2.40
N ASP A 17 -0.14 -12.86 1.29
CA ASP A 17 -0.08 -13.67 0.08
C ASP A 17 1.26 -13.52 -0.62
N PRO A 18 2.20 -14.43 -0.34
CA PRO A 18 3.49 -14.46 -0.98
C PRO A 18 3.55 -15.52 -2.07
N GLY A 19 2.39 -16.12 -2.31
CA GLY A 19 2.25 -17.18 -3.30
C GLY A 19 3.36 -18.22 -3.21
N PRO A 20 3.72 -18.86 -4.33
CA PRO A 20 4.79 -19.84 -4.36
C PRO A 20 6.10 -19.16 -4.74
N ASP A 21 6.00 -17.83 -4.74
CA ASP A 21 7.06 -16.89 -5.10
C ASP A 21 6.38 -15.59 -5.47
N GLU A 22 5.33 -15.74 -6.27
CA GLU A 22 4.54 -14.62 -6.74
C GLU A 22 3.27 -14.50 -5.89
N MET B 3 -5.68 7.76 -10.96
CA MET B 3 -5.35 8.01 -12.38
C MET B 3 -4.69 9.36 -12.50
N ALA B 4 -4.59 9.88 -13.73
CA ALA B 4 -3.99 11.18 -13.96
C ALA B 4 -4.78 12.26 -13.21
N THR B 5 -6.08 12.07 -13.17
CA THR B 5 -6.97 12.97 -12.47
C THR B 5 -7.59 12.25 -11.28
N SER B 6 -8.20 13.01 -10.38
CA SER B 6 -8.84 12.44 -9.20
C SER B 6 -10.29 12.09 -9.50
N SER B 7 -10.63 12.05 -10.77
CA SER B 7 -11.99 11.76 -11.19
C SER B 7 -12.14 10.30 -11.63
N GLU B 8 -12.24 9.40 -10.65
CA GLU B 8 -12.40 7.99 -10.92
C GLU B 8 -13.02 7.31 -9.71
N GLU B 9 -12.96 5.98 -9.65
CA GLU B 9 -13.54 5.25 -8.54
C GLU B 9 -12.58 5.18 -7.36
N VAL B 10 -12.84 6.00 -6.36
CA VAL B 10 -12.05 6.00 -5.15
C VAL B 10 -12.66 5.01 -4.19
N LEU B 11 -11.87 4.04 -3.78
CA LEU B 11 -12.35 2.99 -2.90
C LEU B 11 -12.02 3.30 -1.46
N LEU B 12 -10.85 3.87 -1.24
CA LEU B 12 -10.45 4.20 0.11
C LEU B 12 -9.52 5.40 0.16
N ILE B 13 -9.68 6.17 1.21
CA ILE B 13 -8.83 7.32 1.46
C ILE B 13 -8.25 7.19 2.86
N VAL B 14 -6.97 6.88 2.91
CA VAL B 14 -6.27 6.70 4.17
C VAL B 14 -5.48 7.96 4.47
N LYS B 15 -5.36 8.29 5.74
CA LYS B 15 -4.66 9.51 6.13
C LYS B 15 -3.37 9.24 6.89
N LYS B 16 -2.55 10.28 6.97
CA LYS B 16 -1.26 10.27 7.64
C LYS B 16 -0.44 9.03 7.29
N VAL B 17 -0.55 8.59 6.04
CA VAL B 17 0.21 7.44 5.58
C VAL B 17 1.54 7.89 5.03
N ARG B 18 2.62 7.44 5.66
CA ARG B 18 3.95 7.83 5.23
C ARG B 18 4.55 6.79 4.31
N GLN B 19 5.10 7.26 3.20
CA GLN B 19 5.75 6.39 2.27
C GLN B 19 7.24 6.67 2.41
N LYS B 20 7.92 5.74 3.08
CA LYS B 20 9.35 5.86 3.33
C LYS B 20 9.70 7.21 3.97
N LYS B 21 9.12 7.42 5.16
CA LYS B 21 9.34 8.62 5.98
C LYS B 21 8.66 9.89 5.45
N GLN B 22 7.82 9.76 4.43
CA GLN B 22 7.11 10.93 3.91
C GLN B 22 5.62 10.76 4.16
N ASP B 23 5.03 11.64 4.96
CA ASP B 23 3.61 11.51 5.29
C ASP B 23 2.71 12.12 4.22
N GLY B 24 1.61 11.43 3.99
CA GLY B 24 0.64 11.85 3.02
C GLY B 24 -0.67 11.13 3.20
N ALA B 25 -1.17 10.58 2.12
CA ALA B 25 -2.44 9.88 2.15
C ALA B 25 -2.42 8.73 1.17
N LEU B 26 -3.02 7.63 1.57
CA LEU B 26 -3.06 6.44 0.74
C LEU B 26 -4.43 6.35 0.08
N TYR B 27 -4.45 6.27 -1.22
CA TYR B 27 -5.71 6.19 -1.95
C TYR B 27 -5.89 4.86 -2.68
N LEU B 28 -7.05 4.25 -2.50
CA LEU B 28 -7.37 2.98 -3.15
C LEU B 28 -8.30 3.25 -4.32
N MET B 29 -8.02 2.66 -5.46
CA MET B 29 -8.85 2.84 -6.65
C MET B 29 -9.29 1.50 -7.20
N ALA B 30 -10.27 1.53 -8.10
CA ALA B 30 -10.88 0.33 -8.69
C ALA B 30 -9.87 -0.74 -9.11
N GLU B 31 -8.88 -0.37 -9.91
CA GLU B 31 -7.89 -1.36 -10.35
C GLU B 31 -6.47 -0.93 -10.02
N ARG B 32 -6.31 0.05 -9.13
CA ARG B 32 -4.96 0.49 -8.81
C ARG B 32 -4.89 1.18 -7.46
N ILE B 33 -3.70 1.26 -6.93
CA ILE B 33 -3.44 1.92 -5.66
C ILE B 33 -2.64 3.18 -5.92
N ALA B 34 -2.82 4.21 -5.12
CA ALA B 34 -2.09 5.45 -5.31
C ALA B 34 -1.75 6.11 -3.98
N TRP B 35 -0.76 6.97 -4.00
CA TRP B 35 -0.35 7.67 -2.81
C TRP B 35 0.10 9.10 -3.15
N ALA B 36 -0.17 10.02 -2.23
CA ALA B 36 0.16 11.43 -2.39
C ALA B 36 0.52 12.04 -1.04
N PRO B 37 1.62 12.82 -0.95
CA PRO B 37 2.04 13.44 0.31
C PRO B 37 1.03 14.47 0.82
N GLU B 38 1.03 14.71 2.12
CA GLU B 38 0.12 15.66 2.73
C GLU B 38 0.45 17.08 2.27
N GLY B 39 -0.48 17.68 1.55
CA GLY B 39 -0.28 19.02 1.06
C GLY B 39 -0.18 19.04 -0.46
N LYS B 40 -0.43 17.90 -1.09
CA LYS B 40 -0.38 17.81 -2.53
C LYS B 40 -1.77 17.89 -3.13
N ASP B 41 -1.80 18.09 -4.44
CA ASP B 41 -3.04 18.23 -5.21
C ASP B 41 -3.11 17.12 -6.24
N ARG B 42 -2.05 16.35 -6.32
CA ARG B 42 -1.95 15.27 -7.26
C ARG B 42 -1.21 14.09 -6.65
N PHE B 43 -1.41 12.92 -7.23
CA PHE B 43 -0.78 11.70 -6.74
C PHE B 43 0.67 11.63 -7.21
N THR B 44 1.50 10.99 -6.42
CA THR B 44 2.91 10.87 -6.75
C THR B 44 3.29 9.41 -7.04
N ILE B 45 2.52 8.50 -6.48
CA ILE B 45 2.79 7.08 -6.65
C ILE B 45 1.51 6.32 -6.99
N SER B 46 1.58 5.42 -7.97
CA SER B 46 0.43 4.63 -8.38
C SER B 46 0.91 3.26 -8.84
N HIS B 47 0.17 2.21 -8.49
CA HIS B 47 0.51 0.85 -8.87
C HIS B 47 -0.75 0.10 -9.17
N MET B 48 -0.81 -0.50 -10.33
CA MET B 48 -1.98 -1.27 -10.72
C MET B 48 -1.94 -2.59 -9.96
N TYR B 49 -3.10 -3.08 -9.56
CA TYR B 49 -3.17 -4.34 -8.83
C TYR B 49 -2.55 -5.51 -9.62
N ALA B 50 -2.35 -5.32 -10.92
CA ALA B 50 -1.77 -6.33 -11.77
C ALA B 50 -0.25 -6.23 -11.80
N ASP B 51 0.29 -5.18 -11.19
CA ASP B 51 1.74 -4.98 -11.13
C ASP B 51 2.24 -5.46 -9.78
N ILE B 52 1.29 -5.88 -8.96
CA ILE B 52 1.59 -6.36 -7.62
C ILE B 52 1.87 -7.85 -7.60
N LYS B 53 2.96 -8.20 -6.94
CA LYS B 53 3.39 -9.58 -6.80
C LYS B 53 2.81 -10.19 -5.52
N CYS B 54 3.11 -9.57 -4.38
CA CYS B 54 2.64 -10.07 -3.08
C CYS B 54 2.18 -8.93 -2.17
N GLN B 55 1.54 -9.26 -1.05
CA GLN B 55 1.09 -8.26 -0.10
C GLN B 55 1.43 -8.67 1.32
N LYS B 56 2.10 -7.79 2.05
CA LYS B 56 2.45 -8.05 3.42
C LYS B 56 1.82 -7.01 4.31
N ILE B 57 1.77 -7.29 5.60
CA ILE B 57 1.23 -6.32 6.56
C ILE B 57 2.01 -6.31 7.89
N SER B 58 2.61 -5.15 8.23
CA SER B 58 3.34 -5.01 9.49
C SER B 58 2.39 -4.72 10.64
N PRO B 59 2.54 -5.48 11.74
CA PRO B 59 1.67 -5.38 12.93
C PRO B 59 1.86 -4.10 13.73
N GLU B 60 0.99 -3.91 14.73
CA GLU B 60 1.07 -2.76 15.62
C GLU B 60 2.08 -3.10 16.71
N GLY B 61 2.66 -2.09 17.32
CA GLY B 61 3.66 -2.33 18.34
C GLY B 61 4.95 -1.64 17.98
N LYS B 62 5.36 -1.82 16.73
CA LYS B 62 6.56 -1.17 16.21
C LYS B 62 6.28 0.30 16.07
N ALA B 63 7.32 1.11 15.97
CA ALA B 63 7.15 2.54 15.78
C ALA B 63 6.80 2.82 14.32
N LYS B 64 6.38 1.77 13.63
CA LYS B 64 6.03 1.84 12.22
C LYS B 64 4.99 0.78 11.86
N ILE B 65 3.73 1.18 11.84
CA ILE B 65 2.66 0.27 11.44
C ILE B 65 2.61 0.31 9.93
N GLN B 66 2.60 -0.82 9.24
CA GLN B 66 2.66 -0.74 7.78
C GLN B 66 1.86 -1.78 7.01
N LEU B 67 1.70 -1.44 5.75
CA LEU B 67 1.03 -2.24 4.74
C LEU B 67 1.93 -2.17 3.51
N GLN B 68 2.36 -3.29 2.94
CA GLN B 68 3.26 -3.21 1.80
C GLN B 68 2.86 -4.13 0.66
N LEU B 69 3.20 -3.69 -0.53
CA LEU B 69 2.93 -4.44 -1.73
C LEU B 69 4.23 -4.76 -2.44
N VAL B 70 4.52 -6.04 -2.55
CA VAL B 70 5.70 -6.50 -3.26
C VAL B 70 5.34 -6.54 -4.72
N LEU B 71 6.11 -5.91 -5.58
CA LEU B 71 5.78 -5.92 -7.00
C LEU B 71 6.61 -6.91 -7.76
N HIS B 72 6.15 -7.28 -8.96
CA HIS B 72 6.88 -8.24 -9.81
C HIS B 72 8.28 -7.73 -10.12
N ALA B 73 8.43 -6.40 -10.09
CA ALA B 73 9.70 -5.76 -10.39
C ALA B 73 10.75 -6.09 -9.31
N GLY B 74 10.29 -6.53 -8.16
CA GLY B 74 11.21 -6.87 -7.08
C GLY B 74 11.24 -5.82 -5.99
N ASP B 75 10.57 -4.71 -6.24
CA ASP B 75 10.52 -3.62 -5.27
C ASP B 75 9.30 -3.80 -4.37
N THR B 76 9.28 -3.09 -3.26
CA THR B 76 8.20 -3.20 -2.30
C THR B 76 7.76 -1.81 -1.80
N THR B 77 6.45 -1.58 -1.79
CA THR B 77 5.93 -0.32 -1.30
C THR B 77 5.40 -0.50 0.12
N ASN B 78 6.19 -0.12 1.12
CA ASN B 78 5.78 -0.26 2.51
C ASN B 78 5.19 1.04 3.01
N PHE B 79 3.88 1.03 3.24
CA PHE B 79 3.14 2.19 3.71
C PHE B 79 3.17 2.29 5.24
N HIS B 80 3.84 3.31 5.75
CA HIS B 80 3.98 3.53 7.19
C HIS B 80 2.83 4.41 7.70
N PHE B 81 1.88 3.81 8.39
CA PHE B 81 0.75 4.54 8.95
C PHE B 81 1.17 5.26 10.22
N SER B 82 1.44 6.55 10.12
CA SER B 82 1.87 7.33 11.27
C SER B 82 0.68 7.92 12.01
N ASN B 83 -0.32 7.10 12.25
CA ASN B 83 -1.50 7.53 12.96
C ASN B 83 -1.67 6.67 14.20
N GLU B 84 -1.11 7.12 15.30
CA GLU B 84 -1.13 6.40 16.58
C GLU B 84 -2.53 5.86 16.96
N SER B 85 -3.56 6.61 16.66
CA SER B 85 -4.92 6.22 17.01
C SER B 85 -5.50 5.15 16.09
N THR B 86 -5.31 5.29 14.78
CA THR B 86 -5.90 4.35 13.84
C THR B 86 -4.89 3.82 12.80
N ALA B 87 -3.67 3.55 13.24
CA ALA B 87 -2.65 3.05 12.33
C ALA B 87 -3.03 1.68 11.76
N VAL B 88 -3.02 0.67 12.61
CA VAL B 88 -3.38 -0.68 12.18
C VAL B 88 -4.84 -0.72 11.72
N LYS B 89 -5.67 0.07 12.37
CA LYS B 89 -7.09 0.14 12.05
C LYS B 89 -7.29 0.59 10.59
N GLU B 90 -6.65 1.70 10.21
CA GLU B 90 -6.77 2.19 8.85
C GLU B 90 -6.08 1.20 7.91
N ARG B 91 -4.94 0.68 8.38
CA ARG B 91 -4.15 -0.29 7.63
C ARG B 91 -4.96 -1.51 7.24
N ASP B 92 -5.72 -2.04 8.19
CA ASP B 92 -6.54 -3.21 7.94
C ASP B 92 -7.64 -2.92 6.95
N ALA B 93 -8.15 -1.69 6.95
CA ALA B 93 -9.22 -1.32 6.02
C ALA B 93 -8.69 -1.37 4.60
N VAL B 94 -7.42 -1.01 4.46
CA VAL B 94 -6.73 -1.03 3.18
C VAL B 94 -6.44 -2.45 2.80
N LYS B 95 -5.92 -3.20 3.78
CA LYS B 95 -5.60 -4.60 3.62
C LYS B 95 -6.81 -5.36 3.08
N ASP B 96 -7.94 -5.11 3.71
CA ASP B 96 -9.20 -5.72 3.36
C ASP B 96 -9.55 -5.50 1.89
N LEU B 97 -9.58 -4.24 1.48
CA LEU B 97 -9.90 -3.91 0.09
C LEU B 97 -8.85 -4.47 -0.85
N LEU B 98 -7.59 -4.34 -0.49
CA LEU B 98 -6.49 -4.81 -1.33
C LEU B 98 -6.49 -6.33 -1.49
N GLN B 99 -6.61 -7.05 -0.37
CA GLN B 99 -6.62 -8.51 -0.41
C GLN B 99 -7.80 -9.03 -1.20
N GLN B 100 -8.84 -8.21 -1.30
CA GLN B 100 -10.04 -8.59 -2.05
C GLN B 100 -9.89 -8.25 -3.53
N LEU B 101 -9.12 -7.21 -3.83
CA LEU B 101 -8.92 -6.75 -5.20
C LEU B 101 -7.76 -7.47 -5.90
N LEU B 102 -6.65 -7.62 -5.20
CA LEU B 102 -5.44 -8.24 -5.75
C LEU B 102 -5.68 -9.53 -6.54
N PRO B 103 -6.34 -10.57 -5.95
CA PRO B 103 -6.57 -11.85 -6.64
C PRO B 103 -7.28 -11.71 -7.99
N LYS B 104 -7.95 -10.58 -8.20
CA LYS B 104 -8.68 -10.35 -9.44
C LYS B 104 -7.79 -9.74 -10.52
N PHE B 105 -6.69 -9.12 -10.11
CA PHE B 105 -5.79 -8.46 -11.06
C PHE B 105 -4.38 -9.05 -11.06
N LYS B 106 -4.00 -9.70 -9.96
CA LYS B 106 -2.69 -10.33 -9.84
C LYS B 106 -2.44 -11.26 -11.03
N ARG B 107 -1.58 -10.80 -11.94
CA ARG B 107 -1.26 -11.54 -13.17
C ARG B 107 -2.53 -11.68 -14.02
N LYS B 108 -3.11 -10.53 -14.34
CA LYS B 108 -4.34 -10.49 -15.13
C LYS B 108 -4.11 -10.89 -16.58
N ALA B 109 -4.03 -12.19 -16.82
CA ALA B 109 -3.85 -12.71 -18.16
C ALA B 109 -5.13 -13.37 -18.62
N ASN B 110 -6.15 -13.16 -17.81
CA ASN B 110 -7.49 -13.70 -18.03
C ASN B 110 -8.42 -13.07 -17.01
N ASP A 1 16.84 15.27 -6.18
CA ASP A 1 17.54 15.20 -4.87
C ASP A 1 18.19 13.85 -4.70
N ASP A 2 18.60 13.54 -3.47
CA ASP A 2 19.25 12.26 -3.18
C ASP A 2 18.20 11.22 -2.83
N LEU A 3 18.60 10.19 -2.09
CA LEU A 3 17.69 9.14 -1.69
C LEU A 3 16.79 9.59 -0.54
N MET A 4 15.78 8.80 -0.24
CA MET A 4 14.84 9.11 0.81
C MET A 4 14.16 7.83 1.28
N LEU A 5 14.63 7.29 2.39
CA LEU A 5 14.08 6.07 2.94
C LEU A 5 14.13 6.08 4.46
N PRO A 7 11.50 3.38 6.42
CA PRO A 7 10.80 2.18 6.86
C PRO A 7 11.36 0.95 6.19
N ASP A 8 12.65 1.02 5.88
CA ASP A 8 13.36 -0.07 5.23
C ASP A 8 13.88 -1.04 6.27
N ASP A 9 13.76 -0.64 7.53
CA ASP A 9 14.16 -1.45 8.68
C ASP A 9 12.97 -2.26 9.10
N ILE A 10 12.20 -2.65 8.13
CA ILE A 10 10.98 -3.31 8.41
C ILE A 10 10.68 -4.45 7.45
N GLU A 11 10.96 -5.64 7.93
CA GLU A 11 10.67 -6.88 7.22
C GLU A 11 10.04 -7.88 8.18
N GLN A 12 9.43 -7.32 9.22
CA GLN A 12 8.68 -8.07 10.21
C GLN A 12 7.23 -7.93 9.84
N TRP A 13 6.84 -8.79 8.94
CA TRP A 13 5.52 -8.74 8.42
C TRP A 13 4.83 -10.07 8.47
N PHE A 14 3.57 -10.01 8.15
CA PHE A 14 2.73 -11.16 8.03
C PHE A 14 2.39 -11.21 6.59
N GLU A 16 0.70 -11.93 4.10
CA GLU A 16 -0.62 -12.41 3.75
C GLU A 16 -0.68 -13.17 2.42
N ASP A 17 0.01 -12.65 1.42
CA ASP A 17 -0.05 -13.26 0.09
C ASP A 17 0.79 -14.53 -0.09
N PRO A 18 2.10 -14.50 0.11
CA PRO A 18 2.93 -15.69 -0.08
C PRO A 18 2.96 -16.61 1.14
N GLY A 19 1.80 -16.80 1.74
CA GLY A 19 1.70 -17.66 2.91
C GLY A 19 1.91 -19.12 2.56
N PRO A 20 2.91 -19.77 3.14
CA PRO A 20 3.20 -21.18 2.86
C PRO A 20 2.22 -22.12 3.55
N ASP A 21 1.33 -22.72 2.76
CA ASP A 21 0.35 -23.66 3.27
C ASP A 21 0.92 -25.07 3.20
N GLU A 22 1.85 -25.26 2.28
CA GLU A 22 2.50 -26.54 2.08
C GLU A 22 3.97 -26.29 1.78
N MET B 3 -22.20 13.09 -17.65
CA MET B 3 -21.81 11.72 -17.24
C MET B 3 -21.76 11.63 -15.72
N ALA B 4 -22.08 10.46 -15.19
CA ALA B 4 -22.06 10.26 -13.74
C ALA B 4 -20.73 9.64 -13.32
N THR B 5 -20.43 8.48 -13.87
CA THR B 5 -19.19 7.79 -13.56
C THR B 5 -17.99 8.55 -14.10
N SER B 6 -16.98 8.72 -13.26
CA SER B 6 -15.77 9.41 -13.66
C SER B 6 -14.81 8.43 -14.34
N SER B 7 -13.59 8.88 -14.64
CA SER B 7 -12.61 8.03 -15.29
C SER B 7 -11.92 7.10 -14.30
N GLU B 8 -12.35 7.21 -13.06
CA GLU B 8 -11.82 6.42 -11.96
C GLU B 8 -12.72 6.58 -10.75
N GLU B 9 -12.46 5.81 -9.71
CA GLU B 9 -13.23 5.85 -8.49
C GLU B 9 -12.30 5.73 -7.29
N VAL B 10 -12.69 6.32 -6.18
CA VAL B 10 -11.89 6.27 -4.97
C VAL B 10 -12.56 5.33 -3.97
N LEU B 11 -11.83 4.32 -3.55
CA LEU B 11 -12.36 3.33 -2.62
C LEU B 11 -11.96 3.67 -1.21
N LEU B 12 -10.72 4.10 -1.04
CA LEU B 12 -10.24 4.42 0.29
C LEU B 12 -9.28 5.60 0.28
N ILE B 13 -9.37 6.38 1.33
CA ILE B 13 -8.47 7.51 1.54
C ILE B 13 -7.91 7.42 2.95
N VAL B 14 -6.65 7.06 3.05
CA VAL B 14 -5.98 6.93 4.32
C VAL B 14 -5.08 8.12 4.55
N LYS B 15 -5.01 8.60 5.77
CA LYS B 15 -4.20 9.77 6.08
C LYS B 15 -2.98 9.40 6.91
N LYS B 16 -2.04 10.35 6.99
CA LYS B 16 -0.81 10.19 7.73
C LYS B 16 -0.04 8.95 7.31
N VAL B 17 -0.21 8.58 6.05
CA VAL B 17 0.50 7.42 5.50
C VAL B 17 1.83 7.89 4.94
N ARG B 18 2.91 7.51 5.59
CA ARG B 18 4.23 7.92 5.19
C ARG B 18 4.92 6.83 4.38
N GLN B 19 5.45 7.22 3.24
CA GLN B 19 6.17 6.28 2.39
C GLN B 19 7.60 6.75 2.21
N LYS B 20 8.51 6.06 2.89
CA LYS B 20 9.94 6.36 2.82
C LYS B 20 10.24 7.82 3.17
N LYS B 21 9.98 8.17 4.43
CA LYS B 21 10.24 9.51 4.96
C LYS B 21 9.33 10.58 4.34
N GLN B 22 8.18 10.19 3.80
CA GLN B 22 7.27 11.16 3.21
C GLN B 22 5.87 10.91 3.71
N ASP B 23 5.32 11.88 4.42
CA ASP B 23 3.98 11.77 4.96
C ASP B 23 2.94 12.24 3.97
N GLY B 24 1.91 11.42 3.80
CA GLY B 24 0.85 11.73 2.89
C GLY B 24 -0.41 10.96 3.15
N ALA B 25 -1.10 10.65 2.07
CA ALA B 25 -2.34 9.95 2.13
C ALA B 25 -2.32 8.78 1.16
N LEU B 26 -2.92 7.68 1.57
CA LEU B 26 -2.94 6.49 0.73
C LEU B 26 -4.30 6.39 0.07
N TYR B 27 -4.31 6.45 -1.25
CA TYR B 27 -5.55 6.40 -2.02
C TYR B 27 -5.74 5.03 -2.68
N LEU B 28 -6.92 4.45 -2.48
CA LEU B 28 -7.24 3.16 -3.08
C LEU B 28 -8.25 3.32 -4.21
N MET B 29 -7.96 2.70 -5.35
CA MET B 29 -8.87 2.73 -6.49
C MET B 29 -9.18 1.30 -6.91
N ALA B 30 -10.29 1.12 -7.59
CA ALA B 30 -10.74 -0.19 -8.04
C ALA B 30 -9.68 -1.00 -8.78
N GLU B 31 -9.00 -0.38 -9.72
CA GLU B 31 -8.00 -1.09 -10.50
C GLU B 31 -6.56 -0.80 -10.07
N ARG B 32 -6.37 0.15 -9.16
CA ARG B 32 -5.01 0.48 -8.75
C ARG B 32 -4.93 1.16 -7.40
N ILE B 33 -3.71 1.21 -6.88
CA ILE B 33 -3.42 1.85 -5.61
C ILE B 33 -2.47 3.01 -5.87
N ALA B 34 -2.71 4.14 -5.22
CA ALA B 34 -1.86 5.30 -5.43
C ALA B 34 -1.59 6.02 -4.12
N TRP B 35 -0.56 6.84 -4.11
CA TRP B 35 -0.19 7.59 -2.93
C TRP B 35 0.16 9.02 -3.28
N ALA B 36 -0.21 9.95 -2.40
CA ALA B 36 0.02 11.37 -2.58
C ALA B 36 0.28 12.02 -1.22
N PRO B 37 1.30 12.90 -1.11
CA PRO B 37 1.62 13.56 0.16
C PRO B 37 0.40 14.25 0.79
N GLU B 38 0.48 14.47 2.10
CA GLU B 38 -0.63 15.06 2.84
C GLU B 38 -0.95 16.46 2.36
N GLY B 39 -2.20 16.68 2.03
CA GLY B 39 -2.65 17.97 1.56
C GLY B 39 -2.42 18.16 0.07
N LYS B 40 -2.08 17.09 -0.64
CA LYS B 40 -1.87 17.18 -2.07
C LYS B 40 -2.82 16.31 -2.86
N ASP B 41 -2.96 16.66 -4.12
CA ASP B 41 -3.85 16.00 -5.06
C ASP B 41 -3.06 15.32 -6.16
N ARG B 42 -1.74 15.39 -6.06
CA ARG B 42 -0.88 14.80 -7.07
C ARG B 42 -0.25 13.53 -6.56
N PHE B 43 -0.67 12.42 -7.14
CA PHE B 43 -0.18 11.11 -6.77
C PHE B 43 1.23 10.92 -7.29
N THR B 44 2.13 10.50 -6.40
CA THR B 44 3.51 10.26 -6.76
C THR B 44 3.75 8.80 -7.05
N ILE B 45 2.94 7.96 -6.41
CA ILE B 45 3.05 6.53 -6.56
C ILE B 45 1.74 5.95 -7.09
N SER B 46 1.84 5.04 -8.06
CA SER B 46 0.69 4.40 -8.66
C SER B 46 1.04 2.97 -9.06
N HIS B 47 0.28 2.00 -8.59
CA HIS B 47 0.56 0.60 -8.91
C HIS B 47 -0.74 -0.14 -9.16
N MET B 48 -0.84 -0.80 -10.28
CA MET B 48 -2.03 -1.55 -10.60
C MET B 48 -1.97 -2.87 -9.86
N TYR B 49 -3.11 -3.33 -9.37
CA TYR B 49 -3.17 -4.59 -8.63
C TYR B 49 -2.66 -5.79 -9.44
N ALA B 50 -2.48 -5.62 -10.74
CA ALA B 50 -1.98 -6.69 -11.58
C ALA B 50 -0.46 -6.75 -11.51
N ASP B 51 0.15 -5.64 -11.11
CA ASP B 51 1.60 -5.56 -11.00
C ASP B 51 2.02 -5.83 -9.57
N ILE B 52 1.03 -5.96 -8.70
CA ILE B 52 1.26 -6.27 -7.31
C ILE B 52 1.20 -7.78 -7.13
N LYS B 53 2.34 -8.36 -6.83
CA LYS B 53 2.46 -9.80 -6.69
C LYS B 53 2.03 -10.30 -5.32
N CYS B 54 2.47 -9.63 -4.27
CA CYS B 54 2.14 -10.05 -2.90
C CYS B 54 1.93 -8.86 -1.97
N GLN B 55 1.35 -9.11 -0.79
CA GLN B 55 1.13 -8.05 0.17
C GLN B 55 1.47 -8.55 1.56
N LYS B 56 2.13 -7.70 2.31
CA LYS B 56 2.47 -8.02 3.68
C LYS B 56 1.87 -6.98 4.59
N ILE B 57 1.86 -7.27 5.88
CA ILE B 57 1.34 -6.29 6.85
C ILE B 57 2.18 -6.26 8.13
N SER B 58 2.76 -5.09 8.43
CA SER B 58 3.56 -4.92 9.65
C SER B 58 2.64 -4.63 10.83
N PRO B 59 2.78 -5.45 11.88
CA PRO B 59 1.95 -5.38 13.10
C PRO B 59 2.15 -4.11 13.94
N GLU B 60 1.29 -3.94 14.94
CA GLU B 60 1.38 -2.82 15.85
C GLU B 60 2.34 -3.20 16.97
N GLY B 61 3.46 -2.52 17.07
CA GLY B 61 4.43 -2.83 18.08
C GLY B 61 5.75 -2.15 17.85
N LYS B 62 6.14 -2.06 16.58
CA LYS B 62 7.39 -1.37 16.21
C LYS B 62 7.19 0.13 16.34
N ALA B 63 8.20 0.89 16.00
CA ALA B 63 8.13 2.35 16.08
C ALA B 63 7.13 2.89 15.06
N LYS B 64 6.66 2.01 14.17
CA LYS B 64 5.71 2.38 13.14
C LYS B 64 5.02 1.15 12.57
N ILE B 65 3.78 1.33 12.10
CA ILE B 65 2.97 0.26 11.53
C ILE B 65 3.02 0.37 10.01
N GLN B 66 3.02 -0.76 9.29
CA GLN B 66 3.14 -0.67 7.82
C GLN B 66 2.29 -1.68 7.05
N LEU B 67 2.14 -1.36 5.76
CA LEU B 67 1.45 -2.19 4.78
C LEU B 67 2.31 -2.17 3.51
N GLN B 68 2.81 -3.30 3.05
CA GLN B 68 3.67 -3.27 1.88
C GLN B 68 3.22 -4.21 0.79
N LEU B 69 3.52 -3.83 -0.43
CA LEU B 69 3.17 -4.61 -1.60
C LEU B 69 4.43 -5.04 -2.33
N VAL B 70 4.55 -6.35 -2.50
CA VAL B 70 5.68 -6.92 -3.23
C VAL B 70 5.26 -7.04 -4.68
N LEU B 71 5.74 -6.15 -5.51
CA LEU B 71 5.36 -6.14 -6.91
C LEU B 71 5.98 -7.30 -7.68
N HIS B 72 5.48 -7.49 -8.89
CA HIS B 72 5.94 -8.57 -9.75
C HIS B 72 7.42 -8.45 -10.10
N ALA B 73 7.86 -7.24 -10.41
CA ALA B 73 9.25 -7.00 -10.79
C ALA B 73 10.19 -7.24 -9.61
N GLY B 74 9.70 -6.98 -8.41
CA GLY B 74 10.51 -7.18 -7.23
C GLY B 74 10.49 -5.97 -6.32
N ASP B 75 9.92 -4.90 -6.84
CA ASP B 75 9.80 -3.64 -6.11
C ASP B 75 8.86 -3.81 -4.92
N THR B 76 9.13 -3.09 -3.85
CA THR B 76 8.30 -3.18 -2.66
C THR B 76 7.92 -1.78 -2.16
N THR B 77 6.67 -1.63 -1.76
CA THR B 77 6.19 -0.36 -1.24
C THR B 77 5.64 -0.52 0.18
N ASN B 78 6.43 -0.18 1.20
CA ASN B 78 5.99 -0.30 2.57
C ASN B 78 5.37 1.01 3.04
N PHE B 79 4.07 0.99 3.25
CA PHE B 79 3.32 2.16 3.67
C PHE B 79 3.28 2.27 5.20
N HIS B 80 3.88 3.33 5.71
CA HIS B 80 3.95 3.57 7.16
C HIS B 80 2.75 4.37 7.64
N PHE B 81 1.90 3.73 8.41
CA PHE B 81 0.71 4.38 8.98
C PHE B 81 1.13 5.06 10.28
N SER B 82 1.36 6.36 10.22
CA SER B 82 1.80 7.09 11.40
C SER B 82 0.62 7.63 12.23
N ASN B 83 -0.50 6.93 12.19
CA ASN B 83 -1.65 7.37 12.95
C ASN B 83 -1.81 6.42 14.12
N GLU B 84 -1.22 6.78 15.24
CA GLU B 84 -1.22 5.97 16.47
C GLU B 84 -2.55 5.26 16.74
N SER B 85 -3.61 6.03 16.89
CA SER B 85 -4.92 5.49 17.21
C SER B 85 -5.57 4.70 16.06
N THR B 86 -5.15 4.89 14.81
CA THR B 86 -5.80 4.21 13.70
C THR B 86 -4.83 3.51 12.72
N ALA B 87 -3.58 3.32 13.12
CA ALA B 87 -2.58 2.73 12.24
C ALA B 87 -2.97 1.33 11.76
N VAL B 88 -2.96 0.38 12.67
CA VAL B 88 -3.34 -1.00 12.33
C VAL B 88 -4.78 -1.08 11.86
N LYS B 89 -5.61 -0.19 12.40
CA LYS B 89 -7.02 -0.17 12.05
C LYS B 89 -7.19 0.21 10.57
N GLU B 90 -6.54 1.29 10.16
CA GLU B 90 -6.60 1.73 8.78
C GLU B 90 -5.81 0.76 7.91
N ARG B 91 -4.76 0.19 8.51
CA ARG B 91 -3.90 -0.78 7.84
C ARG B 91 -4.74 -1.96 7.35
N ASP B 92 -5.64 -2.43 8.20
CA ASP B 92 -6.50 -3.56 7.85
C ASP B 92 -7.50 -3.18 6.77
N ALA B 93 -8.02 -1.96 6.85
CA ALA B 93 -9.02 -1.49 5.88
C ALA B 93 -8.43 -1.48 4.46
N VAL B 94 -7.15 -1.16 4.39
CA VAL B 94 -6.44 -1.10 3.12
C VAL B 94 -6.12 -2.51 2.67
N LYS B 95 -5.58 -3.26 3.62
CA LYS B 95 -5.22 -4.66 3.41
C LYS B 95 -6.38 -5.40 2.76
N ASP B 96 -7.53 -5.26 3.39
CA ASP B 96 -8.77 -5.88 2.96
C ASP B 96 -9.10 -5.54 1.52
N LEU B 97 -9.23 -4.25 1.23
CA LEU B 97 -9.58 -3.82 -0.12
C LEU B 97 -8.58 -4.32 -1.15
N LEU B 98 -7.31 -4.36 -0.77
CA LEU B 98 -6.26 -4.81 -1.67
C LEU B 98 -6.35 -6.30 -1.98
N GLN B 99 -6.40 -7.11 -0.93
CA GLN B 99 -6.46 -8.57 -1.10
C GLN B 99 -7.76 -9.01 -1.73
N GLN B 100 -8.79 -8.19 -1.61
CA GLN B 100 -10.08 -8.50 -2.20
C GLN B 100 -10.04 -8.28 -3.71
N LEU B 101 -9.31 -7.25 -4.13
CA LEU B 101 -9.19 -6.91 -5.54
C LEU B 101 -8.07 -7.68 -6.24
N LEU B 102 -7.04 -8.04 -5.49
CA LEU B 102 -5.88 -8.76 -6.03
C LEU B 102 -6.23 -9.93 -6.96
N PRO B 103 -7.09 -10.88 -6.55
CA PRO B 103 -7.45 -12.04 -7.40
C PRO B 103 -7.98 -11.65 -8.77
N LYS B 104 -8.56 -10.47 -8.87
CA LYS B 104 -9.11 -10.00 -10.13
C LYS B 104 -8.02 -9.53 -11.08
N PHE B 105 -6.94 -8.98 -10.54
CA PHE B 105 -5.87 -8.44 -11.37
C PHE B 105 -4.66 -9.35 -11.43
N LYS B 106 -4.44 -10.12 -10.37
CA LYS B 106 -3.32 -11.03 -10.29
C LYS B 106 -3.16 -11.78 -11.61
N ARG B 107 -2.03 -11.51 -12.25
CA ARG B 107 -1.65 -12.09 -13.56
C ARG B 107 -2.20 -13.49 -13.80
N LYS B 108 -3.12 -13.57 -14.75
CA LYS B 108 -3.73 -14.84 -15.15
C LYS B 108 -3.65 -14.95 -16.66
N ALA B 109 -4.05 -13.87 -17.31
CA ALA B 109 -4.04 -13.76 -18.76
C ALA B 109 -4.08 -12.28 -19.11
N ASN B 110 -3.39 -11.51 -18.29
CA ASN B 110 -3.33 -10.06 -18.42
C ASN B 110 -2.01 -9.55 -17.88
#